data_3WNN
#
_entry.id   3WNN
#
_cell.length_a   61.031
_cell.length_b   171.256
_cell.length_c   173.251
_cell.angle_alpha   90.00
_cell.angle_beta   90.00
_cell.angle_gamma   90.00
#
_symmetry.space_group_name_H-M   'P 21 21 21'
#
loop_
_entity.id
_entity.type
_entity.pdbx_description
1 polymer 'Cycloisomaltooligosaccharide glucanotransferase'
2 branched alpha-D-glucopyranose-(1-6)-alpha-D-glucopyranose-(1-6)-alpha-D-glucopyranose-(1-6)-alpha-D-glucopyranose-(1-6)-alpha-D-glucopyranose-(1-6)-alpha-D-glucopyranose-(1-6)-alpha-D-glucopyranose-(1-6)-beta-D-glucopyranose
3 branched alpha-D-glucopyranose-(1-6)-alpha-D-glucopyranose-(1-6)-alpha-D-glucopyranose-(1-6)-alpha-D-glucopyranose
4 branched alpha-D-glucopyranose-(1-6)-alpha-D-glucopyranose-(1-6)-alpha-D-glucopyranose-(1-6)-alpha-D-glucopyranose-(1-6)-alpha-D-glucopyranose
5 non-polymer 'CALCIUM ION'
6 non-polymer 'SODIUM ION'
7 non-polymer 'SULFATE ION'
8 non-polymer '2-(N-MORPHOLINO)-ETHANESULFONIC ACID'
9 water water
#
_entity_poly.entity_id   1
_entity_poly.type   'polypeptide(L)'
_entity_poly.pdbx_seq_one_letter_code
;MGSGSGGIERVFTDKARYNPGDAVSIRVQAKNGTGSSWSGAARLEIFHLENSVYTSSQSLSLTNGQSTTLTFTWTAPSTD
FRGYFVRIDAGTLGQGATAIDVSSDFTKYPRYGYISEFESGETALESKAKVDQLAQDYHINAWQFYDWMWRHDKMIKRTG
GSIDSTWLDLFNREISWSTLQNQIDAVHDVNGKAMAYAMIYASRENYSPLGISPTWGIYEDSSHTNQFDVDFGDGSTYLY
MFDPQNPNWQNYIHAEYIDSINTAGFDGIHVAQMGQRSNVYDYNGNSIDLSTRFSPFLDQAKSVLSANNPARDNLTYNIV
DGTVNGWAVNDVSKNADLDFLYSEIWYLSDSYNQLKNYIEQLRANGGNKAVVLAAYMNYADNAGTRYEAESASMTNVSTN
TNHAGYTGSGFVDQFASTGDKVSFAINAPEAGDYSLVFRYGNNTGANSTLNLYVDGNFVQKLYFFNQSSWGTWKHDAWYQ
VPLTQGAHTVELRYESGNVGAVNLDSLTLGTFDEHSVRLADAMMSASGATHIELGDDNQMLPHEYYPNRSKTMRSSLKNA
MKDHYNFITAYENLLFDSDVVPNDTGSQFVNLTGVSASGDGSANTVWYINKRTSDYNIVHLINLLGNDNQWRNTASQPSF
QTNLPAKIYIGADETISDVYLASPDLSGGETQELAFTSGTDAGGKYVSFTVPELKYWNMIYMLEHHHHHH
;
_entity_poly.pdbx_strand_id   A,B
#
# COMPACT_ATOMS: atom_id res chain seq x y z
N GLY A 6 -56.54 0.46 2.28
CA GLY A 6 -57.34 1.38 3.14
C GLY A 6 -56.73 2.75 3.44
N GLY A 7 -57.27 3.39 4.48
CA GLY A 7 -57.01 4.80 4.81
C GLY A 7 -56.57 5.04 6.25
N ILE A 8 -56.06 3.99 6.90
CA ILE A 8 -55.22 4.17 8.10
C ILE A 8 -53.84 4.50 7.57
N GLU A 9 -53.53 5.78 7.46
CA GLU A 9 -52.36 6.17 6.71
C GLU A 9 -51.07 5.92 7.46
N ARG A 10 -51.08 6.17 8.75
CA ARG A 10 -49.87 5.96 9.53
C ARG A 10 -50.24 5.53 10.95
N VAL A 11 -49.39 4.73 11.58
CA VAL A 11 -49.50 4.43 13.01
C VAL A 11 -48.08 4.47 13.52
N PHE A 12 -47.81 5.25 14.56
CA PHE A 12 -46.45 5.39 15.07
C PHE A 12 -46.53 5.90 16.48
N THR A 13 -45.39 5.88 17.17
CA THR A 13 -45.26 6.45 18.50
C THR A 13 -44.29 7.67 18.56
N ASP A 14 -44.39 8.42 19.64
CA ASP A 14 -43.70 9.71 19.78
C ASP A 14 -42.18 9.50 19.91
N LYS A 15 -41.82 8.33 20.45
CA LYS A 15 -40.49 8.01 20.93
C LYS A 15 -40.03 6.70 20.26
N ALA A 16 -38.72 6.50 20.16
CA ALA A 16 -38.19 5.32 19.48
C ALA A 16 -37.96 4.19 20.46
N ARG A 17 -37.85 4.53 21.73
CA ARG A 17 -37.67 3.53 22.77
C ARG A 17 -38.25 4.17 24.01
N TYR A 18 -38.82 3.33 24.89
CA TYR A 18 -39.37 3.77 26.19
C TYR A 18 -38.78 3.03 27.39
N ASN A 19 -38.59 3.72 28.51
CA ASN A 19 -38.28 3.03 29.76
C ASN A 19 -39.56 2.44 30.44
N PRO A 20 -39.40 1.39 31.27
CA PRO A 20 -40.58 0.89 32.02
C PRO A 20 -41.34 2.03 32.72
N GLY A 21 -42.65 2.04 32.54
CA GLY A 21 -43.47 3.05 33.17
C GLY A 21 -43.68 4.34 32.40
N ASP A 22 -42.86 4.64 31.38
CA ASP A 22 -43.10 5.83 30.59
C ASP A 22 -44.49 5.78 29.94
N ALA A 23 -44.97 6.96 29.62
CA ALA A 23 -46.23 7.15 28.94
C ALA A 23 -45.94 7.04 27.48
N VAL A 24 -46.73 6.24 26.77
CA VAL A 24 -46.53 6.03 25.36
C VAL A 24 -47.76 6.60 24.68
N SER A 25 -47.52 7.34 23.62
CA SER A 25 -48.57 7.97 22.87
C SER A 25 -48.58 7.34 21.51
N ILE A 26 -49.59 6.53 21.25
CA ILE A 26 -49.76 5.89 19.99
C ILE A 26 -50.65 6.81 19.13
N ARG A 27 -50.24 7.02 17.89
CA ARG A 27 -50.94 7.93 16.99
C ARG A 27 -51.40 7.16 15.81
N VAL A 28 -52.62 7.45 15.41
CA VAL A 28 -53.23 6.87 14.25
C VAL A 28 -53.72 7.99 13.32
N GLN A 29 -53.13 8.05 12.15
CA GLN A 29 -53.48 9.01 11.14
C GLN A 29 -54.46 8.39 10.16
N ALA A 30 -55.64 8.99 10.02
CA ALA A 30 -56.67 8.40 9.15
C ALA A 30 -57.28 9.41 8.18
N LYS A 31 -57.65 8.90 7.01
CA LYS A 31 -58.32 9.67 5.94
C LYS A 31 -59.41 8.79 5.31
N ASN A 32 -60.67 9.19 5.46
CA ASN A 32 -61.79 8.51 4.76
C ASN A 32 -61.68 8.72 3.25
N GLY A 33 -61.36 7.66 2.51
CA GLY A 33 -61.29 7.76 1.06
C GLY A 33 -62.40 6.99 0.37
N THR A 34 -63.32 6.39 1.14
CA THR A 34 -64.23 5.37 0.61
C THR A 34 -65.45 5.86 -0.21
N GLY A 35 -65.59 7.18 -0.40
CA GLY A 35 -66.65 7.71 -1.28
C GLY A 35 -67.70 8.52 -0.56
N SER A 36 -68.13 8.07 0.61
CA SER A 36 -69.12 8.78 1.41
C SER A 36 -68.61 8.87 2.85
N SER A 37 -69.44 9.40 3.74
CA SER A 37 -69.10 9.40 5.17
C SER A 37 -69.11 7.99 5.80
N TRP A 38 -68.57 7.92 7.01
CA TRP A 38 -68.16 6.66 7.62
C TRP A 38 -68.30 6.74 9.15
N SER A 39 -68.89 5.71 9.75
CA SER A 39 -69.01 5.65 11.21
C SER A 39 -68.67 4.26 11.78
N GLY A 40 -67.62 4.23 12.60
CA GLY A 40 -67.19 2.99 13.24
C GLY A 40 -66.29 3.26 14.43
N ALA A 41 -65.42 2.31 14.74
CA ALA A 41 -64.45 2.50 15.80
C ALA A 41 -63.07 2.11 15.31
N ALA A 42 -62.06 2.62 16.01
CA ALA A 42 -60.71 2.15 15.89
C ALA A 42 -60.41 1.35 17.16
N ARG A 43 -60.14 0.06 16.94
CA ARG A 43 -59.82 -0.89 18.00
C ARG A 43 -58.28 -1.18 18.06
N LEU A 44 -57.67 -0.78 19.17
CA LEU A 44 -56.24 -0.93 19.42
C LEU A 44 -56.01 -2.15 20.24
N GLU A 45 -55.07 -2.99 19.80
CA GLU A 45 -54.63 -4.12 20.59
C GLU A 45 -53.11 -4.28 20.53
N ILE A 46 -52.52 -4.57 21.68
CA ILE A 46 -51.08 -4.71 21.82
C ILE A 46 -50.78 -6.11 22.35
N PHE A 47 -49.84 -6.77 21.71
CA PHE A 47 -49.41 -8.09 22.07
C PHE A 47 -47.96 -8.06 22.52
N HIS A 48 -47.62 -8.92 23.49
CA HIS A 48 -46.24 -9.35 23.73
C HIS A 48 -46.20 -10.78 23.23
N LEU A 49 -45.67 -10.97 22.01
CA LEU A 49 -45.59 -12.26 21.37
C LEU A 49 -47.02 -12.77 21.11
N GLU A 50 -47.36 -13.99 21.53
CA GLU A 50 -48.72 -14.50 21.28
C GLU A 50 -49.80 -13.84 22.16
N ASN A 51 -49.39 -13.14 23.24
CA ASN A 51 -50.35 -12.62 24.23
C ASN A 51 -50.86 -11.19 24.06
N SER A 52 -52.18 -11.00 24.18
CA SER A 52 -52.78 -9.67 24.23
C SER A 52 -52.59 -9.07 25.61
N VAL A 53 -51.89 -7.92 25.69
CA VAL A 53 -51.68 -7.20 26.95
C VAL A 53 -52.52 -5.95 27.11
N TYR A 54 -53.15 -5.49 26.05
CA TYR A 54 -53.93 -4.27 26.15
C TYR A 54 -54.91 -4.25 25.01
N THR A 55 -56.05 -3.63 25.19
CA THR A 55 -57.07 -3.47 24.16
C THR A 55 -57.78 -2.13 24.45
N SER A 56 -58.18 -1.37 23.43
CA SER A 56 -58.90 -0.11 23.65
C SER A 56 -59.61 0.31 22.36
N SER A 57 -60.67 1.09 22.48
CA SER A 57 -61.53 1.41 21.35
C SER A 57 -61.89 2.91 21.40
N GLN A 58 -61.96 3.57 20.25
CA GLN A 58 -62.47 4.95 20.14
C GLN A 58 -63.41 5.10 18.94
N SER A 59 -64.45 5.91 19.13
CA SER A 59 -65.41 6.22 18.06
C SER A 59 -64.77 7.14 17.05
N LEU A 60 -65.21 7.00 15.82
CA LEU A 60 -64.61 7.73 14.76
C LEU A 60 -65.67 7.86 13.69
N SER A 61 -65.94 9.08 13.27
CA SER A 61 -66.73 9.30 12.06
C SER A 61 -66.15 10.43 11.24
N LEU A 62 -66.26 10.32 9.92
CA LEU A 62 -65.54 11.19 9.01
C LEU A 62 -66.27 11.38 7.71
N THR A 63 -66.59 12.64 7.38
CA THR A 63 -67.09 12.99 6.06
C THR A 63 -66.06 12.55 5.01
N ASN A 64 -66.52 11.96 3.91
CA ASN A 64 -65.61 11.53 2.83
C ASN A 64 -64.53 12.56 2.55
N GLY A 65 -63.28 12.12 2.50
CA GLY A 65 -62.14 12.99 2.24
C GLY A 65 -61.43 13.48 3.50
N GLN A 66 -62.17 13.83 4.56
CA GLN A 66 -61.53 14.46 5.71
C GLN A 66 -60.58 13.50 6.41
N SER A 67 -59.59 14.09 7.10
CA SER A 67 -58.57 13.33 7.81
C SER A 67 -58.60 13.66 9.28
N THR A 68 -58.08 12.75 10.09
CA THR A 68 -57.86 13.05 11.52
C THR A 68 -56.72 12.21 12.15
N THR A 69 -56.27 12.64 13.33
CA THR A 69 -55.29 11.87 14.08
C THR A 69 -55.71 11.54 15.52
N LEU A 70 -55.91 10.24 15.78
CA LEU A 70 -56.26 9.74 17.11
C LEU A 70 -55.03 9.49 17.92
N THR A 71 -55.19 9.59 19.23
CA THR A 71 -54.15 9.26 20.17
C THR A 71 -54.70 8.30 21.19
N PHE A 72 -54.06 7.13 21.29
CA PHE A 72 -54.31 6.21 22.38
C PHE A 72 -53.13 6.28 23.31
N THR A 73 -53.36 6.44 24.60
CA THR A 73 -52.29 6.38 25.56
C THR A 73 -52.18 5.01 26.23
N TRP A 74 -50.95 4.65 26.62
CA TRP A 74 -50.64 3.36 27.21
C TRP A 74 -49.41 3.56 28.05
N THR A 75 -49.26 2.74 29.08
CA THR A 75 -48.19 2.89 30.04
C THR A 75 -47.28 1.69 29.87
N ALA A 76 -46.03 1.93 29.51
CA ALA A 76 -45.06 0.86 29.35
C ALA A 76 -45.03 -0.05 30.59
N PRO A 77 -45.33 -1.34 30.42
CA PRO A 77 -45.22 -2.24 31.57
C PRO A 77 -43.81 -2.33 32.17
N SER A 78 -43.77 -2.86 33.39
CA SER A 78 -42.65 -2.73 34.29
C SER A 78 -41.48 -3.63 33.95
N THR A 79 -41.75 -4.73 33.23
CA THR A 79 -40.67 -5.62 32.81
C THR A 79 -39.77 -4.95 31.73
N ASP A 80 -38.50 -4.81 32.07
CA ASP A 80 -37.54 -4.11 31.23
C ASP A 80 -37.16 -5.00 30.04
N PHE A 81 -36.86 -4.37 28.90
CA PHE A 81 -36.43 -5.09 27.72
C PHE A 81 -37.52 -6.01 27.11
N ARG A 82 -38.66 -5.44 26.73
CA ARG A 82 -39.74 -6.18 26.03
C ARG A 82 -40.17 -5.44 24.76
N GLY A 83 -40.57 -6.21 23.76
CA GLY A 83 -41.05 -5.75 22.49
C GLY A 83 -42.51 -6.08 22.32
N TYR A 84 -43.24 -5.22 21.59
CA TYR A 84 -44.67 -5.33 21.46
C TYR A 84 -45.14 -5.03 20.10
N PHE A 85 -46.12 -5.80 19.65
CA PHE A 85 -46.76 -5.58 18.37
C PHE A 85 -47.99 -4.73 18.68
N VAL A 86 -48.32 -3.80 17.77
CA VAL A 86 -49.45 -2.85 17.93
C VAL A 86 -50.33 -3.04 16.71
N ARG A 87 -51.60 -3.39 16.93
CA ARG A 87 -52.59 -3.47 15.85
C ARG A 87 -53.61 -2.36 16.05
N ILE A 88 -53.97 -1.72 14.95
CA ILE A 88 -55.09 -0.80 14.92
C ILE A 88 -56.05 -1.31 13.86
N ASP A 89 -57.28 -1.67 14.28
CA ASP A 89 -58.31 -2.13 13.33
C ASP A 89 -59.47 -1.15 13.27
N ALA A 90 -59.68 -0.58 12.09
CA ALA A 90 -60.74 0.38 11.90
C ALA A 90 -61.84 -0.18 10.98
N GLY A 91 -62.17 -1.46 11.15
CA GLY A 91 -63.19 -2.08 10.37
C GLY A 91 -62.92 -1.83 8.91
N THR A 92 -63.96 -1.34 8.23
CA THR A 92 -63.97 -1.13 6.76
C THR A 92 -63.14 0.09 6.27
N LEU A 93 -62.71 0.96 7.18
CA LEU A 93 -61.76 2.02 6.84
C LEU A 93 -60.45 1.35 6.51
N GLY A 94 -60.08 0.36 7.33
CA GLY A 94 -58.90 -0.45 7.09
C GLY A 94 -58.23 -0.77 8.41
N GLN A 95 -57.00 -1.29 8.32
CA GLN A 95 -56.16 -1.51 9.49
C GLN A 95 -54.76 -0.94 9.34
N GLY A 96 -54.00 -0.96 10.43
CA GLY A 96 -52.61 -0.53 10.41
C GLY A 96 -51.87 -1.13 11.58
N ALA A 97 -50.56 -0.93 11.61
CA ALA A 97 -49.72 -1.50 12.69
C ALA A 97 -48.50 -0.66 13.00
N THR A 98 -47.91 -0.88 14.15
CA THR A 98 -46.59 -0.37 14.47
C THR A 98 -46.04 -1.24 15.60
N ALA A 99 -45.02 -0.80 16.32
CA ALA A 99 -44.44 -1.65 17.33
C ALA A 99 -43.82 -0.80 18.41
N ILE A 100 -43.55 -1.39 19.58
CA ILE A 100 -43.03 -0.63 20.70
C ILE A 100 -41.98 -1.41 21.43
N ASP A 101 -40.91 -0.70 21.81
CA ASP A 101 -39.75 -1.31 22.44
C ASP A 101 -39.67 -0.67 23.77
N VAL A 102 -39.69 -1.48 24.83
CA VAL A 102 -39.52 -0.99 26.19
C VAL A 102 -38.16 -1.52 26.63
N SER A 103 -37.16 -0.62 26.64
CA SER A 103 -35.80 -0.94 27.08
C SER A 103 -35.19 0.31 27.69
N SER A 104 -34.56 0.15 28.85
CA SER A 104 -33.86 1.24 29.50
C SER A 104 -32.42 1.49 28.92
N ASP A 105 -32.03 0.71 27.92
CA ASP A 105 -30.68 0.73 27.36
C ASP A 105 -30.76 0.27 25.89
N PHE A 106 -30.56 1.19 24.96
CA PHE A 106 -30.63 0.88 23.53
C PHE A 106 -29.55 -0.15 23.13
N THR A 107 -28.50 -0.32 23.94
CA THR A 107 -27.43 -1.22 23.54
C THR A 107 -27.85 -2.68 23.48
N LYS A 108 -28.99 -3.06 24.04
CA LYS A 108 -29.41 -4.47 24.01
C LYS A 108 -30.19 -4.76 22.75
N TYR A 109 -31.02 -3.82 22.35
CA TYR A 109 -31.78 -3.91 21.12
C TYR A 109 -31.57 -2.63 20.25
N PRO A 110 -30.34 -2.41 19.77
CA PRO A 110 -30.01 -1.26 18.94
C PRO A 110 -30.68 -1.33 17.56
N ARG A 111 -31.24 -0.23 17.09
CA ARG A 111 -31.71 -0.14 15.73
C ARG A 111 -30.99 1.11 15.22
N TYR A 112 -29.85 0.86 14.56
CA TYR A 112 -28.81 1.87 14.35
C TYR A 112 -29.02 2.51 12.99
N GLY A 113 -29.21 3.82 12.97
CA GLY A 113 -29.20 4.60 11.74
C GLY A 113 -27.98 5.54 11.65
N TYR A 114 -28.08 6.55 10.77
CA TYR A 114 -27.00 7.52 10.63
C TYR A 114 -27.45 8.91 10.28
N ILE A 115 -26.65 9.89 10.70
CA ILE A 115 -26.72 11.27 10.18
C ILE A 115 -25.34 11.67 9.60
N SER A 116 -25.31 12.09 8.34
CA SER A 116 -24.05 12.46 7.67
C SER A 116 -24.02 13.81 6.92
N GLU A 117 -24.99 14.69 7.14
CA GLU A 117 -25.08 15.96 6.42
C GLU A 117 -25.35 17.02 7.43
N PHE A 118 -24.56 18.09 7.40
CA PHE A 118 -24.66 19.08 8.47
C PHE A 118 -24.70 20.51 7.98
N GLU A 119 -25.51 20.76 6.97
CA GLU A 119 -25.51 22.07 6.34
C GLU A 119 -26.07 23.19 7.22
N SER A 120 -25.58 24.41 6.92
CA SER A 120 -25.93 25.61 7.63
C SER A 120 -27.38 25.94 7.36
N GLY A 121 -27.83 25.71 6.14
CA GLY A 121 -29.22 25.98 5.75
C GLY A 121 -30.32 25.14 6.39
N GLU A 122 -29.95 24.04 7.05
CA GLU A 122 -30.93 23.16 7.70
C GLU A 122 -31.46 23.79 8.96
N THR A 123 -32.75 24.07 8.99
CA THR A 123 -33.40 24.66 10.18
C THR A 123 -33.54 23.62 11.29
N ALA A 124 -33.75 24.10 12.49
CA ALA A 124 -34.02 23.24 13.64
C ALA A 124 -35.23 22.34 13.35
N LEU A 125 -36.19 22.89 12.61
CA LEU A 125 -37.41 22.18 12.32
C LEU A 125 -37.14 21.02 11.38
N GLU A 126 -36.31 21.25 10.37
CA GLU A 126 -35.97 20.23 9.38
C GLU A 126 -35.08 19.09 9.96
N SER A 127 -34.12 19.45 10.79
CA SER A 127 -33.34 18.50 11.53
C SER A 127 -34.26 17.54 12.33
N LYS A 128 -35.20 18.15 13.06
CA LYS A 128 -36.19 17.41 13.85
C LYS A 128 -37.05 16.52 12.98
N ALA A 129 -37.46 17.01 11.82
CA ALA A 129 -38.28 16.20 10.91
C ALA A 129 -37.59 14.96 10.39
N LYS A 130 -36.29 15.05 10.01
CA LYS A 130 -35.60 13.88 9.47
C LYS A 130 -35.39 12.85 10.55
N VAL A 131 -35.14 13.33 11.76
CA VAL A 131 -35.04 12.48 12.90
C VAL A 131 -36.38 11.82 13.26
N ASP A 132 -37.44 12.60 13.40
CA ASP A 132 -38.78 12.02 13.71
C ASP A 132 -39.21 10.95 12.72
N GLN A 133 -39.01 11.22 11.46
CA GLN A 133 -39.29 10.25 10.43
C GLN A 133 -38.64 8.86 10.64
N LEU A 134 -37.34 8.85 10.92
CA LEU A 134 -36.65 7.59 11.21
C LEU A 134 -37.08 6.95 12.53
N ALA A 135 -37.22 7.75 13.59
CA ALA A 135 -37.78 7.25 14.83
C ALA A 135 -39.20 6.65 14.64
N GLN A 136 -40.04 7.30 13.86
CA GLN A 136 -41.43 6.90 13.77
C GLN A 136 -41.66 5.73 12.86
N ASP A 137 -41.01 5.73 11.70
CA ASP A 137 -41.24 4.70 10.71
C ASP A 137 -40.51 3.41 11.04
N TYR A 138 -39.34 3.49 11.67
CA TYR A 138 -38.52 2.29 11.87
C TYR A 138 -38.05 2.08 13.29
N HIS A 139 -38.41 2.99 14.18
CA HIS A 139 -38.01 2.86 15.59
C HIS A 139 -36.50 2.94 15.80
N ILE A 140 -35.83 3.67 14.90
CA ILE A 140 -34.36 3.84 14.97
C ILE A 140 -34.05 4.42 16.28
N ASN A 141 -33.23 3.78 17.09
CA ASN A 141 -32.97 4.34 18.41
C ASN A 141 -31.56 4.92 18.64
N ALA A 142 -30.71 4.89 17.64
CA ALA A 142 -29.39 5.50 17.75
C ALA A 142 -28.88 5.96 16.41
N TRP A 143 -28.14 7.05 16.39
CA TRP A 143 -27.63 7.58 15.14
C TRP A 143 -26.11 7.68 15.21
N GLN A 144 -25.48 7.13 14.17
CA GLN A 144 -24.04 7.34 13.92
C GLN A 144 -23.81 8.68 13.19
N PHE A 145 -23.17 9.63 13.84
CA PHE A 145 -22.85 10.91 13.17
C PHE A 145 -21.55 10.73 12.41
N TYR A 146 -21.67 10.73 11.08
CA TYR A 146 -20.60 10.39 10.16
C TYR A 146 -20.00 11.63 9.50
N ASP A 147 -18.72 11.84 9.73
CA ASP A 147 -17.95 12.93 9.12
C ASP A 147 -18.51 14.26 9.52
N TRP A 148 -18.53 14.44 10.84
CA TRP A 148 -19.02 15.63 11.49
C TRP A 148 -17.81 16.42 12.00
N MET A 149 -16.76 15.69 12.34
CA MET A 149 -15.54 16.31 12.89
C MET A 149 -14.84 17.20 11.84
N TRP A 150 -14.13 18.19 12.35
CA TRP A 150 -13.21 19.04 11.55
C TRP A 150 -12.00 18.21 11.08
N ARG A 151 -11.10 17.82 12.01
CA ARG A 151 -10.07 16.78 11.69
C ARG A 151 -10.22 15.54 12.57
N HIS A 152 -9.74 14.40 12.08
CA HIS A 152 -9.81 13.12 12.80
C HIS A 152 -8.98 13.16 14.08
N ASP A 153 -8.07 14.17 14.18
CA ASP A 153 -7.25 14.43 15.37
C ASP A 153 -7.48 15.77 16.08
N LYS A 154 -8.45 16.53 15.60
CA LYS A 154 -8.80 17.81 16.22
C LYS A 154 -10.30 18.00 15.87
N MET A 155 -11.20 17.45 16.67
CA MET A 155 -12.54 17.12 16.10
C MET A 155 -13.46 18.32 16.08
N ILE A 156 -13.28 19.19 17.07
CA ILE A 156 -13.99 20.43 17.18
C ILE A 156 -13.00 21.57 16.95
N LYS A 157 -13.30 22.36 15.94
CA LYS A 157 -12.46 23.48 15.49
C LYS A 157 -12.74 24.66 16.31
N ARG A 158 -11.72 25.13 17.02
CA ARG A 158 -11.81 26.29 17.88
C ARG A 158 -10.84 27.35 17.39
N THR A 159 -11.18 28.60 17.67
CA THR A 159 -10.35 29.74 17.48
C THR A 159 -10.08 30.19 18.90
N GLY A 160 -8.86 30.05 19.39
CA GLY A 160 -8.60 30.27 20.81
C GLY A 160 -9.49 29.36 21.66
N GLY A 161 -10.37 29.98 22.43
CA GLY A 161 -11.24 29.23 23.32
C GLY A 161 -12.67 29.13 22.84
N SER A 162 -12.93 29.54 21.60
CA SER A 162 -14.26 29.54 21.08
C SER A 162 -14.50 28.54 19.95
N ILE A 163 -15.65 27.90 20.01
CA ILE A 163 -16.05 26.96 19.01
C ILE A 163 -16.42 27.68 17.73
N ASP A 164 -15.86 27.26 16.60
CA ASP A 164 -16.13 27.92 15.36
C ASP A 164 -17.52 27.51 14.87
N SER A 165 -18.27 28.47 14.31
CA SER A 165 -19.69 28.25 14.07
C SER A 165 -19.83 27.29 12.92
N THR A 166 -18.85 27.30 12.02
CA THR A 166 -18.75 26.34 10.91
C THR A 166 -17.30 25.89 10.66
N TRP A 167 -17.13 24.81 9.91
CA TRP A 167 -15.82 24.32 9.55
C TRP A 167 -15.95 23.42 8.40
N LEU A 168 -14.84 23.21 7.69
CA LEU A 168 -14.78 22.42 6.44
C LEU A 168 -14.11 21.10 6.74
N ASP A 169 -14.68 20.00 6.22
CA ASP A 169 -14.20 18.67 6.48
C ASP A 169 -13.27 18.28 5.35
N LEU A 170 -12.74 17.06 5.44
CA LEU A 170 -11.65 16.67 4.56
C LEU A 170 -12.03 16.64 3.09
N PHE A 171 -13.31 16.65 2.81
CA PHE A 171 -13.81 16.63 1.44
C PHE A 171 -14.43 17.97 1.11
N ASN A 172 -14.11 18.94 1.93
CA ASN A 172 -14.48 20.34 1.69
C ASN A 172 -15.95 20.74 1.99
N ARG A 173 -16.69 19.85 2.64
CA ARG A 173 -18.06 20.14 2.99
C ARG A 173 -18.14 21.07 4.19
N GLU A 174 -19.11 21.95 4.19
CA GLU A 174 -19.30 22.87 5.29
C GLU A 174 -20.14 22.18 6.36
N ILE A 175 -19.58 22.06 7.57
CA ILE A 175 -20.23 21.46 8.72
C ILE A 175 -20.62 22.66 9.58
N SER A 176 -21.91 22.74 9.95
CA SER A 176 -22.48 23.72 10.89
C SER A 176 -22.69 23.22 12.33
N TRP A 177 -22.12 23.93 13.27
CA TRP A 177 -22.27 23.56 14.64
C TRP A 177 -23.77 23.56 15.03
N SER A 178 -24.47 24.62 14.67
CA SER A 178 -25.79 24.79 15.16
C SER A 178 -26.64 23.67 14.62
N THR A 179 -26.39 23.27 13.38
CA THR A 179 -27.12 22.14 12.81
C THR A 179 -26.80 20.81 13.54
N LEU A 180 -25.54 20.59 13.84
CA LEU A 180 -25.14 19.36 14.53
C LEU A 180 -25.86 19.31 15.87
N GLN A 181 -25.84 20.44 16.58
CA GLN A 181 -26.51 20.51 17.86
C GLN A 181 -28.03 20.33 17.76
N ASN A 182 -28.66 20.91 16.72
CA ASN A 182 -30.09 20.74 16.49
C ASN A 182 -30.41 19.28 16.24
N GLN A 183 -29.57 18.61 15.45
CA GLN A 183 -29.78 17.22 15.19
C GLN A 183 -29.59 16.40 16.48
N ILE A 184 -28.56 16.68 17.24
CA ILE A 184 -28.33 15.92 18.48
C ILE A 184 -29.51 16.09 19.46
N ASP A 185 -30.01 17.31 19.57
CA ASP A 185 -31.18 17.57 20.34
C ASP A 185 -32.36 16.73 19.84
N ALA A 186 -32.63 16.71 18.54
CA ALA A 186 -33.76 15.96 18.00
C ALA A 186 -33.68 14.43 18.28
N VAL A 187 -32.47 13.91 18.26
CA VAL A 187 -32.21 12.51 18.52
C VAL A 187 -32.58 12.24 19.97
N HIS A 188 -32.09 13.11 20.83
CA HIS A 188 -32.43 13.04 22.23
C HIS A 188 -33.96 13.13 22.52
N ASP A 189 -34.71 13.90 21.74
CA ASP A 189 -36.16 14.06 21.90
C ASP A 189 -36.98 12.82 21.58
N VAL A 190 -36.38 11.81 20.93
CA VAL A 190 -37.08 10.57 20.63
C VAL A 190 -36.52 9.43 21.48
N ASN A 191 -35.84 9.81 22.55
CA ASN A 191 -35.07 8.90 23.37
C ASN A 191 -34.00 8.19 22.57
N GLY A 192 -33.54 8.84 21.50
CA GLY A 192 -32.37 8.38 20.74
C GLY A 192 -31.05 8.72 21.37
N LYS A 193 -30.02 7.99 20.96
CA LYS A 193 -28.63 8.27 21.35
C LYS A 193 -27.75 8.60 20.13
N ALA A 194 -26.86 9.59 20.31
CA ALA A 194 -25.90 10.07 19.29
C ALA A 194 -24.49 9.51 19.48
N MET A 195 -24.09 8.63 18.55
CA MET A 195 -22.74 8.05 18.53
C MET A 195 -21.89 8.83 17.50
N ALA A 196 -20.78 9.40 17.95
CA ALA A 196 -19.85 10.18 17.09
C ALA A 196 -18.84 9.33 16.41
N TYR A 197 -18.79 9.39 15.09
CA TYR A 197 -17.79 8.64 14.32
C TYR A 197 -16.41 9.18 14.67
N ALA A 198 -15.49 8.28 15.03
CA ALA A 198 -14.07 8.67 15.17
C ALA A 198 -13.20 7.47 14.87
N MET A 199 -12.04 7.74 14.28
CA MET A 199 -11.11 6.65 14.03
C MET A 199 -10.47 6.25 15.33
N ILE A 200 -10.09 4.97 15.40
CA ILE A 200 -9.23 4.51 16.49
C ILE A 200 -7.81 5.03 16.44
N TYR A 201 -7.30 5.33 15.23
CA TYR A 201 -5.85 5.59 15.03
C TYR A 201 -5.37 6.58 13.94
N ALA A 202 -6.22 7.51 13.56
CA ALA A 202 -5.94 8.41 12.49
C ALA A 202 -5.66 9.84 12.95
N SER A 203 -4.51 10.41 12.57
CA SER A 203 -4.36 11.87 12.42
C SER A 203 -4.62 12.28 11.00
N ARG A 204 -4.63 13.59 10.77
CA ARG A 204 -4.65 14.11 9.42
C ARG A 204 -3.22 14.57 9.07
N GLU A 205 -3.00 15.00 7.83
CA GLU A 205 -1.67 15.50 7.42
C GLU A 205 -1.12 16.60 8.34
N ASN A 206 0.20 16.69 8.40
CA ASN A 206 0.84 17.76 9.13
C ASN A 206 0.31 17.78 10.58
N TYR A 207 0.60 16.73 11.30
CA TYR A 207 0.13 16.57 12.65
C TYR A 207 1.10 17.08 13.71
N SER A 208 2.37 17.24 13.36
CA SER A 208 3.36 17.74 14.31
C SER A 208 2.98 19.01 15.03
N PRO A 209 2.38 19.98 14.33
CA PRO A 209 2.14 21.18 15.11
C PRO A 209 1.04 21.10 16.11
N LEU A 210 0.26 20.03 16.06
CA LEU A 210 -0.74 19.71 17.11
C LEU A 210 -0.12 18.98 18.27
N GLY A 211 1.23 18.89 18.34
CA GLY A 211 1.95 18.14 19.38
C GLY A 211 1.80 16.62 19.32
N ILE A 212 1.34 16.09 18.19
CA ILE A 212 1.35 14.64 17.97
C ILE A 212 2.75 14.25 17.45
N SER A 213 3.32 13.17 18.00
CA SER A 213 4.68 12.72 17.68
C SER A 213 4.65 11.53 16.74
N PRO A 214 5.57 11.52 15.75
CA PRO A 214 5.64 10.33 14.90
C PRO A 214 6.07 9.07 15.69
N THR A 215 6.72 9.26 16.84
CA THR A 215 7.11 8.14 17.73
C THR A 215 5.92 7.29 18.16
N TRP A 216 4.70 7.88 18.06
CA TRP A 216 3.50 7.16 18.44
C TRP A 216 2.93 6.33 17.27
N GLY A 217 3.48 6.54 16.07
CA GLY A 217 2.91 5.96 14.86
C GLY A 217 3.16 4.48 14.65
N ILE A 218 2.54 3.94 13.60
CA ILE A 218 2.86 2.62 13.07
C ILE A 218 3.37 2.76 11.64
N TYR A 219 4.37 1.93 11.33
CA TYR A 219 5.18 2.09 10.11
C TYR A 219 5.19 0.82 9.22
N GLU A 220 5.44 1.07 7.93
CA GLU A 220 5.51 -0.03 6.96
C GLU A 220 6.90 -0.65 6.90
N ASP A 221 7.88 0.06 7.46
CA ASP A 221 9.23 -0.44 7.58
C ASP A 221 9.64 -0.50 9.03
N SER A 222 10.84 -1.05 9.26
CA SER A 222 11.43 -1.16 10.60
C SER A 222 12.39 0.01 10.85
N SER A 223 12.44 0.96 9.93
CA SER A 223 13.37 2.05 10.00
C SER A 223 12.61 3.38 10.13
N HIS A 224 11.31 3.27 10.39
CA HIS A 224 10.41 4.42 10.53
C HIS A 224 10.44 5.47 9.41
N THR A 225 10.51 4.99 8.16
CA THR A 225 10.49 5.92 7.00
C THR A 225 9.11 6.06 6.34
N ASN A 226 8.25 5.04 6.42
CA ASN A 226 6.91 5.14 5.81
C ASN A 226 5.82 4.73 6.78
N GLN A 227 5.18 5.74 7.36
CA GLN A 227 4.03 5.52 8.25
C GLN A 227 2.82 5.10 7.40
N PHE A 228 2.10 4.07 7.82
CA PHE A 228 0.82 3.75 7.16
C PHE A 228 -0.01 5.03 6.99
N ASP A 229 -0.52 5.29 5.78
CA ASP A 229 -1.47 6.38 5.51
C ASP A 229 -2.75 5.96 4.71
N VAL A 230 -3.53 6.97 4.38
CA VAL A 230 -4.70 6.82 3.54
C VAL A 230 -4.63 8.03 2.66
N ASP A 231 -4.45 7.80 1.36
CA ASP A 231 -4.15 8.90 0.44
C ASP A 231 -5.44 9.25 -0.25
N PHE A 232 -5.92 10.46 -0.10
CA PHE A 232 -7.13 10.88 -0.78
C PHE A 232 -6.82 11.53 -2.14
N GLY A 233 -5.52 11.60 -2.49
CA GLY A 233 -5.09 11.78 -3.89
C GLY A 233 -5.11 13.17 -4.48
N ASP A 234 -5.01 14.20 -3.62
CA ASP A 234 -4.89 15.61 -4.07
C ASP A 234 -3.53 16.27 -3.71
N GLY A 235 -2.58 15.45 -3.27
CA GLY A 235 -1.22 15.91 -2.86
C GLY A 235 -1.19 16.71 -1.57
N SER A 236 -2.15 16.47 -0.71
CA SER A 236 -2.35 17.38 0.37
C SER A 236 -3.16 16.73 1.56
N THR A 237 -4.24 16.00 1.26
CA THR A 237 -5.15 15.40 2.26
C THR A 237 -4.88 13.91 2.51
N TYR A 238 -4.45 13.56 3.71
CA TYR A 238 -4.14 12.15 4.04
C TYR A 238 -4.63 11.90 5.47
N LEU A 239 -4.92 10.65 5.77
CA LEU A 239 -4.80 10.17 7.16
C LEU A 239 -3.44 9.58 7.36
N TYR A 240 -2.94 9.63 8.59
CA TYR A 240 -1.82 8.79 9.02
C TYR A 240 -2.23 7.98 10.22
N MET A 241 -1.61 6.80 10.39
CA MET A 241 -2.10 5.82 11.32
C MET A 241 -1.16 5.69 12.49
N PHE A 242 -1.73 5.46 13.68
CA PHE A 242 -0.94 5.37 14.90
C PHE A 242 -1.18 4.09 15.65
N ASP A 243 -0.40 3.84 16.68
CA ASP A 243 -0.48 2.54 17.40
C ASP A 243 -1.58 2.53 18.47
N PRO A 244 -2.62 1.68 18.30
CA PRO A 244 -3.62 1.59 19.37
C PRO A 244 -3.10 1.43 20.77
N GLN A 245 -2.02 0.70 20.93
CA GLN A 245 -1.53 0.39 22.28
C GLN A 245 -0.68 1.45 22.90
N ASN A 246 -0.29 2.45 22.11
CA ASN A 246 0.63 3.46 22.61
C ASN A 246 -0.09 4.33 23.62
N PRO A 247 0.59 4.61 24.73
CA PRO A 247 -0.09 5.33 25.79
C PRO A 247 -0.28 6.82 25.51
N ASN A 248 0.57 7.39 24.69
CA ASN A 248 0.45 8.79 24.37
C ASN A 248 -0.57 9.01 23.29
N TRP A 249 -0.72 8.09 22.33
CA TRP A 249 -1.85 8.13 21.39
C TRP A 249 -3.21 7.90 22.10
N GLN A 250 -3.29 6.90 22.98
CA GLN A 250 -4.48 6.74 23.81
C GLN A 250 -4.81 8.07 24.47
N ASN A 251 -3.82 8.66 25.12
CA ASN A 251 -4.03 9.87 25.86
C ASN A 251 -4.53 11.00 24.94
N TYR A 252 -3.88 11.18 23.81
CA TYR A 252 -4.29 12.22 22.88
C TYR A 252 -5.69 12.05 22.38
N ILE A 253 -5.97 10.88 21.86
CA ILE A 253 -7.20 10.67 21.13
C ILE A 253 -8.35 10.44 22.11
N HIS A 254 -8.06 9.80 23.25
CA HIS A 254 -9.13 9.62 24.23
C HIS A 254 -9.61 11.01 24.65
N ALA A 255 -8.65 11.91 24.82
CA ALA A 255 -8.97 13.27 25.18
C ALA A 255 -9.89 13.90 24.18
N GLU A 256 -9.73 13.58 22.91
CA GLU A 256 -10.60 14.15 21.88
C GLU A 256 -11.97 13.50 21.96
N TYR A 257 -12.06 12.26 22.44
CA TYR A 257 -13.37 11.61 22.53
C TYR A 257 -14.16 12.26 23.63
N ILE A 258 -13.49 12.46 24.78
CA ILE A 258 -14.11 13.14 25.92
C ILE A 258 -14.60 14.56 25.54
N ASP A 259 -13.74 15.33 24.85
CA ASP A 259 -14.06 16.68 24.32
C ASP A 259 -15.35 16.67 23.55
N SER A 260 -15.48 15.70 22.65
CA SER A 260 -16.68 15.54 21.83
C SER A 260 -17.94 15.14 22.62
N ILE A 261 -17.78 14.35 23.68
CA ILE A 261 -18.91 14.01 24.53
C ILE A 261 -19.32 15.27 25.29
N ASN A 262 -18.40 15.90 25.99
CA ASN A 262 -18.74 17.05 26.88
C ASN A 262 -19.08 18.33 26.16
N THR A 263 -18.53 18.55 24.96
CA THR A 263 -18.76 19.77 24.17
C THR A 263 -19.89 19.65 23.16
N ALA A 264 -19.96 18.58 22.41
CA ALA A 264 -21.06 18.36 21.52
C ALA A 264 -22.28 17.68 22.14
N GLY A 265 -22.07 17.00 23.26
CA GLY A 265 -23.15 16.30 23.93
C GLY A 265 -23.49 15.00 23.22
N PHE A 266 -22.50 14.34 22.61
CA PHE A 266 -22.69 13.01 22.09
C PHE A 266 -22.92 11.99 23.24
N ASP A 267 -23.51 10.82 22.98
CA ASP A 267 -23.70 9.77 24.00
C ASP A 267 -22.70 8.62 23.95
N GLY A 268 -21.75 8.72 23.03
CA GLY A 268 -20.80 7.66 22.82
C GLY A 268 -19.96 7.88 21.57
N ILE A 269 -18.95 7.03 21.42
CA ILE A 269 -18.11 6.99 20.28
C ILE A 269 -18.27 5.72 19.47
N HIS A 270 -18.55 5.92 18.16
CA HIS A 270 -18.50 4.83 17.19
C HIS A 270 -17.08 4.79 16.61
N VAL A 271 -16.25 3.86 17.11
CA VAL A 271 -14.83 3.84 16.77
C VAL A 271 -14.60 3.01 15.51
N ALA A 272 -13.90 3.61 14.55
CA ALA A 272 -13.65 2.98 13.27
C ALA A 272 -12.17 2.70 13.02
N GLN A 273 -11.95 1.98 11.92
CA GLN A 273 -10.60 1.63 11.47
C GLN A 273 -10.55 1.35 9.95
N MET A 274 -9.35 1.21 9.41
CA MET A 274 -9.19 0.95 7.98
C MET A 274 -9.13 -0.54 7.65
N GLY A 275 -9.19 -1.42 8.63
CA GLY A 275 -9.11 -2.86 8.37
C GLY A 275 -7.67 -3.43 8.28
N GLN A 276 -7.57 -4.70 7.88
CA GLN A 276 -6.32 -5.46 7.99
C GLN A 276 -5.14 -4.70 7.45
N ARG A 277 -4.09 -4.60 8.27
CA ARG A 277 -2.75 -4.30 7.79
C ARG A 277 -1.81 -5.39 8.33
N SER A 278 -0.75 -5.67 7.58
CA SER A 278 0.21 -6.70 7.96
C SER A 278 1.63 -6.24 7.80
N ASN A 279 2.51 -6.93 8.50
CA ASN A 279 3.92 -6.57 8.57
C ASN A 279 4.01 -5.12 8.96
N VAL A 280 3.51 -4.92 10.16
CA VAL A 280 3.34 -3.62 10.77
C VAL A 280 4.41 -3.47 11.84
N TYR A 281 5.03 -2.30 11.88
CA TYR A 281 6.08 -2.03 12.85
C TYR A 281 5.75 -0.76 13.69
N ASP A 282 6.31 -0.69 14.90
CA ASP A 282 6.25 0.53 15.72
C ASP A 282 7.37 1.46 15.28
N TYR A 283 7.52 2.59 15.94
CA TYR A 283 8.50 3.57 15.51
C TYR A 283 9.89 3.01 15.63
N ASN A 284 10.15 2.34 16.74
CA ASN A 284 11.49 1.88 17.04
C ASN A 284 11.86 0.72 16.10
N GLY A 285 10.97 -0.25 15.92
CA GLY A 285 11.17 -1.27 14.90
C GLY A 285 10.68 -2.65 15.25
N ASN A 286 10.09 -2.81 16.42
CA ASN A 286 9.52 -4.09 16.77
C ASN A 286 8.36 -4.38 15.84
N SER A 287 8.26 -5.63 15.42
CA SER A 287 7.14 -6.04 14.60
C SER A 287 6.00 -6.37 15.55
N ILE A 288 4.79 -6.05 15.13
CA ILE A 288 3.64 -6.14 16.02
C ILE A 288 2.44 -6.62 15.27
N ASP A 289 1.66 -7.44 15.95
CA ASP A 289 0.39 -7.90 15.41
C ASP A 289 -0.71 -6.89 15.74
N LEU A 290 -1.04 -6.03 14.79
CA LEU A 290 -2.02 -4.95 15.01
C LEU A 290 -3.39 -5.49 15.39
N SER A 291 -3.65 -6.74 15.05
CA SER A 291 -4.95 -7.32 15.19
C SER A 291 -5.37 -7.43 16.63
N THR A 292 -4.40 -7.45 17.55
CA THR A 292 -4.66 -7.79 18.96
C THR A 292 -4.69 -6.57 19.84
N ARG A 293 -4.33 -5.44 19.22
CA ARG A 293 -4.09 -4.17 19.88
C ARG A 293 -5.28 -3.21 19.95
N PHE A 294 -6.42 -3.59 19.40
CA PHE A 294 -7.59 -2.71 19.48
C PHE A 294 -8.29 -2.87 20.85
N SER A 295 -8.27 -4.06 21.41
CA SER A 295 -9.01 -4.28 22.63
C SER A 295 -8.38 -3.58 23.84
N PRO A 296 -7.04 -3.49 23.89
CA PRO A 296 -6.61 -2.70 25.07
C PRO A 296 -6.96 -1.21 24.96
N PHE A 297 -7.04 -0.72 23.74
CA PHE A 297 -7.39 0.67 23.49
C PHE A 297 -8.87 0.83 23.86
N LEU A 298 -9.69 -0.09 23.37
CA LEU A 298 -11.10 -0.01 23.58
C LEU A 298 -11.47 -0.12 25.05
N ASP A 299 -10.87 -1.09 25.74
CA ASP A 299 -11.10 -1.23 27.18
C ASP A 299 -10.80 0.10 27.89
N GLN A 300 -9.66 0.73 27.55
CA GLN A 300 -9.21 1.96 28.21
C GLN A 300 -10.11 3.13 27.81
N ALA A 301 -10.45 3.22 26.53
CA ALA A 301 -11.46 4.19 26.13
C ALA A 301 -12.74 4.03 26.95
N LYS A 302 -13.26 2.79 27.11
CA LYS A 302 -14.52 2.58 27.87
C LYS A 302 -14.37 3.08 29.29
N SER A 303 -13.19 2.91 29.86
CA SER A 303 -12.95 3.24 31.24
C SER A 303 -12.99 4.73 31.44
N VAL A 304 -12.28 5.52 30.61
CA VAL A 304 -12.36 6.97 30.80
C VAL A 304 -13.73 7.51 30.42
N LEU A 305 -14.39 6.91 29.44
CA LEU A 305 -15.75 7.38 29.11
C LEU A 305 -16.77 7.14 30.26
N SER A 306 -16.66 5.97 30.92
CA SER A 306 -17.61 5.66 31.99
C SER A 306 -17.35 6.54 33.19
N ALA A 307 -16.08 6.82 33.46
CA ALA A 307 -15.70 7.74 34.53
C ALA A 307 -16.13 9.14 34.23
N ASN A 308 -15.95 9.58 33.01
CA ASN A 308 -16.39 10.92 32.63
C ASN A 308 -17.90 11.08 32.84
N ASN A 309 -18.66 10.12 32.36
CA ASN A 309 -20.11 10.21 32.37
C ASN A 309 -20.82 8.86 32.03
N PRO A 310 -21.28 8.10 33.04
CA PRO A 310 -21.88 6.78 32.81
C PRO A 310 -23.10 6.72 31.88
N ALA A 311 -23.76 7.84 31.68
CA ALA A 311 -24.91 7.92 30.78
C ALA A 311 -24.53 8.23 29.35
N ARG A 312 -23.26 8.64 29.11
CA ARG A 312 -22.78 9.03 27.77
C ARG A 312 -21.42 8.37 27.44
N ASP A 313 -21.40 7.07 27.63
CA ASP A 313 -20.22 6.26 27.62
C ASP A 313 -20.39 5.06 26.67
N ASN A 314 -21.31 5.17 25.70
CA ASN A 314 -21.58 4.06 24.83
C ASN A 314 -20.38 3.86 23.89
N LEU A 315 -20.11 2.62 23.46
CA LEU A 315 -18.90 2.32 22.72
C LEU A 315 -19.07 1.08 21.88
N THR A 316 -18.80 1.24 20.59
CA THR A 316 -18.61 0.12 19.69
C THR A 316 -17.38 0.36 18.83
N TYR A 317 -17.00 -0.65 18.04
CA TYR A 317 -15.78 -0.61 17.21
C TYR A 317 -16.01 -1.35 15.95
N ASN A 318 -15.68 -0.73 14.83
CA ASN A 318 -15.98 -1.41 13.56
C ASN A 318 -14.96 -2.50 13.26
N ILE A 319 -15.43 -3.75 13.37
CA ILE A 319 -14.69 -4.90 12.87
C ILE A 319 -14.81 -4.97 11.33
N VAL A 320 -13.77 -4.52 10.64
CA VAL A 320 -13.76 -4.45 9.18
C VAL A 320 -13.52 -5.80 8.50
N ASP A 321 -14.28 -6.09 7.44
CA ASP A 321 -14.10 -7.33 6.64
C ASP A 321 -14.55 -8.56 7.41
N GLY A 322 -15.77 -8.49 7.92
CA GLY A 322 -16.26 -9.53 8.83
C GLY A 322 -16.42 -10.88 8.18
N THR A 323 -15.97 -11.92 8.88
CA THR A 323 -16.16 -13.33 8.47
C THR A 323 -15.72 -14.25 9.62
N VAL A 324 -16.15 -15.49 9.59
CA VAL A 324 -15.77 -16.42 10.64
C VAL A 324 -14.22 -16.41 10.82
N ASN A 325 -13.74 -16.19 12.05
CA ASN A 325 -12.26 -16.16 12.34
C ASN A 325 -11.50 -15.08 11.54
N GLY A 326 -12.25 -14.10 11.05
CA GLY A 326 -11.69 -12.99 10.34
C GLY A 326 -10.66 -12.20 11.11
N TRP A 327 -10.08 -11.21 10.46
CA TRP A 327 -9.03 -10.44 11.08
C TRP A 327 -9.58 -9.62 12.26
N ALA A 328 -8.95 -9.79 13.43
CA ALA A 328 -9.34 -9.13 14.67
C ALA A 328 -10.68 -9.60 15.20
N VAL A 329 -11.30 -10.57 14.53
CA VAL A 329 -12.65 -10.97 14.90
C VAL A 329 -12.74 -11.64 16.27
N ASN A 330 -11.83 -12.55 16.58
CA ASN A 330 -11.89 -13.23 17.91
C ASN A 330 -11.47 -12.29 19.03
N ASP A 331 -10.34 -11.61 18.88
CA ASP A 331 -9.89 -10.70 19.93
C ASP A 331 -10.92 -9.61 20.28
N VAL A 332 -11.49 -8.93 19.30
CA VAL A 332 -12.40 -7.84 19.60
C VAL A 332 -13.72 -8.36 20.19
N SER A 333 -14.37 -9.29 19.51
CA SER A 333 -15.60 -9.86 20.04
C SER A 333 -15.44 -10.52 21.43
N LYS A 334 -14.27 -11.05 21.78
CA LYS A 334 -14.12 -11.82 23.03
C LYS A 334 -13.62 -10.95 24.17
N ASN A 335 -12.73 -10.01 23.85
CA ASN A 335 -11.98 -9.26 24.85
C ASN A 335 -12.24 -7.76 25.00
N ALA A 336 -12.93 -7.14 24.03
CA ALA A 336 -13.07 -5.68 24.04
C ALA A 336 -14.30 -5.26 24.80
N ASP A 337 -14.16 -4.32 25.72
CA ASP A 337 -15.32 -3.88 26.52
C ASP A 337 -16.26 -2.94 25.70
N LEU A 338 -16.99 -3.56 24.78
CA LEU A 338 -17.90 -2.86 23.91
C LEU A 338 -19.29 -3.12 24.39
N ASP A 339 -20.21 -2.22 24.07
CA ASP A 339 -21.60 -2.34 24.49
C ASP A 339 -22.36 -3.19 23.51
N PHE A 340 -21.96 -3.07 22.25
CA PHE A 340 -22.52 -3.91 21.22
C PHE A 340 -21.48 -4.09 20.17
N LEU A 341 -21.65 -5.10 19.31
CA LEU A 341 -20.64 -5.37 18.24
C LEU A 341 -21.16 -4.87 16.89
N TYR A 342 -20.22 -4.43 16.06
CA TYR A 342 -20.48 -3.84 14.75
C TYR A 342 -19.40 -4.32 13.78
N SER A 343 -19.83 -4.64 12.56
CA SER A 343 -18.94 -5.26 11.60
C SER A 343 -19.39 -4.90 10.24
N GLU A 344 -18.45 -4.40 9.46
CA GLU A 344 -18.66 -4.02 8.07
C GLU A 344 -18.24 -5.24 7.24
N ILE A 345 -19.15 -5.74 6.41
CA ILE A 345 -18.94 -6.92 5.56
C ILE A 345 -18.50 -6.54 4.17
N TRP A 346 -17.44 -7.21 3.71
CA TRP A 346 -16.98 -7.08 2.34
C TRP A 346 -17.20 -8.33 1.47
N TYR A 347 -16.19 -9.18 1.26
CA TYR A 347 -16.34 -10.27 0.30
C TYR A 347 -16.00 -11.66 0.85
N LEU A 348 -15.94 -11.78 2.15
CA LEU A 348 -15.55 -13.04 2.80
C LEU A 348 -16.72 -13.71 3.51
N SER A 349 -17.93 -13.28 3.15
CA SER A 349 -19.14 -13.91 3.65
C SER A 349 -20.24 -13.60 2.63
N ASP A 350 -20.11 -14.16 1.42
CA ASP A 350 -20.93 -13.73 0.32
C ASP A 350 -22.29 -14.42 0.30
N SER A 351 -22.35 -15.61 0.90
CA SER A 351 -23.56 -16.39 0.90
C SER A 351 -24.33 -16.10 2.15
N TYR A 352 -25.65 -16.17 2.05
CA TYR A 352 -26.53 -16.00 3.18
C TYR A 352 -25.98 -16.82 4.31
N ASN A 353 -25.65 -18.09 4.04
CA ASN A 353 -25.26 -19.02 5.11
C ASN A 353 -23.93 -18.70 5.73
N GLN A 354 -23.05 -18.01 4.99
CA GLN A 354 -21.71 -17.68 5.49
C GLN A 354 -21.83 -16.57 6.53
N LEU A 355 -22.54 -15.52 6.13
CA LEU A 355 -22.82 -14.38 6.99
C LEU A 355 -23.63 -14.83 8.18
N LYS A 356 -24.59 -15.71 7.94
CA LYS A 356 -25.32 -16.34 9.03
C LYS A 356 -24.35 -16.93 10.06
N ASN A 357 -23.30 -17.59 9.60
CA ASN A 357 -22.36 -18.23 10.52
C ASN A 357 -21.48 -17.19 11.22
N TYR A 358 -21.15 -16.09 10.52
CA TYR A 358 -20.29 -15.06 11.11
C TYR A 358 -21.05 -14.35 12.23
N ILE A 359 -22.30 -14.05 11.97
CA ILE A 359 -23.19 -13.48 12.98
C ILE A 359 -23.22 -14.39 14.19
N GLU A 360 -23.47 -15.68 14.00
CA GLU A 360 -23.43 -16.66 15.12
C GLU A 360 -22.13 -16.62 15.88
N GLN A 361 -21.03 -16.45 15.17
CA GLN A 361 -19.75 -16.40 15.85
C GLN A 361 -19.72 -15.21 16.77
N LEU A 362 -20.23 -14.08 16.26
CA LEU A 362 -20.17 -12.82 17.04
C LEU A 362 -21.19 -12.89 18.22
N ARG A 363 -22.36 -13.48 18.01
CA ARG A 363 -23.25 -13.76 19.13
C ARG A 363 -22.55 -14.65 20.17
N ALA A 364 -21.94 -15.76 19.76
CA ALA A 364 -21.32 -16.69 20.75
C ALA A 364 -20.11 -16.03 21.39
N ASN A 365 -19.24 -15.42 20.61
CA ASN A 365 -18.04 -14.81 21.22
C ASN A 365 -18.38 -13.70 22.19
N GLY A 366 -19.38 -12.90 21.83
CA GLY A 366 -19.76 -11.72 22.61
C GLY A 366 -20.66 -11.97 23.81
N GLY A 367 -21.14 -13.21 23.97
CA GLY A 367 -21.97 -13.54 25.13
C GLY A 367 -23.37 -13.06 24.85
N ASN A 368 -23.81 -13.25 23.61
CA ASN A 368 -25.15 -12.90 23.16
C ASN A 368 -25.54 -11.42 23.39
N LYS A 369 -24.53 -10.55 23.30
CA LYS A 369 -24.80 -9.12 23.16
C LYS A 369 -24.98 -8.79 21.69
N ALA A 370 -25.72 -7.73 21.46
CA ALA A 370 -26.18 -7.37 20.13
C ALA A 370 -25.06 -7.16 19.10
N VAL A 371 -25.48 -7.33 17.86
CA VAL A 371 -24.61 -7.31 16.68
C VAL A 371 -25.27 -6.50 15.59
N VAL A 372 -24.53 -5.54 15.03
CA VAL A 372 -25.03 -4.69 13.93
C VAL A 372 -24.13 -4.84 12.72
N LEU A 373 -24.69 -5.06 11.56
CA LEU A 373 -23.83 -5.18 10.36
C LEU A 373 -23.99 -3.97 9.48
N ALA A 374 -22.85 -3.45 9.01
CA ALA A 374 -22.83 -2.61 7.81
C ALA A 374 -22.60 -3.55 6.63
N ALA A 375 -23.49 -3.48 5.67
CA ALA A 375 -23.52 -4.47 4.60
C ALA A 375 -24.29 -3.81 3.47
N TYR A 376 -23.57 -3.00 2.70
CA TYR A 376 -24.17 -2.07 1.73
C TYR A 376 -24.88 -2.81 0.62
N MET A 377 -26.20 -2.76 0.60
CA MET A 377 -26.97 -3.56 -0.36
C MET A 377 -26.79 -3.10 -1.79
N ASN A 378 -26.80 -4.06 -2.73
CA ASN A 378 -26.68 -3.78 -4.15
C ASN A 378 -25.44 -2.88 -4.49
N TYR A 379 -24.36 -3.06 -3.74
CA TYR A 379 -23.19 -2.20 -3.82
C TYR A 379 -22.56 -2.14 -5.21
N ALA A 380 -22.47 -3.29 -5.87
CA ALA A 380 -21.76 -3.43 -7.13
C ALA A 380 -22.73 -3.28 -8.27
N ASP A 381 -24.01 -3.23 -7.97
CA ASP A 381 -25.03 -3.34 -9.03
C ASP A 381 -25.52 -1.94 -9.45
N ASN A 382 -25.71 -1.70 -10.76
CA ASN A 382 -26.19 -0.39 -11.26
C ASN A 382 -27.69 -0.63 -11.46
N ALA A 383 -28.36 -0.80 -10.31
CA ALA A 383 -29.73 -1.30 -10.26
C ALA A 383 -30.76 -0.17 -10.39
N GLY A 384 -31.88 -0.47 -11.07
CA GLY A 384 -32.94 0.53 -11.37
C GLY A 384 -33.40 0.52 -12.82
N THR A 385 -34.37 1.36 -13.17
CA THR A 385 -34.74 1.53 -14.58
C THR A 385 -33.61 2.21 -15.42
N ARG A 386 -33.27 1.61 -16.55
CA ARG A 386 -32.15 2.05 -17.38
C ARG A 386 -32.63 2.75 -18.65
N TYR A 387 -32.08 3.91 -18.92
CA TYR A 387 -32.24 4.56 -20.21
C TYR A 387 -30.89 4.50 -20.89
N GLU A 388 -30.80 3.68 -21.92
CA GLU A 388 -29.57 3.50 -22.69
C GLU A 388 -29.22 4.80 -23.36
N ALA A 389 -27.95 5.16 -23.42
CA ALA A 389 -27.50 6.44 -23.97
C ALA A 389 -27.63 6.52 -25.51
N GLU A 390 -27.43 5.39 -26.15
CA GLU A 390 -27.58 5.25 -27.58
C GLU A 390 -29.05 5.26 -28.03
N SER A 391 -29.99 5.13 -27.09
CA SER A 391 -31.40 5.26 -27.40
C SER A 391 -31.91 6.63 -26.97
N ALA A 392 -31.00 7.56 -26.71
CA ALA A 392 -31.36 8.92 -26.29
C ALA A 392 -31.24 9.95 -27.44
N SER A 393 -31.34 11.23 -27.11
CA SER A 393 -31.19 12.31 -28.09
C SER A 393 -29.85 13.01 -27.92
N MET A 394 -28.95 12.75 -28.85
CA MET A 394 -27.61 13.24 -28.75
C MET A 394 -27.25 14.22 -29.86
N THR A 395 -26.58 15.28 -29.46
CA THR A 395 -26.14 16.31 -30.38
C THR A 395 -24.61 16.32 -30.47
N ASN A 396 -24.09 16.14 -31.69
CA ASN A 396 -22.64 16.23 -32.03
C ASN A 396 -21.82 15.07 -31.48
N VAL A 397 -22.50 13.98 -31.17
CA VAL A 397 -21.84 12.78 -30.70
C VAL A 397 -22.63 11.64 -31.28
N SER A 398 -21.98 10.49 -31.46
CA SER A 398 -22.58 9.35 -32.13
C SER A 398 -22.27 8.01 -31.43
N THR A 399 -23.03 6.98 -31.76
CA THR A 399 -22.86 5.68 -31.10
C THR A 399 -21.61 4.97 -31.58
N ASN A 400 -21.30 3.86 -30.92
CA ASN A 400 -20.12 3.03 -31.23
C ASN A 400 -20.22 1.74 -30.46
N THR A 401 -19.33 0.78 -30.70
CA THR A 401 -19.40 -0.53 -30.06
C THR A 401 -18.03 -1.14 -29.76
N ASN A 402 -16.99 -0.31 -29.70
CA ASN A 402 -15.61 -0.77 -29.84
C ASN A 402 -14.80 -0.79 -28.54
N HIS A 403 -15.43 -1.24 -27.47
CA HIS A 403 -14.81 -1.38 -26.14
C HIS A 403 -15.78 -2.25 -25.38
N ALA A 404 -15.36 -3.42 -24.89
CA ALA A 404 -16.37 -4.43 -24.49
C ALA A 404 -17.09 -4.09 -23.17
N GLY A 405 -18.15 -4.86 -22.87
CA GLY A 405 -18.85 -4.72 -21.59
C GLY A 405 -20.00 -3.72 -21.52
N TYR A 406 -20.12 -2.83 -22.52
CA TYR A 406 -21.25 -1.91 -22.59
C TYR A 406 -22.55 -2.72 -22.53
N THR A 407 -23.60 -2.09 -21.98
CA THR A 407 -24.95 -2.66 -21.96
C THR A 407 -25.74 -2.16 -23.21
N GLY A 408 -26.70 -2.98 -23.60
CA GLY A 408 -27.54 -2.70 -24.74
C GLY A 408 -26.80 -2.93 -26.03
N SER A 409 -27.13 -2.12 -27.04
CA SER A 409 -26.59 -2.25 -28.39
C SER A 409 -25.30 -1.45 -28.56
N GLY A 410 -25.05 -0.52 -27.65
CA GLY A 410 -23.77 0.19 -27.69
C GLY A 410 -23.60 1.24 -26.62
N PHE A 411 -22.96 2.34 -26.99
CA PHE A 411 -22.81 3.44 -26.08
C PHE A 411 -22.44 4.66 -26.89
N VAL A 412 -22.56 5.86 -26.30
CA VAL A 412 -22.16 7.09 -26.95
C VAL A 412 -20.69 7.38 -26.68
N ASP A 413 -19.95 7.78 -27.70
CA ASP A 413 -18.52 8.07 -27.55
C ASP A 413 -18.13 9.44 -28.05
N GLN A 414 -16.88 9.80 -27.80
CA GLN A 414 -16.33 11.10 -28.16
C GLN A 414 -17.22 12.19 -27.66
N PHE A 415 -17.71 12.04 -26.43
CA PHE A 415 -18.45 13.10 -25.75
C PHE A 415 -17.38 14.00 -25.15
N ALA A 416 -16.92 14.95 -25.95
CA ALA A 416 -15.60 15.52 -25.72
C ALA A 416 -15.37 16.99 -26.00
N SER A 417 -16.38 17.75 -26.46
CA SER A 417 -16.20 19.22 -26.70
C SER A 417 -17.47 20.05 -26.61
N THR A 418 -17.26 21.35 -26.40
CA THR A 418 -18.34 22.32 -26.30
C THR A 418 -19.37 22.15 -27.41
N GLY A 419 -20.65 22.17 -27.04
CA GLY A 419 -21.70 21.84 -27.96
C GLY A 419 -22.21 20.41 -27.92
N ASP A 420 -21.45 19.48 -27.37
CA ASP A 420 -21.93 18.09 -27.29
C ASP A 420 -23.02 17.96 -26.25
N LYS A 421 -23.94 17.01 -26.45
CA LYS A 421 -25.12 16.92 -25.62
C LYS A 421 -25.73 15.53 -25.67
N VAL A 422 -26.33 15.08 -24.57
CA VAL A 422 -27.09 13.84 -24.58
C VAL A 422 -28.25 14.05 -23.65
N SER A 423 -29.48 13.88 -24.18
CA SER A 423 -30.69 14.25 -23.46
C SER A 423 -31.55 13.01 -23.35
N PHE A 424 -32.00 12.69 -22.16
CA PHE A 424 -32.75 11.49 -21.96
C PHE A 424 -34.16 11.90 -21.65
N ALA A 425 -35.11 11.18 -22.23
CA ALA A 425 -36.53 11.33 -21.91
C ALA A 425 -36.91 10.26 -20.86
N ILE A 426 -37.04 10.69 -19.61
CA ILE A 426 -37.32 9.75 -18.52
C ILE A 426 -38.69 10.00 -17.95
N ASN A 427 -39.22 8.99 -17.29
CA ASN A 427 -40.45 9.08 -16.61
C ASN A 427 -40.33 8.62 -15.14
N ALA A 428 -40.83 9.46 -14.23
CA ALA A 428 -40.85 9.15 -12.80
C ALA A 428 -42.16 8.47 -12.44
N PRO A 429 -42.12 7.18 -12.04
CA PRO A 429 -43.40 6.49 -11.74
C PRO A 429 -44.19 7.04 -10.54
N GLU A 430 -43.53 7.80 -9.68
CA GLU A 430 -44.18 8.37 -8.48
C GLU A 430 -43.34 9.57 -8.04
N ALA A 431 -43.99 10.54 -7.42
CA ALA A 431 -43.27 11.65 -6.85
C ALA A 431 -42.16 11.19 -5.90
N GLY A 432 -41.03 11.86 -5.96
CA GLY A 432 -40.01 11.71 -4.96
C GLY A 432 -38.60 12.03 -5.47
N ASP A 433 -37.63 11.61 -4.68
CA ASP A 433 -36.21 11.68 -5.00
C ASP A 433 -35.81 10.58 -5.97
N TYR A 434 -34.97 10.94 -6.94
CA TYR A 434 -34.37 9.96 -7.84
C TYR A 434 -32.88 10.14 -7.91
N SER A 435 -32.20 9.00 -7.93
CA SER A 435 -30.75 8.92 -8.06
C SER A 435 -30.39 8.84 -9.56
N LEU A 436 -29.87 9.93 -10.12
CA LEU A 436 -29.54 9.94 -11.57
C LEU A 436 -28.12 9.44 -11.81
N VAL A 437 -27.99 8.18 -12.22
CA VAL A 437 -26.71 7.48 -12.19
C VAL A 437 -26.23 7.24 -13.60
N PHE A 438 -25.04 7.75 -13.94
CA PHE A 438 -24.49 7.53 -15.28
C PHE A 438 -23.39 6.47 -15.29
N ARG A 439 -23.54 5.42 -16.10
CA ARG A 439 -22.46 4.49 -16.38
C ARG A 439 -21.60 4.98 -17.56
N TYR A 440 -20.29 5.04 -17.34
CA TYR A 440 -19.36 5.75 -18.21
C TYR A 440 -18.00 5.12 -18.31
N GLY A 441 -17.19 5.67 -19.22
CA GLY A 441 -15.79 5.31 -19.37
C GLY A 441 -14.93 6.55 -19.49
N ASN A 442 -13.75 6.49 -18.90
CA ASN A 442 -12.79 7.61 -18.97
C ASN A 442 -11.38 7.05 -18.77
N ASN A 443 -10.53 7.25 -19.79
CA ASN A 443 -9.13 6.85 -19.75
C ASN A 443 -8.28 7.99 -20.31
N THR A 444 -8.69 9.22 -20.06
CA THR A 444 -7.97 10.38 -20.55
C THR A 444 -6.73 10.66 -19.72
N GLY A 445 -6.48 9.83 -18.70
CA GLY A 445 -5.53 10.14 -17.63
C GLY A 445 -5.85 11.37 -16.79
N ALA A 446 -7.11 11.82 -16.77
CA ALA A 446 -7.56 12.85 -15.80
C ALA A 446 -9.10 12.87 -15.60
N ASN A 447 -9.55 13.53 -14.52
CA ASN A 447 -10.99 13.74 -14.29
C ASN A 447 -11.62 14.43 -15.49
N SER A 448 -12.71 13.85 -16.00
CA SER A 448 -13.53 14.49 -17.00
C SER A 448 -14.77 15.06 -16.32
N THR A 449 -15.20 16.26 -16.70
CA THR A 449 -16.42 16.86 -16.17
C THR A 449 -17.50 16.95 -17.26
N LEU A 450 -18.74 17.25 -16.83
CA LEU A 450 -19.89 17.54 -17.71
C LEU A 450 -20.99 18.20 -16.88
N ASN A 451 -21.69 19.16 -17.44
CA ASN A 451 -22.79 19.81 -16.74
C ASN A 451 -24.14 19.07 -16.87
N LEU A 452 -24.87 19.02 -15.77
CA LEU A 452 -26.11 18.26 -15.71
C LEU A 452 -27.25 19.27 -15.60
N TYR A 453 -28.31 19.02 -16.37
CA TYR A 453 -29.46 19.88 -16.51
C TYR A 453 -30.68 18.98 -16.35
N VAL A 454 -31.63 19.41 -15.52
CA VAL A 454 -32.86 18.66 -15.30
C VAL A 454 -34.03 19.58 -15.66
N ASP A 455 -34.85 19.10 -16.60
CA ASP A 455 -35.88 19.93 -17.23
C ASP A 455 -35.38 21.33 -17.56
N GLY A 456 -34.22 21.41 -18.21
CA GLY A 456 -33.65 22.70 -18.69
C GLY A 456 -32.89 23.55 -17.66
N ASN A 457 -32.95 23.18 -16.37
CA ASN A 457 -32.24 23.94 -15.35
C ASN A 457 -30.93 23.23 -14.92
N PHE A 458 -29.81 23.92 -15.06
CA PHE A 458 -28.56 23.45 -14.51
C PHE A 458 -28.73 22.95 -13.06
N VAL A 459 -28.29 21.72 -12.80
CA VAL A 459 -28.42 21.14 -11.46
C VAL A 459 -27.04 20.95 -10.78
N GLN A 460 -26.03 20.56 -11.54
CA GLN A 460 -24.73 20.22 -10.96
C GLN A 460 -23.71 19.96 -12.06
N LYS A 461 -22.47 20.37 -11.85
CA LYS A 461 -21.34 19.85 -12.65
C LYS A 461 -20.92 18.51 -12.05
N LEU A 462 -21.06 17.45 -12.83
CA LEU A 462 -20.69 16.09 -12.40
C LEU A 462 -19.25 15.69 -12.83
N TYR A 463 -18.54 14.98 -11.95
CA TYR A 463 -17.21 14.47 -12.27
C TYR A 463 -17.31 13.04 -12.74
N PHE A 464 -16.44 12.70 -13.68
CA PHE A 464 -16.32 11.36 -14.18
C PHE A 464 -14.86 10.99 -13.99
N PHE A 465 -14.66 9.90 -13.26
CA PHE A 465 -13.32 9.64 -12.69
C PHE A 465 -12.49 8.89 -13.68
N ASN A 466 -11.23 9.29 -13.76
CA ASN A 466 -10.33 8.55 -14.59
C ASN A 466 -10.15 7.11 -14.13
N GLN A 467 -10.23 6.20 -15.10
CA GLN A 467 -10.10 4.78 -14.87
C GLN A 467 -8.80 4.31 -15.53
N SER A 468 -8.55 3.01 -15.50
CA SER A 468 -7.26 2.44 -15.93
C SER A 468 -7.18 2.25 -17.44
N SER A 469 -8.33 2.28 -18.10
CA SER A 469 -8.50 1.71 -19.43
C SER A 469 -9.91 2.05 -19.96
N TRP A 470 -10.00 2.45 -21.23
CA TRP A 470 -11.28 2.68 -21.91
C TRP A 470 -12.26 1.53 -21.85
N GLY A 471 -11.81 0.35 -21.44
CA GLY A 471 -12.69 -0.79 -21.28
C GLY A 471 -13.17 -1.01 -19.86
N THR A 472 -12.92 -0.05 -18.98
CA THR A 472 -13.30 -0.17 -17.57
C THR A 472 -14.50 0.76 -17.22
N TRP A 473 -15.69 0.18 -17.26
CA TRP A 473 -16.90 0.89 -17.00
C TRP A 473 -17.08 1.09 -15.48
N LYS A 474 -17.36 2.32 -15.07
CA LYS A 474 -17.79 2.69 -13.71
C LYS A 474 -19.17 3.37 -13.74
N HIS A 475 -19.86 3.44 -12.60
CA HIS A 475 -21.15 4.11 -12.57
C HIS A 475 -21.33 4.94 -11.33
N ASP A 476 -20.27 5.63 -10.93
CA ASP A 476 -20.26 6.41 -9.67
C ASP A 476 -20.30 7.94 -9.93
N ALA A 477 -20.84 8.29 -11.10
CA ALA A 477 -21.26 9.66 -11.36
C ALA A 477 -22.78 9.68 -11.25
N TRP A 478 -23.28 10.41 -10.27
CA TRP A 478 -24.68 10.42 -9.95
C TRP A 478 -24.97 11.80 -9.39
N TYR A 479 -26.25 12.14 -9.35
CA TYR A 479 -26.71 13.26 -8.54
C TYR A 479 -28.16 12.94 -8.22
N GLN A 480 -28.61 13.31 -7.02
CA GLN A 480 -29.97 12.94 -6.59
C GLN A 480 -30.77 14.20 -6.75
N VAL A 481 -32.03 14.07 -7.19
CA VAL A 481 -32.90 15.22 -7.38
C VAL A 481 -34.35 14.92 -7.02
N PRO A 482 -35.08 15.97 -6.55
CA PRO A 482 -36.52 15.87 -6.38
C PRO A 482 -37.22 15.85 -7.75
N LEU A 483 -38.12 14.89 -7.94
CA LEU A 483 -38.96 14.79 -9.12
C LEU A 483 -40.46 14.53 -8.84
N THR A 484 -41.27 15.21 -9.66
CA THR A 484 -42.72 15.05 -9.70
C THR A 484 -43.02 13.86 -10.56
N GLN A 485 -44.12 13.17 -10.28
CA GLN A 485 -44.55 12.07 -11.14
C GLN A 485 -44.75 12.59 -12.56
N GLY A 486 -44.44 11.76 -13.54
CA GLY A 486 -44.58 12.11 -14.94
C GLY A 486 -43.25 12.17 -15.69
N ALA A 487 -43.33 12.74 -16.89
CA ALA A 487 -42.20 12.87 -17.79
C ALA A 487 -41.17 13.83 -17.26
N HIS A 488 -39.89 13.60 -17.55
CA HIS A 488 -38.85 14.63 -17.34
C HIS A 488 -37.70 14.48 -18.34
N THR A 489 -36.95 15.57 -18.45
CA THR A 489 -35.79 15.65 -19.32
C THR A 489 -34.54 15.71 -18.45
N VAL A 490 -33.59 14.79 -18.69
CA VAL A 490 -32.25 14.82 -18.02
C VAL A 490 -31.11 14.92 -19.02
N GLU A 491 -30.32 15.99 -18.92
CA GLU A 491 -29.38 16.33 -20.00
C GLU A 491 -27.97 16.60 -19.51
N LEU A 492 -27.01 15.82 -20.01
CA LEU A 492 -25.61 16.16 -19.88
C LEU A 492 -25.19 17.00 -21.07
N ARG A 493 -24.66 18.18 -20.80
CA ARG A 493 -24.05 19.06 -21.79
C ARG A 493 -22.56 19.23 -21.51
N TYR A 494 -21.75 19.12 -22.55
CA TYR A 494 -20.37 19.57 -22.52
C TYR A 494 -20.42 21.05 -22.91
N GLU A 495 -19.96 21.88 -22.00
CA GLU A 495 -19.96 23.33 -22.19
C GLU A 495 -18.58 23.85 -21.85
N SER A 496 -18.46 25.16 -21.80
CA SER A 496 -17.19 25.81 -21.79
C SER A 496 -16.87 26.04 -20.35
N GLY A 497 -15.92 25.27 -19.83
CA GLY A 497 -15.74 25.08 -18.39
C GLY A 497 -15.64 23.61 -18.01
N ASN A 498 -16.27 22.75 -18.78
CA ASN A 498 -16.06 21.33 -18.65
C ASN A 498 -14.68 20.92 -19.19
N VAL A 499 -14.26 19.70 -18.84
CA VAL A 499 -12.94 19.17 -19.22
C VAL A 499 -12.97 17.67 -19.57
N GLY A 500 -12.10 17.28 -20.48
CA GLY A 500 -11.83 15.88 -20.74
C GLY A 500 -12.82 15.25 -21.67
N ALA A 501 -13.23 14.02 -21.37
CA ALA A 501 -14.05 13.28 -22.26
C ALA A 501 -14.53 12.02 -21.58
N VAL A 502 -15.71 11.59 -21.96
CA VAL A 502 -16.23 10.30 -21.50
C VAL A 502 -16.95 9.57 -22.61
N ASN A 503 -16.95 8.25 -22.57
CA ASN A 503 -17.93 7.48 -23.30
C ASN A 503 -19.11 7.33 -22.36
N LEU A 504 -20.35 7.22 -22.88
CA LEU A 504 -21.53 7.18 -22.04
C LEU A 504 -22.39 6.02 -22.39
N ASP A 505 -22.54 5.07 -21.47
CA ASP A 505 -23.25 3.83 -21.75
C ASP A 505 -24.78 3.95 -21.50
N SER A 506 -25.15 4.67 -20.45
CA SER A 506 -26.52 4.66 -19.99
C SER A 506 -26.69 5.59 -18.83
N LEU A 507 -27.93 6.00 -18.59
CA LEU A 507 -28.39 6.65 -17.36
C LEU A 507 -29.32 5.66 -16.66
N THR A 508 -29.21 5.59 -15.34
CA THR A 508 -30.05 4.69 -14.51
C THR A 508 -30.61 5.48 -13.34
N LEU A 509 -31.87 5.19 -13.04
CA LEU A 509 -32.56 5.75 -11.91
C LEU A 509 -32.21 4.82 -10.75
N GLY A 510 -31.13 5.14 -10.06
CA GLY A 510 -30.55 4.19 -9.10
C GLY A 510 -31.52 3.78 -8.01
N THR A 511 -31.81 2.51 -7.94
CA THR A 511 -32.90 2.06 -7.08
C THR A 511 -32.51 0.79 -6.32
N PHE A 512 -32.56 0.81 -4.99
CA PHE A 512 -32.38 -0.40 -4.22
C PHE A 512 -33.45 -1.38 -4.64
N ASP A 513 -33.07 -2.63 -4.79
CA ASP A 513 -33.97 -3.69 -5.18
C ASP A 513 -34.68 -4.22 -3.95
N GLU A 514 -36.00 -3.99 -3.90
CA GLU A 514 -36.85 -4.51 -2.82
C GLU A 514 -36.56 -5.95 -2.39
N HIS A 515 -36.43 -6.81 -3.38
CA HIS A 515 -36.40 -8.21 -3.13
C HIS A 515 -35.15 -8.57 -2.32
N SER A 516 -33.98 -8.06 -2.73
CA SER A 516 -32.71 -8.51 -2.13
C SER A 516 -32.64 -7.95 -0.75
N VAL A 517 -33.14 -6.73 -0.67
CA VAL A 517 -33.10 -5.97 0.54
C VAL A 517 -33.94 -6.63 1.62
N ARG A 518 -35.19 -7.02 1.27
CA ARG A 518 -36.07 -7.79 2.17
C ARG A 518 -35.42 -9.09 2.64
N LEU A 519 -34.87 -9.85 1.71
CA LEU A 519 -34.22 -11.16 2.01
C LEU A 519 -32.94 -11.08 2.85
N ALA A 520 -32.09 -10.11 2.57
CA ALA A 520 -30.90 -9.95 3.42
C ALA A 520 -31.30 -9.54 4.87
N ASP A 521 -32.25 -8.61 5.00
CA ASP A 521 -32.63 -8.18 6.35
C ASP A 521 -33.26 -9.37 7.14
N ALA A 522 -34.12 -10.14 6.48
CA ALA A 522 -34.67 -11.38 7.09
C ALA A 522 -33.55 -12.29 7.58
N MET A 523 -32.62 -12.57 6.67
CA MET A 523 -31.48 -13.43 6.99
C MET A 523 -30.74 -12.89 8.19
N MET A 524 -30.49 -11.59 8.16
CA MET A 524 -29.72 -10.96 9.25
C MET A 524 -30.39 -11.08 10.59
N SER A 525 -31.66 -10.78 10.63
CA SER A 525 -32.31 -10.72 11.94
C SER A 525 -32.72 -12.11 12.43
N ALA A 526 -33.06 -12.98 11.50
CA ALA A 526 -33.36 -14.37 11.86
C ALA A 526 -32.14 -15.01 12.47
N SER A 527 -30.96 -14.55 12.05
CA SER A 527 -29.69 -15.02 12.56
C SER A 527 -29.27 -14.40 13.87
N GLY A 528 -29.86 -13.29 14.28
CA GLY A 528 -29.39 -12.56 15.48
C GLY A 528 -28.71 -11.18 15.30
N ALA A 529 -28.86 -10.54 14.14
CA ALA A 529 -28.21 -9.25 13.95
C ALA A 529 -29.16 -8.19 13.40
N THR A 530 -28.78 -6.93 13.56
CA THR A 530 -29.44 -5.86 12.79
C THR A 530 -28.44 -5.22 11.82
N HIS A 531 -28.94 -4.22 11.10
CA HIS A 531 -28.39 -3.74 9.87
C HIS A 531 -28.47 -2.23 9.90
N ILE A 532 -27.31 -1.59 9.89
CA ILE A 532 -27.27 -0.17 9.71
C ILE A 532 -27.46 0.12 8.23
N GLU A 533 -28.64 0.62 7.88
CA GLU A 533 -28.95 0.84 6.51
C GLU A 533 -29.79 2.06 6.25
N LEU A 534 -30.19 2.81 7.27
CA LEU A 534 -31.12 3.92 7.02
C LEU A 534 -30.58 5.17 7.69
N GLY A 535 -30.75 6.31 7.05
CA GLY A 535 -30.28 7.55 7.67
C GLY A 535 -30.62 8.85 6.95
N ASP A 536 -30.11 9.95 7.48
CA ASP A 536 -30.52 11.27 7.00
C ASP A 536 -32.02 11.25 6.65
N ASP A 537 -32.41 11.88 5.56
CA ASP A 537 -33.82 12.13 5.30
C ASP A 537 -34.44 10.93 4.56
N ASN A 538 -34.55 9.81 5.28
CA ASN A 538 -35.10 8.56 4.74
C ASN A 538 -34.29 8.01 3.61
N GLN A 539 -32.95 8.15 3.70
CA GLN A 539 -32.03 7.52 2.74
C GLN A 539 -31.65 6.15 3.22
N MET A 540 -31.35 5.27 2.28
CA MET A 540 -30.78 3.93 2.55
C MET A 540 -29.32 3.89 2.08
N LEU A 541 -28.47 3.22 2.83
CA LEU A 541 -27.01 3.35 2.69
C LEU A 541 -26.48 2.61 1.48
N PRO A 542 -25.96 3.35 0.48
CA PRO A 542 -25.49 2.59 -0.69
C PRO A 542 -23.97 2.38 -0.73
N HIS A 543 -23.21 3.06 0.12
CA HIS A 543 -21.72 3.00 0.06
C HIS A 543 -21.11 3.34 1.45
N GLU A 544 -19.85 2.98 1.69
CA GLU A 544 -19.16 3.32 2.95
C GLU A 544 -19.06 4.81 3.26
N TYR A 545 -19.02 5.67 2.25
CA TYR A 545 -19.08 7.11 2.42
C TYR A 545 -20.57 7.43 2.49
N TYR A 546 -21.05 7.76 3.70
CA TYR A 546 -22.49 7.82 3.99
C TYR A 546 -23.26 8.87 3.17
N PRO A 547 -22.63 10.00 2.81
CA PRO A 547 -23.34 11.00 1.97
C PRO A 547 -23.61 10.62 0.51
N ASN A 548 -23.26 9.41 0.12
CA ASN A 548 -23.61 8.86 -1.17
C ASN A 548 -25.10 8.60 -1.27
N ARG A 549 -25.72 9.16 -2.30
CA ARG A 549 -27.12 8.95 -2.57
C ARG A 549 -27.27 8.43 -3.99
N SER A 550 -26.39 7.50 -4.37
CA SER A 550 -26.38 6.93 -5.69
C SER A 550 -27.50 5.91 -5.88
N LYS A 551 -28.26 5.62 -4.81
CA LYS A 551 -29.47 4.83 -4.95
C LYS A 551 -30.52 5.37 -4.00
N THR A 552 -31.80 5.22 -4.32
CA THR A 552 -32.89 5.71 -3.50
C THR A 552 -33.89 4.54 -3.25
N MET A 553 -34.63 4.57 -2.14
CA MET A 553 -35.78 3.67 -1.98
C MET A 553 -37.03 4.19 -2.70
N ARG A 554 -37.75 3.32 -3.38
CA ARG A 554 -39.09 3.68 -3.85
C ARG A 554 -40.16 3.23 -2.84
N SER A 555 -41.39 3.68 -3.07
CA SER A 555 -42.41 3.66 -2.02
C SER A 555 -42.67 2.25 -1.53
N SER A 556 -42.62 1.30 -2.44
CA SER A 556 -42.90 -0.09 -2.15
C SER A 556 -41.91 -0.70 -1.16
N LEU A 557 -40.64 -0.29 -1.24
CA LEU A 557 -39.62 -0.82 -0.37
C LEU A 557 -39.72 -0.05 0.93
N LYS A 558 -39.96 1.24 0.86
CA LYS A 558 -40.18 2.00 2.09
C LYS A 558 -41.22 1.23 2.98
N ASN A 559 -42.38 0.91 2.43
CA ASN A 559 -43.38 0.19 3.19
C ASN A 559 -42.85 -1.14 3.71
N ALA A 560 -42.09 -1.84 2.90
CA ALA A 560 -41.54 -3.11 3.35
C ALA A 560 -40.57 -2.88 4.49
N MET A 561 -39.88 -1.74 4.50
CA MET A 561 -38.90 -1.52 5.56
C MET A 561 -39.66 -1.18 6.87
N LYS A 562 -40.72 -0.41 6.75
CA LYS A 562 -41.55 -0.11 7.94
C LYS A 562 -42.07 -1.45 8.54
N ASP A 563 -42.58 -2.38 7.70
CA ASP A 563 -43.04 -3.69 8.20
C ASP A 563 -41.92 -4.44 8.93
N HIS A 564 -40.75 -4.49 8.29
CA HIS A 564 -39.57 -5.15 8.80
C HIS A 564 -39.10 -4.62 10.15
N TYR A 565 -39.08 -3.31 10.26
CA TYR A 565 -38.52 -2.66 11.45
C TYR A 565 -39.55 -2.74 12.59
N ASN A 566 -40.82 -2.77 12.23
CA ASN A 566 -41.84 -3.11 13.22
C ASN A 566 -41.61 -4.55 13.72
N PHE A 567 -41.28 -5.43 12.79
CA PHE A 567 -41.23 -6.84 13.09
C PHE A 567 -40.03 -7.12 13.98
N ILE A 568 -38.89 -6.49 13.70
CA ILE A 568 -37.74 -6.69 14.56
C ILE A 568 -37.81 -5.96 15.87
N THR A 569 -38.75 -5.05 16.02
CA THR A 569 -38.95 -4.41 17.30
C THR A 569 -39.99 -5.29 18.05
N ALA A 570 -41.15 -5.51 17.46
CA ALA A 570 -42.22 -6.35 18.09
C ALA A 570 -41.69 -7.68 18.64
N TYR A 571 -40.86 -8.36 17.87
CA TYR A 571 -40.42 -9.71 18.18
C TYR A 571 -38.96 -9.77 18.65
N GLU A 572 -38.44 -8.68 19.22
CA GLU A 572 -36.99 -8.61 19.48
C GLU A 572 -36.56 -9.67 20.54
N ASN A 573 -37.48 -10.01 21.43
CA ASN A 573 -37.18 -11.01 22.47
C ASN A 573 -36.88 -12.37 21.87
N LEU A 574 -37.48 -12.62 20.71
CA LEU A 574 -37.32 -13.88 20.04
C LEU A 574 -36.16 -13.85 19.06
N LEU A 575 -35.69 -12.65 18.73
CA LEU A 575 -34.66 -12.49 17.71
C LEU A 575 -33.31 -12.26 18.35
N PHE A 576 -33.22 -11.37 19.33
CA PHE A 576 -31.93 -10.90 19.85
C PHE A 576 -31.73 -11.02 21.34
N ASP A 577 -32.67 -11.64 22.06
CA ASP A 577 -32.54 -11.62 23.51
C ASP A 577 -31.24 -12.33 23.87
N SER A 578 -30.74 -12.14 25.10
CA SER A 578 -29.54 -12.81 25.63
C SER A 578 -29.66 -14.35 25.74
N ASP A 579 -30.89 -14.88 25.77
CA ASP A 579 -31.16 -16.33 25.80
C ASP A 579 -31.64 -16.91 24.44
N VAL A 580 -31.47 -16.15 23.35
CA VAL A 580 -31.71 -16.69 22.00
C VAL A 580 -30.40 -17.29 21.50
N VAL A 581 -30.45 -18.57 21.13
CA VAL A 581 -29.28 -19.39 20.76
C VAL A 581 -29.60 -20.31 19.57
N PRO A 582 -28.54 -20.80 18.87
CA PRO A 582 -28.80 -21.76 17.80
C PRO A 582 -29.30 -23.09 18.37
N ASN A 583 -30.20 -23.75 17.64
CA ASN A 583 -30.70 -25.03 18.03
C ASN A 583 -30.52 -25.96 16.87
N ASP A 584 -29.37 -25.88 16.21
CA ASP A 584 -29.10 -26.70 15.01
C ASP A 584 -28.08 -27.80 15.36
N THR A 585 -28.46 -28.61 16.33
CA THR A 585 -27.57 -29.60 16.95
C THR A 585 -28.01 -31.04 16.60
N GLY A 586 -28.39 -31.25 15.34
CA GLY A 586 -28.56 -32.62 14.78
C GLY A 586 -29.94 -33.25 14.89
N SER A 587 -30.65 -32.94 15.98
CA SER A 587 -31.96 -33.53 16.32
C SER A 587 -33.16 -32.98 15.51
N GLN A 588 -32.90 -32.06 14.56
CA GLN A 588 -33.96 -31.27 13.92
C GLN A 588 -33.82 -31.09 12.41
N PHE A 589 -34.61 -31.87 11.68
CA PHE A 589 -34.88 -31.68 10.26
C PHE A 589 -36.22 -30.94 10.16
N VAL A 590 -36.51 -30.46 8.96
CA VAL A 590 -37.79 -29.81 8.66
C VAL A 590 -38.24 -30.31 7.30
N ASN A 591 -39.50 -30.75 7.20
CA ASN A 591 -40.03 -31.19 5.92
C ASN A 591 -41.09 -30.26 5.36
N LEU A 592 -41.00 -29.99 4.06
CA LEU A 592 -41.97 -29.16 3.37
C LEU A 592 -42.38 -29.90 2.12
N THR A 593 -43.70 -30.11 2.00
CA THR A 593 -44.24 -30.86 0.88
C THR A 593 -44.41 -29.96 -0.34
N GLY A 594 -43.90 -30.41 -1.48
CA GLY A 594 -44.07 -29.71 -2.74
C GLY A 594 -42.92 -28.77 -3.12
N VAL A 595 -42.05 -28.42 -2.17
CA VAL A 595 -40.88 -27.56 -2.48
C VAL A 595 -39.61 -28.06 -1.80
N SER A 596 -38.49 -27.74 -2.44
CA SER A 596 -37.15 -28.00 -1.95
C SER A 596 -36.88 -27.16 -0.71
N ALA A 597 -36.44 -27.82 0.36
CA ALA A 597 -36.01 -27.14 1.59
C ALA A 597 -34.52 -27.40 1.86
N SER A 598 -33.86 -26.49 2.57
CA SER A 598 -32.43 -26.64 2.91
C SER A 598 -32.10 -25.90 4.20
N GLY A 599 -31.12 -26.42 4.93
CA GLY A 599 -30.74 -25.93 6.26
C GLY A 599 -29.50 -25.06 6.20
N ASP A 600 -28.94 -24.94 5.01
CA ASP A 600 -27.69 -24.21 4.80
C ASP A 600 -27.94 -23.08 3.79
N GLY A 601 -29.20 -22.76 3.56
CA GLY A 601 -29.55 -21.66 2.65
C GLY A 601 -29.01 -21.81 1.26
N SER A 602 -29.45 -22.88 0.59
CA SER A 602 -29.03 -23.17 -0.77
C SER A 602 -29.96 -22.46 -1.76
N ALA A 603 -29.42 -22.12 -2.93
CA ALA A 603 -30.14 -21.41 -3.95
C ALA A 603 -31.43 -22.16 -4.27
N ASN A 604 -32.42 -21.43 -4.71
CA ASN A 604 -33.69 -22.04 -5.07
C ASN A 604 -34.28 -23.01 -4.02
N THR A 605 -34.13 -22.72 -2.73
CA THR A 605 -34.87 -23.46 -1.68
C THR A 605 -35.63 -22.60 -0.67
N VAL A 606 -36.42 -23.27 0.15
CA VAL A 606 -36.88 -22.65 1.37
C VAL A 606 -35.87 -23.00 2.44
N TRP A 607 -35.21 -21.99 2.96
CA TRP A 607 -34.21 -22.13 3.99
C TRP A 607 -34.89 -22.17 5.35
N TYR A 608 -34.54 -23.17 6.16
CA TYR A 608 -34.97 -23.17 7.55
C TYR A 608 -33.76 -23.01 8.45
N ILE A 609 -33.93 -22.16 9.45
CA ILE A 609 -32.93 -21.92 10.48
C ILE A 609 -33.59 -22.20 11.82
N ASN A 610 -32.90 -22.99 12.66
CA ASN A 610 -33.38 -23.37 13.99
C ASN A 610 -32.63 -22.67 15.11
N LYS A 611 -33.41 -21.93 15.89
CA LYS A 611 -32.92 -21.24 17.07
C LYS A 611 -33.90 -21.61 18.17
N ARG A 612 -33.47 -21.43 19.42
CA ARG A 612 -34.36 -21.64 20.57
C ARG A 612 -34.08 -20.73 21.78
N THR A 613 -35.09 -20.65 22.64
CA THR A 613 -34.97 -20.07 23.98
C THR A 613 -35.54 -21.05 25.00
N SER A 614 -35.51 -20.62 26.26
CA SER A 614 -36.06 -21.37 27.38
C SER A 614 -37.51 -21.84 27.22
N ASP A 615 -38.32 -21.11 26.45
CA ASP A 615 -39.76 -21.44 26.35
C ASP A 615 -40.28 -21.70 24.96
N TYR A 616 -39.47 -21.45 23.92
CA TYR A 616 -39.95 -21.51 22.52
C TYR A 616 -38.99 -22.25 21.57
N ASN A 617 -39.58 -23.08 20.70
CA ASN A 617 -38.90 -23.62 19.54
C ASN A 617 -39.17 -22.72 18.34
N ILE A 618 -38.13 -22.05 17.88
CA ILE A 618 -38.21 -21.03 16.83
C ILE A 618 -37.64 -21.54 15.52
N VAL A 619 -38.48 -21.64 14.51
CA VAL A 619 -37.98 -21.97 13.19
C VAL A 619 -38.33 -20.84 12.22
N HIS A 620 -37.30 -20.28 11.59
CA HIS A 620 -37.44 -19.28 10.54
C HIS A 620 -37.47 -19.98 9.18
N LEU A 621 -38.34 -19.52 8.28
CA LEU A 621 -38.28 -19.85 6.87
C LEU A 621 -37.94 -18.62 6.03
N ILE A 622 -36.85 -18.71 5.29
CA ILE A 622 -36.55 -17.70 4.32
C ILE A 622 -36.63 -18.30 2.94
N ASN A 623 -37.28 -17.59 2.05
CA ASN A 623 -37.71 -18.10 0.77
C ASN A 623 -36.78 -17.69 -0.38
N LEU A 624 -35.85 -18.60 -0.68
CA LEU A 624 -34.83 -18.39 -1.69
C LEU A 624 -35.29 -19.02 -3.01
N LEU A 625 -36.56 -19.41 -3.08
CA LEU A 625 -37.04 -20.05 -4.28
C LEU A 625 -37.00 -19.04 -5.38
N GLY A 626 -36.27 -19.39 -6.45
CA GLY A 626 -36.20 -18.54 -7.65
C GLY A 626 -35.04 -17.57 -7.66
N ASN A 627 -34.14 -17.74 -6.70
CA ASN A 627 -33.07 -16.77 -6.44
C ASN A 627 -31.81 -17.49 -6.00
N ASP A 628 -30.66 -16.85 -6.21
CA ASP A 628 -29.36 -17.46 -5.89
C ASP A 628 -29.07 -17.29 -4.42
N ASN A 629 -27.89 -17.73 -3.99
CA ASN A 629 -27.52 -17.73 -2.57
C ASN A 629 -26.60 -16.58 -2.12
N GLN A 630 -26.41 -15.58 -2.97
CA GLN A 630 -25.66 -14.38 -2.57
C GLN A 630 -26.58 -13.35 -1.82
N TRP A 631 -26.09 -12.75 -0.73
CA TRP A 631 -26.92 -11.78 0.08
C TRP A 631 -26.97 -10.33 -0.49
N ARG A 632 -25.88 -9.90 -1.14
CA ARG A 632 -25.74 -8.48 -1.49
C ARG A 632 -26.38 -8.03 -2.84
N ASN A 633 -26.32 -8.92 -3.84
CA ASN A 633 -26.78 -8.65 -5.22
C ASN A 633 -28.31 -8.58 -5.36
N THR A 634 -28.75 -7.97 -6.46
CA THR A 634 -30.18 -7.85 -6.82
C THR A 634 -30.81 -9.20 -7.11
N ALA A 635 -32.13 -9.23 -7.21
CA ALA A 635 -32.84 -10.51 -7.15
C ALA A 635 -34.27 -10.34 -7.55
N SER A 636 -34.92 -11.43 -7.94
CA SER A 636 -36.29 -11.33 -8.42
C SER A 636 -37.21 -11.68 -7.29
N GLN A 637 -38.45 -11.23 -7.42
CA GLN A 637 -39.51 -11.63 -6.52
C GLN A 637 -39.35 -13.15 -6.28
N PRO A 638 -39.44 -13.62 -5.04
CA PRO A 638 -39.43 -15.07 -4.87
C PRO A 638 -40.71 -15.76 -5.38
N SER A 639 -40.67 -17.08 -5.44
CA SER A 639 -41.85 -17.90 -5.77
C SER A 639 -42.72 -18.02 -4.55
N PHE A 640 -43.75 -17.19 -4.51
CA PHE A 640 -44.61 -17.20 -3.33
C PHE A 640 -45.36 -18.52 -3.22
N GLN A 641 -45.65 -18.89 -1.99
CA GLN A 641 -46.27 -20.15 -1.70
C GLN A 641 -47.45 -19.92 -0.72
N THR A 642 -48.40 -20.85 -0.81
CA THR A 642 -49.63 -20.79 -0.02
C THR A 642 -50.04 -22.23 0.33
N ASN A 643 -50.59 -22.43 1.53
CA ASN A 643 -51.09 -23.74 1.97
C ASN A 643 -49.97 -24.79 1.77
N LEU A 644 -48.84 -24.50 2.39
CA LEU A 644 -47.62 -25.24 2.22
C LEU A 644 -47.54 -26.18 3.39
N PRO A 645 -47.62 -27.51 3.14
CA PRO A 645 -47.49 -28.42 4.30
C PRO A 645 -46.09 -28.42 4.87
N ALA A 646 -45.99 -28.23 6.19
CA ALA A 646 -44.73 -28.37 6.88
C ALA A 646 -44.79 -29.47 7.95
N LYS A 647 -43.65 -30.10 8.17
CA LYS A 647 -43.46 -31.07 9.23
C LYS A 647 -42.16 -30.73 9.95
N ILE A 648 -42.23 -30.54 11.26
CA ILE A 648 -41.04 -30.23 12.06
C ILE A 648 -40.71 -31.38 13.01
N TYR A 649 -39.60 -32.04 12.74
CA TYR A 649 -39.03 -33.02 13.66
C TYR A 649 -38.42 -32.25 14.81
N ILE A 650 -38.77 -32.64 16.02
CA ILE A 650 -38.39 -31.91 17.22
C ILE A 650 -37.38 -32.75 18.03
N GLY A 651 -37.14 -32.40 19.30
CA GLY A 651 -36.43 -33.30 20.22
C GLY A 651 -37.36 -34.44 20.61
N ALA A 652 -36.78 -35.58 21.03
CA ALA A 652 -37.60 -36.74 21.45
C ALA A 652 -38.44 -36.44 22.72
N ASP A 653 -37.98 -35.47 23.53
CA ASP A 653 -38.60 -35.08 24.81
C ASP A 653 -39.64 -33.92 24.76
N GLU A 654 -39.30 -32.83 24.06
CA GLU A 654 -40.07 -31.57 24.07
C GLU A 654 -41.56 -31.77 23.80
N THR A 655 -42.39 -30.87 24.35
CA THR A 655 -43.83 -30.93 24.12
C THR A 655 -44.43 -29.56 23.70
N ILE A 656 -44.98 -29.52 22.48
CA ILE A 656 -45.51 -28.30 21.88
C ILE A 656 -46.96 -28.01 22.29
N SER A 657 -47.13 -26.98 23.14
CA SER A 657 -48.43 -26.44 23.56
C SER A 657 -49.17 -25.82 22.37
N ASP A 658 -48.47 -24.92 21.67
CA ASP A 658 -49.06 -24.13 20.59
C ASP A 658 -48.03 -23.76 19.54
N VAL A 659 -48.52 -23.47 18.34
CA VAL A 659 -47.72 -23.11 17.16
C VAL A 659 -48.15 -21.75 16.61
N TYR A 660 -47.17 -20.85 16.56
CA TYR A 660 -47.40 -19.47 16.13
C TYR A 660 -46.51 -19.14 14.95
N LEU A 661 -47.05 -18.33 14.04
CA LEU A 661 -46.30 -17.88 12.89
C LEU A 661 -46.49 -16.39 12.77
N ALA A 662 -45.38 -15.65 12.75
CA ALA A 662 -45.37 -14.19 12.45
C ALA A 662 -44.40 -13.87 11.28
N SER A 663 -44.86 -12.97 10.39
CA SER A 663 -44.06 -12.52 9.25
C SER A 663 -44.28 -11.06 8.94
N PRO A 664 -43.18 -10.32 8.70
CA PRO A 664 -43.35 -8.97 8.26
C PRO A 664 -44.21 -8.88 6.99
N ASP A 665 -44.26 -9.94 6.18
CA ASP A 665 -44.94 -9.91 4.86
C ASP A 665 -46.47 -10.06 4.94
N LEU A 666 -46.95 -10.52 6.10
CA LEU A 666 -48.33 -10.95 6.28
C LEU A 666 -48.98 -10.20 7.43
N SER A 667 -49.83 -9.24 7.07
CA SER A 667 -50.62 -8.52 8.04
C SER A 667 -49.74 -7.72 8.96
N GLY A 668 -48.66 -7.17 8.44
CA GLY A 668 -47.86 -6.25 9.24
C GLY A 668 -47.05 -6.91 10.32
N GLY A 669 -47.05 -8.23 10.36
CA GLY A 669 -46.30 -8.96 11.37
C GLY A 669 -47.15 -9.54 12.50
N GLU A 670 -48.48 -9.43 12.38
CA GLU A 670 -49.37 -9.96 13.44
C GLU A 670 -49.12 -11.47 13.61
N THR A 671 -49.14 -11.93 14.86
CA THR A 671 -48.99 -13.33 15.10
C THR A 671 -50.36 -14.01 14.78
N GLN A 672 -50.31 -15.10 14.02
CA GLN A 672 -51.47 -15.95 13.77
C GLN A 672 -51.18 -17.35 14.36
N GLU A 673 -52.02 -17.84 15.27
CA GLU A 673 -51.88 -19.21 15.79
C GLU A 673 -52.31 -20.26 14.75
N LEU A 674 -51.60 -21.38 14.68
CA LEU A 674 -51.88 -22.42 13.68
C LEU A 674 -52.32 -23.71 14.34
N ALA A 675 -53.21 -24.44 13.67
CA ALA A 675 -53.61 -25.78 14.10
C ALA A 675 -52.55 -26.79 13.66
N PHE A 676 -52.23 -27.70 14.57
CA PHE A 676 -51.18 -28.68 14.33
C PHE A 676 -51.52 -30.01 15.01
N THR A 677 -51.17 -31.10 14.34
CA THR A 677 -51.28 -32.44 14.90
C THR A 677 -49.87 -32.94 15.09
N SER A 678 -49.64 -33.60 16.22
CA SER A 678 -48.37 -34.26 16.49
C SER A 678 -48.62 -35.75 16.60
N GLY A 679 -47.81 -36.52 15.88
CA GLY A 679 -47.70 -37.94 16.07
C GLY A 679 -46.22 -38.25 16.13
N THR A 680 -45.85 -39.45 15.66
CA THR A 680 -44.45 -39.87 15.63
C THR A 680 -44.25 -40.99 14.62
N ASP A 681 -43.12 -40.94 13.89
CA ASP A 681 -42.88 -41.84 12.75
C ASP A 681 -41.45 -42.39 12.64
N ALA A 682 -41.26 -43.35 11.72
CA ALA A 682 -39.97 -43.99 11.44
C ALA A 682 -38.93 -42.99 10.89
N GLY A 683 -38.32 -42.26 11.83
CA GLY A 683 -37.41 -41.14 11.52
C GLY A 683 -37.72 -39.89 12.33
N GLY A 684 -38.01 -40.06 13.63
CA GLY A 684 -38.15 -38.96 14.58
C GLY A 684 -39.53 -38.75 15.17
N LYS A 685 -39.59 -37.98 16.26
CA LYS A 685 -40.84 -37.41 16.78
C LYS A 685 -41.08 -36.03 16.12
N TYR A 686 -42.32 -35.77 15.72
CA TYR A 686 -42.63 -34.60 14.89
C TYR A 686 -43.84 -33.80 15.33
N VAL A 687 -44.00 -32.64 14.72
CA VAL A 687 -45.28 -31.93 14.70
C VAL A 687 -45.53 -31.41 13.26
N SER A 688 -46.80 -31.23 12.89
CA SER A 688 -47.16 -30.86 11.49
C SER A 688 -48.35 -29.89 11.36
N PHE A 689 -48.31 -29.07 10.31
CA PHE A 689 -49.30 -28.02 10.07
C PHE A 689 -49.21 -27.47 8.64
N THR A 690 -50.24 -26.75 8.22
CA THR A 690 -50.22 -26.07 6.92
C THR A 690 -49.75 -24.62 7.11
N VAL A 691 -48.65 -24.23 6.47
CA VAL A 691 -48.23 -22.80 6.45
C VAL A 691 -49.12 -21.99 5.49
N PRO A 692 -49.95 -21.07 6.00
CA PRO A 692 -50.88 -20.41 5.07
C PRO A 692 -50.21 -19.70 3.89
N GLU A 693 -49.04 -19.10 4.11
CA GLU A 693 -48.38 -18.30 3.08
C GLU A 693 -46.91 -18.12 3.37
N LEU A 694 -46.09 -18.16 2.32
CA LEU A 694 -44.69 -17.75 2.44
C LEU A 694 -44.34 -16.83 1.31
N LYS A 695 -43.89 -15.63 1.65
CA LYS A 695 -43.46 -14.68 0.63
C LYS A 695 -41.96 -14.51 0.73
N TYR A 696 -41.48 -13.84 1.77
CA TYR A 696 -40.02 -13.66 1.95
C TYR A 696 -39.51 -14.32 3.22
N TRP A 697 -40.27 -14.19 4.31
CA TRP A 697 -39.81 -14.61 5.63
C TRP A 697 -40.93 -14.90 6.62
N ASN A 698 -40.98 -16.15 7.10
CA ASN A 698 -41.85 -16.56 8.22
C ASN A 698 -41.07 -16.96 9.44
N MET A 699 -41.49 -16.50 10.62
CA MET A 699 -40.93 -17.00 11.87
C MET A 699 -42.00 -17.83 12.57
N ILE A 700 -41.66 -19.09 12.78
CA ILE A 700 -42.51 -20.02 13.49
C ILE A 700 -41.97 -20.09 14.88
N TYR A 701 -42.79 -19.70 15.85
CA TYR A 701 -42.44 -19.96 17.22
C TYR A 701 -43.47 -20.86 17.90
N MET A 702 -42.94 -21.93 18.49
CA MET A 702 -43.75 -22.97 19.08
C MET A 702 -43.40 -23.06 20.58
N LEU A 703 -44.42 -22.94 21.42
CA LEU A 703 -44.29 -22.85 22.87
C LEU A 703 -44.32 -24.22 23.51
N GLU A 704 -43.27 -24.55 24.25
CA GLU A 704 -43.22 -25.83 24.94
C GLU A 704 -43.21 -25.62 26.46
N GLY B 7 53.64 11.89 -14.89
CA GLY B 7 54.72 10.85 -15.06
C GLY B 7 54.18 9.63 -15.78
N ILE B 8 53.92 8.56 -15.02
CA ILE B 8 53.27 7.39 -15.56
C ILE B 8 51.78 7.60 -15.40
N GLU B 9 51.16 8.15 -16.45
CA GLU B 9 49.78 8.67 -16.37
C GLU B 9 48.70 7.57 -16.23
N ARG B 10 48.84 6.44 -16.92
CA ARG B 10 47.87 5.33 -16.75
C ARG B 10 48.55 3.99 -17.01
N VAL B 11 47.99 2.93 -16.41
CA VAL B 11 48.35 1.56 -16.78
C VAL B 11 47.06 0.74 -16.91
N PHE B 12 46.91 0.01 -18.00
CA PHE B 12 45.69 -0.73 -18.26
C PHE B 12 45.88 -1.80 -19.34
N THR B 13 44.82 -2.57 -19.56
CA THR B 13 44.82 -3.63 -20.53
C THR B 13 43.57 -3.63 -21.42
N ASP B 14 43.71 -4.24 -22.59
CA ASP B 14 42.72 -4.16 -23.66
C ASP B 14 41.31 -4.61 -23.18
N LYS B 15 41.28 -5.62 -22.30
CA LYS B 15 40.07 -6.31 -21.90
C LYS B 15 39.95 -6.46 -20.39
N ALA B 16 38.76 -6.84 -19.94
CA ALA B 16 38.50 -6.77 -18.51
C ALA B 16 38.85 -8.09 -17.77
N ARG B 17 38.82 -9.16 -18.55
CA ARG B 17 38.97 -10.50 -18.08
C ARG B 17 39.69 -11.23 -19.22
N TYR B 18 40.58 -12.19 -18.93
CA TYR B 18 41.16 -13.03 -19.98
C TYR B 18 40.92 -14.52 -19.77
N ASN B 19 40.88 -15.28 -20.87
CA ASN B 19 40.92 -16.73 -20.72
C ASN B 19 42.40 -17.19 -20.64
N PRO B 20 42.64 -18.40 -20.09
CA PRO B 20 43.96 -19.01 -20.13
C PRO B 20 44.43 -19.12 -21.56
N GLY B 21 45.61 -18.55 -21.81
CA GLY B 21 46.23 -18.64 -23.11
C GLY B 21 46.12 -17.39 -23.95
N ASP B 22 45.17 -16.49 -23.63
CA ASP B 22 44.95 -15.27 -24.43
C ASP B 22 46.15 -14.38 -24.29
N ALA B 23 46.41 -13.63 -25.35
CA ALA B 23 47.45 -12.62 -25.32
C ALA B 23 46.89 -11.43 -24.58
N VAL B 24 47.67 -10.89 -23.65
CA VAL B 24 47.29 -9.72 -22.90
C VAL B 24 48.17 -8.58 -23.31
N SER B 25 47.57 -7.47 -23.71
CA SER B 25 48.31 -6.29 -24.11
C SER B 25 48.23 -5.27 -23.01
N ILE B 26 49.35 -5.04 -22.34
CA ILE B 26 49.42 -4.12 -21.22
C ILE B 26 49.94 -2.79 -21.72
N ARG B 27 49.23 -1.70 -21.44
CA ARG B 27 49.55 -0.41 -22.06
C ARG B 27 50.04 0.54 -21.02
N VAL B 28 51.03 1.33 -21.40
CA VAL B 28 51.67 2.27 -20.49
C VAL B 28 51.72 3.62 -21.17
N GLN B 29 50.84 4.50 -20.73
CA GLN B 29 50.76 5.85 -21.25
C GLN B 29 51.61 6.70 -20.31
N ALA B 30 52.66 7.34 -20.83
CA ALA B 30 53.59 8.13 -20.02
C ALA B 30 53.91 9.47 -20.64
N LYS B 31 54.15 10.45 -19.79
CA LYS B 31 54.43 11.81 -20.22
C LYS B 31 55.53 12.36 -19.33
N ASN B 32 56.56 12.91 -19.99
CA ASN B 32 57.72 13.55 -19.37
C ASN B 32 57.44 15.03 -19.08
N GLY B 33 57.04 15.30 -17.83
CA GLY B 33 56.95 16.67 -17.33
C GLY B 33 57.96 16.81 -16.20
N THR B 34 59.21 16.41 -16.46
CA THR B 34 60.25 16.35 -15.43
C THR B 34 61.09 17.61 -15.37
N GLY B 35 61.46 18.13 -16.53
CA GLY B 35 62.36 19.27 -16.60
C GLY B 35 62.96 19.35 -17.98
N SER B 36 63.72 18.33 -18.36
CA SER B 36 64.24 18.21 -19.72
C SER B 36 64.42 16.75 -20.14
N SER B 37 64.70 16.58 -21.42
CA SER B 37 65.06 15.28 -22.01
C SER B 37 65.32 14.21 -20.95
N TRP B 38 64.48 13.17 -20.96
CA TRP B 38 64.59 12.05 -20.03
C TRP B 38 65.09 10.85 -20.78
N SER B 39 66.04 10.13 -20.18
CA SER B 39 66.54 8.87 -20.73
C SER B 39 66.55 7.78 -19.66
N GLY B 40 65.86 6.68 -19.91
CA GLY B 40 65.85 5.58 -18.94
C GLY B 40 65.08 4.36 -19.41
N ALA B 41 64.73 3.47 -18.48
CA ALA B 41 63.94 2.27 -18.86
C ALA B 41 62.63 2.11 -18.08
N ALA B 42 61.69 1.36 -18.67
CA ALA B 42 60.43 1.00 -18.01
C ALA B 42 60.33 -0.51 -17.75
N ARG B 43 60.20 -0.85 -16.48
CA ARG B 43 60.29 -2.21 -16.02
C ARG B 43 58.94 -2.81 -15.53
N LEU B 44 58.45 -3.79 -16.26
CA LEU B 44 57.24 -4.47 -15.97
C LEU B 44 57.48 -5.69 -15.08
N GLU B 45 56.81 -5.75 -13.94
CA GLU B 45 56.72 -6.98 -13.15
C GLU B 45 55.29 -7.32 -12.80
N ILE B 46 54.92 -8.58 -12.99
CA ILE B 46 53.62 -9.14 -12.70
C ILE B 46 53.83 -10.15 -11.59
N PHE B 47 53.00 -10.08 -10.55
CA PHE B 47 53.05 -11.02 -9.44
C PHE B 47 51.73 -11.77 -9.38
N HIS B 48 51.77 -13.00 -8.87
CA HIS B 48 50.62 -13.70 -8.35
C HIS B 48 50.87 -13.86 -6.87
N LEU B 49 50.28 -12.93 -6.11
CA LEU B 49 50.40 -12.91 -4.67
C LEU B 49 51.81 -12.51 -4.29
N GLU B 50 52.54 -13.35 -3.57
CA GLU B 50 53.87 -12.95 -3.14
C GLU B 50 54.92 -13.22 -4.22
N ASN B 51 54.54 -13.99 -5.24
CA ASN B 51 55.47 -14.55 -6.23
C ASN B 51 55.58 -13.83 -7.57
N SER B 52 56.79 -13.38 -7.91
CA SER B 52 57.10 -12.80 -9.22
C SER B 52 56.95 -13.87 -10.30
N VAL B 53 56.18 -13.58 -11.36
CA VAL B 53 55.95 -14.57 -12.43
C VAL B 53 56.31 -14.04 -13.81
N TYR B 54 56.63 -12.75 -13.93
CA TYR B 54 57.10 -12.25 -15.20
C TYR B 54 57.80 -10.95 -14.97
N THR B 55 58.77 -10.68 -15.83
CA THR B 55 59.52 -9.41 -15.74
C THR B 55 60.07 -9.12 -17.14
N SER B 56 59.97 -7.87 -17.58
CA SER B 56 60.41 -7.49 -18.92
C SER B 56 60.66 -5.98 -18.90
N SER B 57 61.43 -5.48 -19.86
CA SER B 57 61.86 -4.09 -19.87
C SER B 57 61.87 -3.59 -21.29
N GLN B 58 61.84 -2.28 -21.44
CA GLN B 58 62.10 -1.72 -22.75
C GLN B 58 62.59 -0.29 -22.64
N SER B 59 63.50 0.04 -23.55
CA SER B 59 64.27 1.27 -23.47
C SER B 59 63.38 2.46 -23.84
N LEU B 60 63.63 3.61 -23.23
CA LEU B 60 62.74 4.74 -23.46
C LEU B 60 63.38 6.10 -23.22
N SER B 61 62.98 7.06 -24.03
CA SER B 61 63.32 8.47 -23.78
C SER B 61 62.35 9.41 -24.47
N LEU B 62 62.12 10.54 -23.83
CA LEU B 62 61.20 11.54 -24.34
C LEU B 62 61.79 12.90 -24.04
N THR B 63 61.70 13.83 -24.98
CA THR B 63 62.02 15.23 -24.68
C THR B 63 60.93 15.78 -23.76
N ASN B 64 61.33 16.69 -22.86
CA ASN B 64 60.37 17.33 -21.95
C ASN B 64 59.08 17.70 -22.68
N GLY B 65 57.94 17.29 -22.14
CA GLY B 65 56.63 17.58 -22.72
C GLY B 65 56.04 16.44 -23.55
N GLN B 66 56.90 15.59 -24.08
CA GLN B 66 56.49 14.46 -24.93
C GLN B 66 55.79 13.33 -24.14
N SER B 67 54.86 12.66 -24.81
CA SER B 67 54.15 11.52 -24.23
C SER B 67 54.18 10.37 -25.20
N THR B 68 53.88 9.16 -24.71
CA THR B 68 53.91 7.98 -25.56
C THR B 68 53.25 6.81 -24.86
N THR B 69 52.85 5.82 -25.65
CA THR B 69 52.11 4.66 -25.14
C THR B 69 52.87 3.36 -25.45
N LEU B 70 53.47 2.76 -24.43
CA LEU B 70 54.15 1.50 -24.61
C LEU B 70 53.18 0.39 -24.49
N THR B 71 53.54 -0.73 -25.08
CA THR B 71 52.85 -1.97 -24.96
C THR B 71 53.85 -3.06 -24.54
N PHE B 72 53.38 -3.94 -23.66
CA PHE B 72 54.04 -5.18 -23.33
C PHE B 72 53.06 -6.31 -23.61
N THR B 73 53.50 -7.34 -24.31
CA THR B 73 52.71 -8.55 -24.42
C THR B 73 53.01 -9.51 -23.25
N TRP B 74 51.99 -10.27 -22.84
CA TRP B 74 52.13 -11.31 -21.84
C TRP B 74 51.11 -12.40 -22.11
N THR B 75 51.49 -13.66 -21.92
CA THR B 75 50.58 -14.76 -22.23
C THR B 75 49.93 -15.15 -20.94
N ALA B 76 48.62 -15.29 -20.95
CA ALA B 76 47.92 -15.58 -19.73
C ALA B 76 48.17 -17.06 -19.37
N PRO B 77 48.73 -17.31 -18.18
CA PRO B 77 49.08 -18.64 -17.71
C PRO B 77 47.96 -19.61 -17.76
N SER B 78 48.31 -20.88 -17.59
CA SER B 78 47.43 -22.01 -17.92
C SER B 78 46.36 -22.21 -16.85
N THR B 79 46.63 -21.68 -15.66
CA THR B 79 45.79 -21.94 -14.49
C THR B 79 44.61 -20.96 -14.46
N ASP B 80 43.43 -21.53 -14.59
CA ASP B 80 42.20 -20.76 -14.61
C ASP B 80 41.90 -20.17 -13.25
N PHE B 81 41.26 -18.99 -13.28
CA PHE B 81 40.73 -18.35 -12.08
C PHE B 81 41.84 -17.84 -11.19
N ARG B 82 42.67 -16.96 -11.73
CA ARG B 82 43.76 -16.36 -10.95
C ARG B 82 43.98 -14.89 -11.29
N GLY B 83 44.25 -14.12 -10.24
CA GLY B 83 44.43 -12.70 -10.35
C GLY B 83 45.86 -12.32 -10.15
N TYR B 84 46.24 -11.18 -10.73
CA TYR B 84 47.64 -10.82 -10.85
C TYR B 84 47.89 -9.35 -10.66
N PHE B 85 48.91 -9.03 -9.90
CA PHE B 85 49.28 -7.65 -9.76
C PHE B 85 50.29 -7.26 -10.87
N VAL B 86 50.28 -5.99 -11.25
CA VAL B 86 51.12 -5.50 -12.29
C VAL B 86 51.75 -4.19 -11.88
N ARG B 87 53.06 -4.20 -11.70
CA ARG B 87 53.81 -2.98 -11.47
C ARG B 87 54.50 -2.58 -12.76
N ILE B 88 54.54 -1.26 -13.01
CA ILE B 88 55.43 -0.67 -13.99
C ILE B 88 56.36 0.32 -13.31
N ASP B 89 57.68 0.08 -13.38
CA ASP B 89 58.66 0.95 -12.74
C ASP B 89 59.47 1.73 -13.77
N ALA B 90 59.33 3.05 -13.74
CA ALA B 90 60.05 3.90 -14.67
C ALA B 90 61.06 4.81 -13.96
N GLY B 91 61.76 4.25 -12.98
CA GLY B 91 62.79 4.98 -12.24
C GLY B 91 62.31 6.35 -11.79
N THR B 92 62.91 7.39 -12.37
CA THR B 92 62.63 8.79 -12.00
C THR B 92 61.42 9.40 -12.73
N LEU B 93 60.87 8.69 -13.70
CA LEU B 93 59.72 9.21 -14.40
C LEU B 93 58.44 8.89 -13.64
N GLY B 94 58.57 8.10 -12.58
CA GLY B 94 57.42 7.70 -11.79
C GLY B 94 57.22 6.22 -11.93
N GLN B 95 56.11 5.74 -11.38
CA GLN B 95 55.71 4.35 -11.50
C GLN B 95 54.18 4.32 -11.61
N GLY B 96 53.62 3.16 -11.91
CA GLY B 96 52.17 2.98 -11.95
C GLY B 96 51.85 1.52 -11.77
N ALA B 97 50.57 1.14 -11.80
CA ALA B 97 50.13 -0.25 -11.50
C ALA B 97 48.78 -0.61 -12.11
N THR B 98 48.52 -1.90 -12.32
CA THR B 98 47.18 -2.37 -12.75
C THR B 98 47.01 -3.77 -12.29
N ALA B 99 46.02 -4.47 -12.81
CA ALA B 99 45.82 -5.83 -12.37
C ALA B 99 45.19 -6.59 -13.49
N ILE B 100 45.17 -7.93 -13.36
CA ILE B 100 44.79 -8.76 -14.46
C ILE B 100 44.09 -9.97 -13.90
N ASP B 101 43.04 -10.41 -14.61
CA ASP B 101 42.16 -11.44 -14.12
C ASP B 101 42.04 -12.50 -15.20
N VAL B 102 42.48 -13.70 -14.86
CA VAL B 102 42.47 -14.76 -15.79
C VAL B 102 41.40 -15.69 -15.27
N SER B 103 40.23 -15.67 -15.94
CA SER B 103 39.02 -16.41 -15.57
C SER B 103 38.26 -16.69 -16.83
N SER B 104 37.84 -17.93 -17.01
CA SER B 104 37.03 -18.29 -18.15
C SER B 104 35.55 -17.99 -17.90
N ASP B 105 35.22 -17.40 -16.75
CA ASP B 105 33.81 -17.19 -16.41
C ASP B 105 33.77 -16.09 -15.34
N PHE B 106 33.14 -14.96 -15.70
CA PHE B 106 33.12 -13.77 -14.84
C PHE B 106 32.39 -14.02 -13.53
N THR B 107 31.45 -14.97 -13.52
CA THR B 107 30.60 -15.22 -12.36
C THR B 107 31.33 -15.74 -11.09
N LYS B 108 32.56 -16.25 -11.22
CA LYS B 108 33.41 -16.50 -10.06
C LYS B 108 33.95 -15.21 -9.44
N TYR B 109 34.46 -14.30 -10.24
CA TYR B 109 34.97 -13.04 -9.73
C TYR B 109 34.26 -11.91 -10.46
N PRO B 110 32.94 -11.76 -10.21
CA PRO B 110 32.20 -10.70 -10.88
C PRO B 110 32.68 -9.38 -10.36
N ARG B 111 32.80 -8.40 -11.26
CA ARG B 111 33.08 -7.01 -10.89
C ARG B 111 32.05 -6.29 -11.74
N TYR B 112 30.98 -5.86 -11.09
CA TYR B 112 29.67 -5.65 -11.74
C TYR B 112 29.41 -4.16 -11.86
N GLY B 113 29.08 -3.68 -13.07
CA GLY B 113 28.70 -2.27 -13.29
C GLY B 113 27.34 -2.17 -13.96
N TYR B 114 27.04 -1.01 -14.54
CA TYR B 114 25.73 -0.80 -15.11
C TYR B 114 25.73 0.19 -16.26
N ILE B 115 24.84 -0.06 -17.21
CA ILE B 115 24.47 0.90 -18.22
C ILE B 115 23.00 1.18 -17.96
N SER B 116 22.66 2.45 -17.82
CA SER B 116 21.29 2.88 -17.58
C SER B 116 20.80 3.98 -18.49
N GLU B 117 21.60 4.39 -19.50
CA GLU B 117 21.20 5.41 -20.49
C GLU B 117 21.45 4.97 -21.91
N PHE B 118 20.54 5.31 -22.83
CA PHE B 118 20.51 4.75 -24.18
C PHE B 118 20.02 5.75 -25.31
N GLU B 119 20.51 6.98 -25.25
CA GLU B 119 20.01 8.05 -26.15
C GLU B 119 20.40 7.87 -27.61
N SER B 120 19.58 8.45 -28.47
CA SER B 120 19.73 8.22 -29.87
C SER B 120 21.00 8.88 -30.36
N GLY B 121 21.33 10.04 -29.80
CA GLY B 121 22.51 10.78 -30.22
C GLY B 121 23.82 10.33 -29.61
N GLU B 122 23.84 9.14 -29.00
CA GLU B 122 25.10 8.53 -28.57
C GLU B 122 25.68 7.68 -29.70
N THR B 123 26.82 8.11 -30.22
CA THR B 123 27.48 7.45 -31.35
C THR B 123 28.10 6.19 -30.90
N ALA B 124 28.38 5.29 -31.83
CA ALA B 124 29.12 4.07 -31.52
C ALA B 124 30.41 4.34 -30.77
N LEU B 125 31.05 5.48 -31.02
CA LEU B 125 32.39 5.71 -30.47
C LEU B 125 32.28 6.07 -29.02
N GLU B 126 31.35 6.97 -28.72
CA GLU B 126 31.11 7.36 -27.33
C GLU B 126 30.68 6.14 -26.51
N SER B 127 29.86 5.26 -27.07
CA SER B 127 29.45 4.04 -26.36
C SER B 127 30.65 3.16 -26.00
N LYS B 128 31.51 2.92 -27.00
CA LYS B 128 32.80 2.27 -26.82
C LYS B 128 33.64 2.87 -25.66
N ALA B 129 33.79 4.18 -25.67
CA ALA B 129 34.63 4.90 -24.72
C ALA B 129 34.10 4.75 -23.31
N LYS B 130 32.77 4.79 -23.15
CA LYS B 130 32.22 4.70 -21.80
C LYS B 130 32.45 3.30 -21.24
N VAL B 131 32.26 2.30 -22.06
CA VAL B 131 32.51 0.92 -21.65
C VAL B 131 34.02 0.63 -21.45
N ASP B 132 34.88 1.16 -22.32
CA ASP B 132 36.32 0.92 -22.21
C ASP B 132 36.82 1.51 -20.91
N GLN B 133 36.42 2.73 -20.61
CA GLN B 133 36.86 3.35 -19.37
C GLN B 133 36.55 2.54 -18.11
N LEU B 134 35.39 1.91 -18.03
CA LEU B 134 35.12 1.10 -16.85
C LEU B 134 35.91 -0.20 -16.91
N ALA B 135 36.02 -0.76 -18.10
CA ALA B 135 36.77 -1.98 -18.24
C ALA B 135 38.24 -1.72 -17.89
N GLN B 136 38.78 -0.63 -18.41
CA GLN B 136 40.23 -0.36 -18.32
C GLN B 136 40.65 0.07 -16.96
N ASP B 137 39.82 0.89 -16.33
CA ASP B 137 40.11 1.54 -15.02
C ASP B 137 39.72 0.68 -13.83
N TYR B 138 38.67 -0.13 -13.96
CA TYR B 138 38.24 -0.91 -12.82
C TYR B 138 38.05 -2.40 -13.11
N HIS B 139 38.43 -2.81 -14.31
CA HIS B 139 38.28 -4.21 -14.71
C HIS B 139 36.83 -4.72 -14.60
N ILE B 140 35.87 -3.80 -14.75
CA ILE B 140 34.45 -4.20 -14.77
C ILE B 140 34.22 -5.22 -15.82
N ASN B 141 33.62 -6.34 -15.46
CA ASN B 141 33.44 -7.43 -16.38
C ASN B 141 31.98 -7.92 -16.62
N ALA B 142 31.00 -7.32 -15.95
CA ALA B 142 29.61 -7.51 -16.38
C ALA B 142 28.85 -6.19 -16.20
N TRP B 143 27.89 -5.92 -17.09
CA TRP B 143 27.14 -4.66 -16.98
C TRP B 143 25.67 -4.99 -16.86
N GLN B 144 25.04 -4.41 -15.85
CA GLN B 144 23.59 -4.52 -15.67
C GLN B 144 22.90 -3.47 -16.51
N PHE B 145 22.09 -3.89 -17.46
CA PHE B 145 21.36 -2.95 -18.30
C PHE B 145 20.03 -2.60 -17.62
N TYR B 146 19.96 -1.36 -17.17
CA TYR B 146 18.90 -0.89 -16.33
C TYR B 146 17.92 -0.03 -17.10
N ASP B 147 16.65 -0.38 -16.98
CA ASP B 147 15.56 0.34 -17.65
C ASP B 147 15.81 0.54 -19.11
N TRP B 148 16.11 -0.56 -19.80
CA TRP B 148 16.34 -0.62 -21.22
C TRP B 148 15.04 -1.02 -21.93
N MET B 149 14.16 -1.72 -21.20
CA MET B 149 13.02 -2.37 -21.80
C MET B 149 11.90 -1.38 -22.06
N TRP B 150 11.00 -1.75 -22.96
CA TRP B 150 9.85 -0.90 -23.29
C TRP B 150 8.83 -1.09 -22.17
N ARG B 151 8.24 -2.26 -22.09
CA ARG B 151 7.39 -2.63 -20.89
C ARG B 151 8.00 -3.78 -20.06
N HIS B 152 7.83 -3.77 -18.75
CA HIS B 152 8.29 -4.92 -17.96
C HIS B 152 7.76 -6.29 -18.49
N ASP B 153 6.70 -6.28 -19.32
CA ASP B 153 6.07 -7.49 -19.88
C ASP B 153 6.06 -7.62 -21.39
N LYS B 154 6.82 -6.74 -22.06
CA LYS B 154 6.83 -6.69 -23.52
C LYS B 154 8.13 -5.89 -23.79
N MET B 155 9.26 -6.61 -23.76
CA MET B 155 10.51 -5.94 -23.35
C MET B 155 11.03 -5.22 -24.55
N ILE B 156 10.85 -5.83 -25.71
CA ILE B 156 11.27 -5.24 -26.97
C ILE B 156 10.05 -4.78 -27.74
N LYS B 157 9.98 -3.48 -28.07
CA LYS B 157 8.81 -2.94 -28.80
C LYS B 157 8.84 -3.18 -30.27
N ARG B 158 7.84 -3.92 -30.74
CA ARG B 158 7.74 -4.26 -32.17
C ARG B 158 6.51 -3.62 -32.84
N THR B 159 6.65 -3.28 -34.11
CA THR B 159 5.53 -2.95 -34.95
C THR B 159 5.43 -4.09 -35.91
N GLY B 160 4.43 -4.95 -35.73
CA GLY B 160 4.37 -6.18 -36.53
C GLY B 160 5.46 -7.15 -36.12
N GLY B 161 6.40 -7.39 -37.04
CA GLY B 161 7.56 -8.22 -36.77
C GLY B 161 8.85 -7.42 -36.81
N SER B 162 8.71 -6.12 -36.83
CA SER B 162 9.81 -5.24 -37.01
C SER B 162 10.14 -4.60 -35.68
N ILE B 163 11.37 -4.80 -35.20
CA ILE B 163 11.85 -4.06 -34.03
C ILE B 163 11.78 -2.54 -34.25
N ASP B 164 11.24 -1.81 -33.28
CA ASP B 164 11.10 -0.37 -33.42
C ASP B 164 12.46 0.23 -33.09
N SER B 165 12.81 1.33 -33.75
CA SER B 165 14.18 1.89 -33.64
C SER B 165 14.35 2.66 -32.36
N THR B 166 13.25 3.24 -31.87
CA THR B 166 13.19 3.81 -30.52
C THR B 166 11.89 3.42 -29.75
N TRP B 167 11.89 3.56 -28.42
CA TRP B 167 10.66 3.49 -27.65
C TRP B 167 10.81 4.26 -26.39
N LEU B 168 9.69 4.66 -25.79
CA LEU B 168 9.67 5.40 -24.51
C LEU B 168 9.42 4.52 -23.29
N ASP B 169 10.29 4.61 -22.31
CA ASP B 169 10.19 3.75 -21.17
C ASP B 169 9.13 4.38 -20.22
N LEU B 170 8.97 3.74 -19.07
CA LEU B 170 7.89 4.07 -18.17
C LEU B 170 8.02 5.44 -17.59
N PHE B 171 9.23 5.99 -17.59
CA PHE B 171 9.43 7.40 -17.19
C PHE B 171 9.57 8.32 -18.40
N ASN B 172 9.10 7.86 -19.55
CA ASN B 172 9.00 8.65 -20.75
C ASN B 172 10.39 8.96 -21.39
N ARG B 173 11.44 8.22 -20.97
CA ARG B 173 12.77 8.34 -21.58
C ARG B 173 12.80 7.61 -22.88
N GLU B 174 13.46 8.19 -23.87
CA GLU B 174 13.66 7.57 -25.17
C GLU B 174 14.82 6.57 -25.11
N ILE B 175 14.56 5.37 -25.60
CA ILE B 175 15.53 4.31 -25.59
C ILE B 175 15.83 4.02 -27.04
N SER B 176 17.11 4.07 -27.43
CA SER B 176 17.51 3.78 -28.82
C SER B 176 17.96 2.37 -29.01
N TRP B 177 17.37 1.70 -29.99
CA TRP B 177 17.78 0.34 -30.27
C TRP B 177 19.27 0.35 -30.66
N SER B 178 19.69 1.22 -31.60
CA SER B 178 21.10 1.14 -32.12
C SER B 178 22.10 1.40 -31.00
N THR B 179 21.80 2.39 -30.17
CA THR B 179 22.67 2.70 -29.04
C THR B 179 22.83 1.46 -28.13
N LEU B 180 21.72 0.85 -27.76
CA LEU B 180 21.74 -0.34 -26.95
C LEU B 180 22.60 -1.41 -27.60
N GLN B 181 22.46 -1.58 -28.90
CA GLN B 181 23.20 -2.62 -29.63
C GLN B 181 24.68 -2.24 -29.63
N ASN B 182 25.01 -0.96 -29.78
CA ASN B 182 26.40 -0.52 -29.71
C ASN B 182 27.04 -0.79 -28.37
N GLN B 183 26.35 -0.43 -27.30
CA GLN B 183 26.82 -0.70 -25.93
C GLN B 183 27.05 -2.16 -25.64
N ILE B 184 26.08 -2.97 -26.00
CA ILE B 184 26.25 -4.38 -25.84
C ILE B 184 27.47 -4.87 -26.61
N ASP B 185 27.66 -4.34 -27.82
CA ASP B 185 28.81 -4.70 -28.64
C ASP B 185 30.11 -4.29 -27.95
N ALA B 186 30.15 -3.09 -27.39
CA ALA B 186 31.33 -2.64 -26.68
C ALA B 186 31.69 -3.51 -25.46
N VAL B 187 30.65 -3.95 -24.76
CA VAL B 187 30.78 -4.83 -23.60
C VAL B 187 31.45 -6.10 -24.04
N HIS B 188 30.97 -6.62 -25.14
CA HIS B 188 31.51 -7.84 -25.68
C HIS B 188 32.98 -7.67 -26.09
N ASP B 189 33.34 -6.50 -26.64
CA ASP B 189 34.73 -6.26 -27.08
C ASP B 189 35.75 -6.31 -26.00
N VAL B 190 35.34 -6.06 -24.77
CA VAL B 190 36.28 -6.05 -23.66
C VAL B 190 36.13 -7.32 -22.87
N ASN B 191 35.51 -8.33 -23.49
CA ASN B 191 35.23 -9.62 -22.85
C ASN B 191 34.25 -9.50 -21.68
N GLY B 192 33.49 -8.42 -21.66
CA GLY B 192 32.39 -8.29 -20.70
C GLY B 192 31.13 -9.07 -21.05
N LYS B 193 30.25 -9.19 -20.06
CA LYS B 193 28.93 -9.75 -20.27
C LYS B 193 27.80 -8.75 -19.96
N ALA B 194 26.71 -8.81 -20.71
CA ALA B 194 25.63 -7.83 -20.57
C ALA B 194 24.43 -8.50 -19.91
N MET B 195 23.98 -8.01 -18.76
CA MET B 195 22.85 -8.64 -18.02
C MET B 195 21.60 -7.78 -18.14
N ALA B 196 20.54 -8.31 -18.74
CA ALA B 196 19.30 -7.56 -18.86
C ALA B 196 18.47 -7.48 -17.58
N TYR B 197 18.20 -6.27 -17.10
CA TYR B 197 17.31 -6.07 -15.96
C TYR B 197 15.91 -6.59 -16.31
N ALA B 198 15.34 -7.35 -15.40
CA ALA B 198 13.94 -7.72 -15.56
C ALA B 198 13.33 -8.10 -14.25
N MET B 199 12.04 -7.86 -14.15
CA MET B 199 11.32 -8.22 -12.93
C MET B 199 11.07 -9.71 -12.98
N ILE B 200 11.03 -10.33 -11.81
CA ILE B 200 10.59 -11.73 -11.67
C ILE B 200 9.08 -11.89 -11.86
N TYR B 201 8.32 -10.84 -11.50
CA TYR B 201 6.87 -10.93 -11.43
C TYR B 201 6.07 -9.70 -11.84
N ALA B 202 6.63 -8.81 -12.68
CA ALA B 202 5.92 -7.58 -13.05
C ALA B 202 5.38 -7.53 -14.48
N SER B 203 4.07 -7.29 -14.59
CA SER B 203 3.51 -6.71 -15.79
C SER B 203 3.41 -5.24 -15.58
N ARG B 204 3.04 -4.52 -16.62
CA ARG B 204 2.67 -3.10 -16.50
C ARG B 204 1.12 -3.07 -16.61
N GLU B 205 0.55 -1.87 -16.58
CA GLU B 205 -0.89 -1.68 -16.56
C GLU B 205 -1.54 -2.12 -17.88
N ASN B 206 -2.82 -2.45 -17.80
CA ASN B 206 -3.61 -2.79 -18.98
C ASN B 206 -2.95 -3.89 -19.78
N TYR B 207 -2.87 -5.04 -19.10
CA TYR B 207 -2.08 -6.18 -19.50
C TYR B 207 -2.89 -7.28 -20.20
N SER B 208 -4.23 -7.25 -20.11
CA SER B 208 -5.08 -8.25 -20.78
C SER B 208 -4.94 -8.26 -22.23
N PRO B 209 -4.85 -7.08 -22.83
CA PRO B 209 -4.71 -7.12 -24.30
C PRO B 209 -3.36 -7.77 -24.73
N LEU B 210 -2.35 -7.86 -23.86
CA LEU B 210 -1.15 -8.71 -24.17
C LEU B 210 -1.36 -10.20 -23.89
N GLY B 211 -2.56 -10.62 -23.48
CA GLY B 211 -2.90 -12.04 -23.31
C GLY B 211 -2.45 -12.56 -21.96
N ILE B 212 -2.11 -11.62 -21.09
CA ILE B 212 -1.75 -11.89 -19.71
C ILE B 212 -3.06 -11.95 -18.87
N SER B 213 -3.16 -12.92 -17.97
CA SER B 213 -4.42 -13.18 -17.26
C SER B 213 -4.27 -12.78 -15.83
N PRO B 214 -5.27 -12.06 -15.30
CA PRO B 214 -5.37 -11.82 -13.88
C PRO B 214 -5.33 -13.13 -13.01
N THR B 215 -5.68 -14.29 -13.57
CA THR B 215 -5.60 -15.55 -12.82
C THR B 215 -4.18 -15.91 -12.42
N TRP B 216 -3.20 -15.35 -13.13
CA TRP B 216 -1.80 -15.66 -12.81
C TRP B 216 -1.32 -14.78 -11.69
N GLY B 217 -2.13 -13.83 -11.28
CA GLY B 217 -1.69 -12.76 -10.36
C GLY B 217 -1.51 -13.20 -8.92
N ILE B 218 -0.82 -12.37 -8.12
CA ILE B 218 -0.86 -12.42 -6.67
C ILE B 218 -1.66 -11.24 -6.13
N TYR B 219 -2.35 -11.50 -5.02
CA TYR B 219 -3.34 -10.59 -4.43
C TYR B 219 -3.19 -10.40 -2.93
N GLU B 220 -3.66 -9.23 -2.50
CA GLU B 220 -3.53 -8.73 -1.12
C GLU B 220 -4.64 -9.26 -0.21
N ASP B 221 -5.56 -10.02 -0.81
CA ASP B 221 -6.74 -10.60 -0.18
C ASP B 221 -7.07 -11.95 -0.84
N SER B 222 -7.92 -12.71 -0.18
CA SER B 222 -8.38 -14.00 -0.68
C SER B 222 -9.59 -13.94 -1.59
N SER B 223 -10.02 -12.72 -1.95
CA SER B 223 -11.15 -12.54 -2.87
C SER B 223 -10.74 -12.11 -4.31
N HIS B 224 -9.46 -12.28 -4.66
CA HIS B 224 -8.85 -11.67 -5.86
C HIS B 224 -9.37 -10.22 -6.18
N THR B 225 -9.51 -9.43 -5.13
CA THR B 225 -10.01 -8.06 -5.25
C THR B 225 -8.88 -7.06 -5.62
N ASN B 226 -7.77 -7.10 -4.88
CA ASN B 226 -6.62 -6.17 -5.12
C ASN B 226 -5.30 -6.87 -5.42
N GLN B 227 -4.87 -6.76 -6.67
CA GLN B 227 -3.60 -7.36 -7.11
C GLN B 227 -2.50 -6.49 -6.57
N PHE B 228 -1.47 -7.07 -5.94
CA PHE B 228 -0.34 -6.26 -5.43
C PHE B 228 0.18 -5.43 -6.59
N ASP B 229 0.60 -4.19 -6.30
CA ASP B 229 0.99 -3.29 -7.34
C ASP B 229 2.17 -2.37 -6.95
N VAL B 230 2.57 -1.53 -7.90
CA VAL B 230 3.57 -0.49 -7.64
C VAL B 230 3.02 0.73 -8.36
N ASP B 231 2.83 1.79 -7.59
CA ASP B 231 2.04 2.97 -8.01
C ASP B 231 3.06 4.07 -8.37
N PHE B 232 3.10 4.55 -9.59
CA PHE B 232 4.13 5.53 -9.93
C PHE B 232 3.56 6.93 -9.81
N GLY B 233 2.36 7.00 -9.22
CA GLY B 233 1.79 8.27 -8.75
C GLY B 233 1.24 9.22 -9.78
N ASP B 234 1.04 8.77 -11.00
CA ASP B 234 0.46 9.62 -12.07
C ASP B 234 -0.99 9.16 -12.37
N GLY B 235 -1.55 8.31 -11.49
CA GLY B 235 -2.86 7.65 -11.71
C GLY B 235 -3.00 6.73 -12.92
N SER B 236 -1.88 6.26 -13.45
CA SER B 236 -1.93 5.58 -14.74
C SER B 236 -0.87 4.51 -14.96
N THR B 237 0.33 4.77 -14.47
CA THR B 237 1.48 3.95 -14.66
C THR B 237 1.68 3.07 -13.46
N TYR B 238 1.77 1.77 -13.70
CA TYR B 238 1.85 0.82 -12.59
C TYR B 238 2.58 -0.43 -13.03
N LEU B 239 3.27 -1.06 -12.10
CA LEU B 239 3.51 -2.50 -12.15
C LEU B 239 2.38 -3.32 -11.41
N TYR B 240 1.99 -4.47 -11.97
CA TYR B 240 1.23 -5.47 -11.21
C TYR B 240 2.07 -6.71 -10.97
N MET B 241 1.90 -7.31 -9.80
CA MET B 241 2.70 -8.45 -9.44
C MET B 241 2.00 -9.79 -9.67
N PHE B 242 2.81 -10.77 -10.09
CA PHE B 242 2.35 -12.08 -10.38
C PHE B 242 3.04 -13.16 -9.55
N ASP B 243 2.43 -14.34 -9.52
CA ASP B 243 2.93 -15.48 -8.76
C ASP B 243 4.11 -16.15 -9.49
N PRO B 244 5.34 -16.02 -8.95
CA PRO B 244 6.50 -16.62 -9.59
C PRO B 244 6.47 -18.16 -9.74
N GLN B 245 5.66 -18.85 -8.94
CA GLN B 245 5.47 -20.34 -9.12
C GLN B 245 4.46 -20.73 -10.15
N ASN B 246 3.70 -19.76 -10.64
CA ASN B 246 2.63 -20.06 -11.54
C ASN B 246 3.28 -20.43 -12.89
N PRO B 247 2.95 -21.61 -13.43
CA PRO B 247 3.53 -22.08 -14.68
C PRO B 247 3.15 -21.22 -15.92
N ASN B 248 1.96 -20.62 -15.91
CA ASN B 248 1.57 -19.77 -17.02
C ASN B 248 2.39 -18.46 -17.03
N TRP B 249 2.67 -17.93 -15.85
CA TRP B 249 3.44 -16.72 -15.73
C TRP B 249 4.89 -17.03 -16.08
N GLN B 250 5.37 -18.18 -15.64
CA GLN B 250 6.73 -18.60 -15.97
C GLN B 250 6.86 -18.65 -17.51
N ASN B 251 5.88 -19.30 -18.13
CA ASN B 251 5.89 -19.48 -19.57
C ASN B 251 6.04 -18.13 -20.26
N TYR B 252 5.18 -17.19 -19.86
CA TYR B 252 5.05 -15.89 -20.53
C TYR B 252 6.31 -15.06 -20.40
N ILE B 253 6.83 -14.97 -19.22
CA ILE B 253 7.90 -14.02 -18.97
C ILE B 253 9.28 -14.62 -19.21
N HIS B 254 9.38 -15.95 -19.09
CA HIS B 254 10.61 -16.61 -19.48
C HIS B 254 10.76 -16.43 -20.96
N ALA B 255 9.66 -16.54 -21.68
CA ALA B 255 9.68 -16.29 -23.12
C ALA B 255 10.18 -14.90 -23.45
N GLU B 256 9.87 -13.92 -22.62
CA GLU B 256 10.38 -12.59 -22.82
C GLU B 256 11.84 -12.53 -22.53
N TYR B 257 12.30 -13.36 -21.60
CA TYR B 257 13.72 -13.33 -21.26
C TYR B 257 14.51 -13.86 -22.46
N ILE B 258 14.05 -14.99 -23.00
CA ILE B 258 14.62 -15.63 -24.15
C ILE B 258 14.62 -14.70 -25.37
N ASP B 259 13.51 -14.00 -25.56
CA ASP B 259 13.43 -12.98 -26.58
C ASP B 259 14.60 -12.01 -26.43
N SER B 260 14.83 -11.56 -25.21
CA SER B 260 15.91 -10.58 -24.93
C SER B 260 17.35 -11.06 -25.20
N ILE B 261 17.61 -12.28 -24.77
CA ILE B 261 18.83 -12.96 -25.09
C ILE B 261 18.97 -12.96 -26.58
N ASN B 262 18.01 -13.60 -27.24
CA ASN B 262 18.21 -13.95 -28.63
C ASN B 262 18.14 -12.77 -29.56
N THR B 263 17.35 -11.76 -29.23
CA THR B 263 17.06 -10.69 -30.17
C THR B 263 17.98 -9.52 -29.90
N ALA B 264 18.34 -9.26 -28.64
CA ALA B 264 19.15 -8.09 -28.32
C ALA B 264 20.59 -8.45 -27.99
N GLY B 265 20.83 -9.76 -27.82
CA GLY B 265 22.19 -10.28 -27.63
C GLY B 265 22.73 -10.22 -26.22
N PHE B 266 21.83 -10.25 -25.25
CA PHE B 266 22.26 -10.18 -23.88
C PHE B 266 22.88 -11.51 -23.47
N ASP B 267 23.65 -11.50 -22.39
CA ASP B 267 24.33 -12.74 -21.92
C ASP B 267 23.66 -13.37 -20.74
N GLY B 268 22.47 -12.83 -20.42
CA GLY B 268 21.68 -13.35 -19.34
C GLY B 268 20.85 -12.24 -18.72
N ILE B 269 20.21 -12.57 -17.60
CA ILE B 269 19.14 -11.74 -17.03
C ILE B 269 19.45 -11.41 -15.61
N HIS B 270 19.43 -10.12 -15.28
CA HIS B 270 19.47 -9.70 -13.89
C HIS B 270 18.06 -9.60 -13.30
N VAL B 271 17.59 -10.63 -12.56
CA VAL B 271 16.19 -10.70 -12.14
C VAL B 271 15.94 -9.88 -10.87
N ALA B 272 14.96 -8.96 -10.94
CA ALA B 272 14.69 -8.00 -9.87
C ALA B 272 13.43 -8.37 -9.13
N GLN B 273 13.31 -7.86 -7.90
CA GLN B 273 12.03 -7.85 -7.15
C GLN B 273 11.89 -6.59 -6.29
N MET B 274 10.67 -6.44 -5.72
CA MET B 274 10.33 -5.27 -4.88
C MET B 274 10.56 -5.53 -3.40
N GLY B 275 10.86 -6.75 -3.06
CA GLY B 275 11.13 -7.05 -1.65
C GLY B 275 9.85 -7.43 -0.90
N GLN B 276 9.94 -7.47 0.41
CA GLN B 276 8.96 -8.16 1.23
C GLN B 276 7.52 -7.71 1.04
N ARG B 277 6.66 -8.67 0.70
CA ARG B 277 5.23 -8.50 0.78
C ARG B 277 4.64 -9.56 1.72
N SER B 278 3.67 -9.17 2.53
CA SER B 278 3.03 -10.13 3.50
C SER B 278 1.56 -10.38 3.23
N ASN B 279 1.11 -11.47 3.86
CA ASN B 279 -0.26 -11.95 3.75
C ASN B 279 -0.65 -11.96 2.27
N VAL B 280 0.09 -12.79 1.53
CA VAL B 280 -0.08 -12.91 0.08
C VAL B 280 -1.04 -14.05 -0.25
N TYR B 281 -1.81 -13.87 -1.31
CA TYR B 281 -2.67 -14.94 -1.82
C TYR B 281 -2.52 -15.12 -3.36
N ASP B 282 -2.89 -16.30 -3.89
CA ASP B 282 -3.10 -16.48 -5.35
C ASP B 282 -4.52 -16.10 -5.72
N TYR B 283 -4.84 -16.09 -7.01
CA TYR B 283 -6.15 -15.63 -7.48
C TYR B 283 -7.28 -16.46 -6.87
N ASN B 284 -7.00 -17.73 -6.55
CA ASN B 284 -8.05 -18.62 -6.09
C ASN B 284 -8.30 -18.43 -4.62
N GLY B 285 -7.38 -17.74 -3.93
CA GLY B 285 -7.59 -17.32 -2.55
C GLY B 285 -6.88 -18.18 -1.53
N ASN B 286 -5.91 -18.98 -1.98
CA ASN B 286 -5.02 -19.72 -1.10
C ASN B 286 -3.94 -18.77 -0.58
N SER B 287 -3.68 -18.85 0.70
CA SER B 287 -2.58 -18.19 1.35
C SER B 287 -1.24 -18.81 0.93
N ILE B 288 -0.25 -17.95 0.62
CA ILE B 288 1.07 -18.43 0.19
C ILE B 288 2.21 -17.58 0.73
N ASP B 289 3.32 -18.22 1.02
CA ASP B 289 4.52 -17.54 1.51
C ASP B 289 5.41 -17.18 0.30
N LEU B 290 5.44 -15.89 -0.01
CA LEU B 290 6.03 -15.44 -1.27
C LEU B 290 7.54 -15.67 -1.25
N SER B 291 8.09 -15.66 -0.05
CA SER B 291 9.53 -15.78 0.20
C SER B 291 10.17 -17.05 -0.34
N THR B 292 9.37 -18.11 -0.51
CA THR B 292 9.87 -19.41 -0.95
C THR B 292 9.56 -19.67 -2.43
N ARG B 293 8.84 -18.75 -3.05
CA ARG B 293 8.40 -18.91 -4.42
C ARG B 293 9.37 -18.45 -5.48
N PHE B 294 10.48 -17.87 -5.11
CA PHE B 294 11.39 -17.34 -6.12
C PHE B 294 12.34 -18.41 -6.66
N SER B 295 12.87 -19.25 -5.79
CA SER B 295 13.72 -20.38 -6.20
C SER B 295 13.15 -21.27 -7.33
N PRO B 296 11.91 -21.75 -7.20
CA PRO B 296 11.42 -22.58 -8.31
C PRO B 296 11.47 -21.88 -9.65
N PHE B 297 11.19 -20.58 -9.61
CA PHE B 297 11.09 -19.77 -10.80
C PHE B 297 12.49 -19.68 -11.37
N LEU B 298 13.44 -19.46 -10.50
CA LEU B 298 14.78 -19.19 -10.91
C LEU B 298 15.47 -20.45 -11.43
N ASP B 299 15.14 -21.58 -10.82
CA ASP B 299 15.73 -22.84 -11.24
C ASP B 299 15.23 -23.07 -12.66
N GLN B 300 13.92 -22.92 -12.82
CA GLN B 300 13.31 -23.13 -14.11
C GLN B 300 13.77 -22.12 -15.17
N ALA B 301 13.95 -20.88 -14.74
CA ALA B 301 14.50 -19.89 -15.65
C ALA B 301 15.88 -20.30 -16.14
N LYS B 302 16.74 -20.73 -15.21
CA LYS B 302 18.11 -21.21 -15.60
C LYS B 302 18.03 -22.35 -16.62
N SER B 303 17.14 -23.33 -16.38
CA SER B 303 16.92 -24.46 -17.26
C SER B 303 16.54 -24.03 -18.68
N VAL B 304 15.56 -23.13 -18.87
CA VAL B 304 15.32 -22.64 -20.23
C VAL B 304 16.43 -21.75 -20.76
N LEU B 305 17.17 -21.06 -19.93
CA LEU B 305 18.25 -20.22 -20.50
C LEU B 305 19.44 -21.08 -21.02
N SER B 306 19.80 -22.11 -20.25
CA SER B 306 20.89 -23.02 -20.63
C SER B 306 20.55 -23.85 -21.87
N ALA B 307 19.36 -24.42 -21.89
CA ALA B 307 18.89 -25.04 -23.09
C ALA B 307 19.01 -24.06 -24.27
N ASN B 308 18.62 -22.80 -24.12
CA ASN B 308 18.55 -21.89 -25.27
C ASN B 308 19.97 -21.58 -25.78
N ASN B 309 20.83 -21.20 -24.86
CA ASN B 309 22.22 -20.88 -25.19
C ASN B 309 23.13 -20.95 -23.94
N PRO B 310 23.97 -22.01 -23.81
CA PRO B 310 24.89 -22.13 -22.65
C PRO B 310 25.91 -21.01 -22.47
N ALA B 311 26.14 -20.21 -23.50
CA ALA B 311 27.07 -19.09 -23.42
C ALA B 311 26.39 -17.83 -22.94
N ARG B 312 25.04 -17.83 -22.93
CA ARG B 312 24.26 -16.63 -22.57
C ARG B 312 23.10 -16.97 -21.68
N ASP B 313 23.42 -17.73 -20.63
CA ASP B 313 22.48 -18.23 -19.64
C ASP B 313 22.79 -17.74 -18.21
N ASN B 314 23.56 -16.66 -18.07
CA ASN B 314 23.85 -16.11 -16.74
C ASN B 314 22.60 -15.59 -16.01
N LEU B 315 22.61 -15.69 -14.68
CA LEU B 315 21.43 -15.46 -13.88
C LEU B 315 21.85 -15.10 -12.46
N THR B 316 21.20 -14.08 -11.94
CA THR B 316 21.26 -13.70 -10.54
C THR B 316 19.88 -13.12 -10.23
N TYR B 317 19.61 -12.89 -8.94
CA TYR B 317 18.30 -12.37 -8.49
C TYR B 317 18.58 -11.45 -7.34
N ASN B 318 17.80 -10.39 -7.24
CA ASN B 318 18.01 -9.42 -6.16
C ASN B 318 17.38 -9.83 -4.87
N ILE B 319 18.18 -10.04 -3.84
CA ILE B 319 17.63 -10.27 -2.50
C ILE B 319 17.55 -8.90 -1.87
N VAL B 320 16.36 -8.32 -1.93
CA VAL B 320 16.07 -6.96 -1.43
C VAL B 320 16.06 -6.91 0.11
N ASP B 321 16.62 -5.86 0.70
CA ASP B 321 16.64 -5.66 2.16
C ASP B 321 17.59 -6.62 2.86
N GLY B 322 18.75 -6.85 2.29
CA GLY B 322 19.71 -7.81 2.92
C GLY B 322 20.04 -7.66 4.40
N THR B 323 19.98 -8.78 5.16
CA THR B 323 20.43 -8.88 6.58
C THR B 323 20.47 -10.34 7.01
N VAL B 324 21.24 -10.64 8.04
CA VAL B 324 21.31 -12.00 8.53
C VAL B 324 19.90 -12.58 8.71
N ASN B 325 19.68 -13.77 8.21
CA ASN B 325 18.34 -14.39 8.16
C ASN B 325 17.20 -13.48 7.64
N GLY B 326 17.50 -12.56 6.75
CA GLY B 326 16.45 -11.71 6.17
C GLY B 326 15.36 -12.40 5.34
N TRP B 327 14.42 -11.61 4.88
CA TRP B 327 13.35 -12.12 4.05
C TRP B 327 13.85 -12.70 2.70
N ALA B 328 13.49 -13.96 2.45
CA ALA B 328 13.93 -14.80 1.35
C ALA B 328 15.41 -15.11 1.30
N VAL B 329 16.20 -14.62 2.24
CA VAL B 329 17.64 -14.81 2.18
C VAL B 329 18.04 -16.29 2.18
N ASN B 330 17.56 -17.03 3.18
CA ASN B 330 17.88 -18.44 3.24
C ASN B 330 17.44 -19.14 1.97
N ASP B 331 16.16 -19.02 1.58
CA ASP B 331 15.65 -19.84 0.48
C ASP B 331 16.48 -19.56 -0.78
N VAL B 332 16.79 -18.30 -1.06
CA VAL B 332 17.41 -18.00 -2.33
C VAL B 332 18.87 -18.41 -2.32
N SER B 333 19.62 -18.00 -1.32
CA SER B 333 21.04 -18.28 -1.30
C SER B 333 21.38 -19.78 -1.12
N LYS B 334 20.51 -20.52 -0.45
CA LYS B 334 20.72 -21.95 -0.32
C LYS B 334 20.07 -22.74 -1.49
N ASN B 335 18.92 -22.31 -2.00
CA ASN B 335 18.21 -23.13 -2.99
C ASN B 335 18.12 -22.69 -4.47
N ALA B 336 18.31 -21.41 -4.81
CA ALA B 336 18.11 -21.01 -6.21
C ALA B 336 19.34 -21.31 -7.08
N ASP B 337 19.11 -21.85 -8.28
CA ASP B 337 20.18 -22.12 -9.25
C ASP B 337 20.70 -20.80 -9.93
N LEU B 338 21.45 -20.02 -9.17
CA LEU B 338 21.92 -18.71 -9.58
C LEU B 338 23.42 -18.73 -9.75
N ASP B 339 23.96 -18.01 -10.72
CA ASP B 339 25.40 -18.12 -11.01
C ASP B 339 26.17 -17.41 -9.93
N PHE B 340 25.58 -16.34 -9.41
CA PHE B 340 26.18 -15.62 -8.32
C PHE B 340 25.04 -15.03 -7.51
N LEU B 341 25.34 -14.59 -6.29
CA LEU B 341 24.37 -13.99 -5.41
C LEU B 341 24.45 -12.46 -5.42
N TYR B 342 23.28 -11.82 -5.39
CA TYR B 342 23.19 -10.34 -5.38
C TYR B 342 22.21 -9.94 -4.29
N SER B 343 22.49 -8.83 -3.61
CA SER B 343 21.56 -8.36 -2.59
C SER B 343 21.61 -6.85 -2.42
N GLU B 344 20.44 -6.24 -2.46
CA GLU B 344 20.28 -4.79 -2.21
C GLU B 344 20.07 -4.52 -0.70
N ILE B 345 20.99 -3.80 -0.10
CA ILE B 345 20.98 -3.47 1.32
C ILE B 345 20.18 -2.19 1.61
N TRP B 346 19.25 -2.31 2.55
CA TRP B 346 18.57 -1.15 3.07
C TRP B 346 19.01 -0.84 4.52
N TYR B 347 18.13 -0.98 5.51
CA TYR B 347 18.44 -0.47 6.84
C TYR B 347 18.42 -1.56 7.91
N LEU B 348 18.56 -2.83 7.52
CA LEU B 348 18.67 -3.93 8.52
C LEU B 348 20.09 -4.46 8.66
N SER B 349 21.06 -3.71 8.14
CA SER B 349 22.48 -4.07 8.30
C SER B 349 23.38 -2.82 8.37
N ASP B 350 23.02 -1.89 9.23
CA ASP B 350 23.62 -0.56 9.21
C ASP B 350 25.08 -0.47 9.67
N SER B 351 25.55 -1.41 10.46
CA SER B 351 26.90 -1.29 10.96
C SER B 351 27.83 -2.12 10.11
N TYR B 352 29.09 -1.72 10.01
CA TYR B 352 30.07 -2.54 9.32
C TYR B 352 29.88 -4.04 9.69
N ASN B 353 29.80 -4.32 10.98
CA ASN B 353 29.84 -5.73 11.45
C ASN B 353 28.60 -6.52 11.10
N GLN B 354 27.43 -5.87 11.10
CA GLN B 354 26.20 -6.55 10.73
C GLN B 354 26.22 -6.88 9.25
N LEU B 355 26.93 -6.09 8.46
CA LEU B 355 27.00 -6.33 7.04
C LEU B 355 28.05 -7.41 6.77
N LYS B 356 29.15 -7.36 7.51
CA LYS B 356 30.15 -8.41 7.47
C LYS B 356 29.55 -9.78 7.75
N ASN B 357 28.63 -9.82 8.70
CA ASN B 357 27.98 -11.09 9.06
C ASN B 357 26.97 -11.57 8.03
N TYR B 358 26.31 -10.65 7.31
CA TYR B 358 25.30 -11.08 6.31
C TYR B 358 26.00 -11.67 5.07
N ILE B 359 27.07 -10.97 4.64
CA ILE B 359 27.97 -11.43 3.59
C ILE B 359 28.53 -12.81 3.93
N GLU B 360 29.02 -13.00 5.16
CA GLU B 360 29.42 -14.34 5.66
C GLU B 360 28.37 -15.41 5.45
N GLN B 361 27.11 -15.08 5.72
CA GLN B 361 26.04 -16.07 5.60
C GLN B 361 25.77 -16.37 4.14
N LEU B 362 25.84 -15.34 3.29
CA LEU B 362 25.52 -15.57 1.89
C LEU B 362 26.59 -16.49 1.31
N ARG B 363 27.84 -16.30 1.72
CA ARG B 363 28.96 -17.17 1.30
C ARG B 363 28.71 -18.61 1.80
N ALA B 364 28.51 -18.83 3.10
CA ALA B 364 28.22 -20.22 3.57
C ALA B 364 26.99 -20.75 2.85
N ASN B 365 25.89 -20.00 2.83
CA ASN B 365 24.68 -20.51 2.14
C ASN B 365 24.83 -20.83 0.64
N GLY B 366 25.61 -20.02 -0.06
CA GLY B 366 25.85 -20.20 -1.50
C GLY B 366 27.02 -21.12 -1.89
N GLY B 367 27.64 -21.79 -0.93
CA GLY B 367 28.78 -22.66 -1.24
C GLY B 367 29.97 -21.84 -1.69
N ASN B 368 30.13 -20.67 -1.11
CA ASN B 368 31.05 -19.67 -1.62
C ASN B 368 30.87 -19.37 -3.16
N LYS B 369 29.62 -19.27 -3.62
CA LYS B 369 29.33 -18.48 -4.82
C LYS B 369 29.75 -17.04 -4.52
N ALA B 370 29.99 -16.26 -5.56
CA ALA B 370 30.38 -14.88 -5.37
C ALA B 370 29.17 -14.10 -4.95
N VAL B 371 29.42 -12.98 -4.28
CA VAL B 371 28.38 -12.13 -3.76
C VAL B 371 28.62 -10.70 -4.17
N VAL B 372 27.56 -10.05 -4.66
CA VAL B 372 27.58 -8.63 -5.02
C VAL B 372 26.48 -7.92 -4.27
N LEU B 373 26.86 -6.81 -3.63
CA LEU B 373 25.92 -5.89 -2.98
C LEU B 373 25.61 -4.63 -3.77
N ALA B 374 24.31 -4.31 -3.86
CA ALA B 374 23.84 -2.96 -4.11
C ALA B 374 23.69 -2.27 -2.75
N ALA B 375 24.51 -1.24 -2.55
CA ALA B 375 24.63 -0.56 -1.27
C ALA B 375 24.98 0.86 -1.57
N TYR B 376 23.96 1.69 -1.60
CA TYR B 376 24.06 3.03 -2.18
C TYR B 376 24.72 3.94 -1.23
N MET B 377 25.96 4.29 -1.51
CA MET B 377 26.75 5.06 -0.56
C MET B 377 26.28 6.51 -0.40
N ASN B 378 26.39 7.00 0.84
CA ASN B 378 25.97 8.33 1.25
C ASN B 378 24.51 8.64 0.89
N TYR B 379 23.65 7.62 0.90
CA TYR B 379 22.32 7.77 0.30
C TYR B 379 21.43 8.79 0.94
N ALA B 380 21.62 9.02 2.23
CA ALA B 380 20.77 9.95 2.97
C ALA B 380 21.41 11.32 3.06
N ASP B 381 22.68 11.43 2.68
CA ASP B 381 23.44 12.62 3.01
C ASP B 381 23.48 13.58 1.84
N ASN B 382 23.20 14.85 2.07
CA ASN B 382 23.42 15.91 1.08
C ASN B 382 24.91 16.25 1.10
N ALA B 383 25.75 15.29 0.71
CA ALA B 383 27.20 15.41 0.86
C ALA B 383 27.82 16.28 -0.26
N GLY B 384 28.74 17.16 0.11
CA GLY B 384 29.49 18.00 -0.84
C GLY B 384 29.62 19.41 -0.33
N THR B 385 30.41 20.22 -1.02
CA THR B 385 30.56 21.66 -0.77
C THR B 385 29.20 22.36 -0.82
N ARG B 386 28.84 23.07 0.23
CA ARG B 386 27.56 23.74 0.28
C ARG B 386 27.63 25.27 0.15
N TYR B 387 26.68 25.82 -0.61
CA TYR B 387 26.45 27.26 -0.73
C TYR B 387 25.04 27.59 -0.27
N GLU B 388 24.92 28.31 0.86
CA GLU B 388 23.61 28.52 1.49
C GLU B 388 22.81 29.47 0.65
N ALA B 389 21.52 29.20 0.55
CA ALA B 389 20.65 29.99 -0.32
C ALA B 389 20.65 31.45 0.14
N GLU B 390 20.51 31.61 1.45
CA GLU B 390 20.43 32.88 2.11
C GLU B 390 21.72 33.72 2.03
N SER B 391 22.77 33.07 1.55
CA SER B 391 24.07 33.65 1.41
C SER B 391 24.33 33.99 -0.07
N ALA B 392 23.40 33.68 -0.95
CA ALA B 392 23.57 33.85 -2.38
C ALA B 392 23.07 35.24 -2.81
N SER B 393 22.78 35.42 -4.11
CA SER B 393 22.19 36.67 -4.64
C SER B 393 20.72 36.51 -5.10
N MET B 394 19.79 37.05 -4.29
CA MET B 394 18.35 36.86 -4.45
C MET B 394 17.68 38.08 -5.05
N THR B 395 16.77 37.86 -6.00
CA THR B 395 15.97 38.94 -6.59
C THR B 395 14.50 38.63 -6.32
N ASN B 396 13.85 39.47 -5.50
CA ASN B 396 12.39 39.50 -5.33
C ASN B 396 11.86 38.44 -4.39
N VAL B 397 12.78 37.91 -3.60
CA VAL B 397 12.47 36.95 -2.59
C VAL B 397 13.39 37.35 -1.46
N SER B 398 12.95 37.02 -0.24
CA SER B 398 13.70 37.35 0.96
C SER B 398 13.91 36.05 1.75
N THR B 399 14.76 36.11 2.77
CA THR B 399 15.01 34.95 3.60
C THR B 399 13.95 34.80 4.69
N ASN B 400 14.05 33.67 5.39
CA ASN B 400 13.20 33.36 6.55
C ASN B 400 13.77 32.25 7.42
N THR B 401 12.98 31.82 8.42
CA THR B 401 13.41 30.85 9.44
C THR B 401 12.26 30.06 10.07
N ASN B 402 11.09 30.10 9.45
CA ASN B 402 9.88 29.64 10.12
C ASN B 402 9.43 28.25 9.70
N HIS B 403 10.38 27.43 9.29
CA HIS B 403 10.17 25.99 9.20
C HIS B 403 11.49 25.35 9.65
N ALA B 404 11.43 24.38 10.56
CA ALA B 404 12.67 23.89 11.14
C ALA B 404 13.32 22.91 10.18
N GLY B 405 14.64 22.73 10.31
CA GLY B 405 15.39 21.75 9.52
C GLY B 405 16.40 22.33 8.53
N TYR B 406 16.34 23.64 8.29
CA TYR B 406 17.23 24.31 7.36
C TYR B 406 18.67 24.29 7.89
N THR B 407 19.64 24.26 6.98
CA THR B 407 21.02 24.47 7.37
C THR B 407 21.34 25.95 7.27
N GLY B 408 22.43 26.34 7.96
CA GLY B 408 22.85 27.74 8.01
C GLY B 408 21.82 28.61 8.71
N SER B 409 21.88 29.91 8.45
CA SER B 409 21.04 30.89 9.16
C SER B 409 19.56 30.89 8.75
N GLY B 410 19.21 30.19 7.67
CA GLY B 410 17.82 30.14 7.27
C GLY B 410 17.67 29.60 5.86
N PHE B 411 16.60 30.01 5.20
CA PHE B 411 16.32 29.62 3.83
C PHE B 411 15.63 30.74 3.07
N VAL B 412 15.42 30.54 1.77
CA VAL B 412 14.77 31.54 0.94
C VAL B 412 13.34 31.14 0.66
N ASP B 413 12.38 32.03 0.92
CA ASP B 413 10.97 31.69 0.72
C ASP B 413 10.26 32.49 -0.33
N GLN B 414 8.99 32.17 -0.52
CA GLN B 414 8.13 32.88 -1.45
C GLN B 414 8.75 32.96 -2.85
N PHE B 415 9.52 31.94 -3.19
CA PHE B 415 10.05 31.76 -4.51
C PHE B 415 8.91 31.18 -5.32
N ALA B 416 8.11 32.10 -5.88
CA ALA B 416 6.76 31.80 -6.34
C ALA B 416 6.17 32.54 -7.55
N SER B 417 6.90 33.48 -8.17
CA SER B 417 6.33 34.27 -9.31
C SER B 417 7.36 34.76 -10.30
N THR B 418 6.90 35.04 -11.52
CA THR B 418 7.78 35.50 -12.60
C THR B 418 8.67 36.65 -12.12
N GLY B 419 9.95 36.59 -12.48
CA GLY B 419 10.94 37.57 -12.06
C GLY B 419 11.77 37.19 -10.85
N ASP B 420 11.38 36.11 -10.15
CA ASP B 420 12.07 35.70 -8.94
C ASP B 420 13.31 34.95 -9.33
N LYS B 421 14.40 35.16 -8.61
CA LYS B 421 15.69 34.54 -8.95
C LYS B 421 16.59 34.34 -7.75
N VAL B 422 17.36 33.26 -7.78
CA VAL B 422 18.42 33.07 -6.81
C VAL B 422 19.60 32.68 -7.64
N SER B 423 20.73 33.40 -7.44
CA SER B 423 21.97 33.23 -8.22
C SER B 423 23.09 32.96 -7.26
N PHE B 424 23.82 31.88 -7.52
CA PHE B 424 24.89 31.38 -6.65
C PHE B 424 26.25 31.52 -7.32
N ALA B 425 27.20 32.15 -6.66
CA ALA B 425 28.55 32.22 -7.22
C ALA B 425 29.35 31.04 -6.69
N ILE B 426 29.70 30.09 -7.56
CA ILE B 426 30.38 28.90 -7.09
C ILE B 426 31.72 28.70 -7.74
N ASN B 427 32.51 27.79 -7.17
CA ASN B 427 33.78 27.44 -7.75
C ASN B 427 34.08 25.91 -7.87
N ALA B 428 34.45 25.50 -9.07
CA ALA B 428 34.88 24.15 -9.37
C ALA B 428 36.40 23.96 -9.19
N PRO B 429 36.82 23.29 -8.10
CA PRO B 429 38.26 23.12 -7.84
C PRO B 429 39.01 22.48 -9.03
N GLU B 430 38.43 21.45 -9.61
CA GLU B 430 39.01 20.80 -10.79
C GLU B 430 37.98 20.78 -11.92
N ALA B 431 38.43 20.79 -13.17
CA ALA B 431 37.53 20.62 -14.31
C ALA B 431 36.81 19.27 -14.20
N GLY B 432 35.54 19.22 -14.62
CA GLY B 432 34.79 17.94 -14.57
C GLY B 432 33.26 18.06 -14.43
N ASP B 433 32.64 16.93 -14.14
CA ASP B 433 31.17 16.86 -13.96
C ASP B 433 30.81 17.27 -12.55
N TYR B 434 29.83 18.16 -12.42
CA TYR B 434 29.29 18.54 -11.14
C TYR B 434 27.80 18.31 -10.99
N SER B 435 27.44 17.73 -9.84
CA SER B 435 26.05 17.43 -9.49
C SER B 435 25.57 18.64 -8.76
N LEU B 436 24.62 19.36 -9.34
CA LEU B 436 24.11 20.56 -8.72
C LEU B 436 22.83 20.10 -7.96
N VAL B 437 22.82 20.26 -6.66
CA VAL B 437 21.79 19.66 -5.83
C VAL B 437 21.13 20.68 -4.91
N PHE B 438 19.83 20.88 -5.09
CA PHE B 438 19.11 21.85 -4.28
C PHE B 438 18.29 21.22 -3.14
N ARG B 439 18.51 21.72 -1.91
CA ARG B 439 17.66 21.40 -0.81
C ARG B 439 16.47 22.40 -0.81
N TYR B 440 15.27 21.84 -0.82
CA TYR B 440 14.04 22.63 -1.01
C TYR B 440 12.94 22.08 -0.13
N GLY B 441 11.85 22.86 -0.03
CA GLY B 441 10.57 22.37 0.50
C GLY B 441 9.46 22.78 -0.47
N ASN B 442 8.39 21.99 -0.49
CA ASN B 442 7.23 22.20 -1.42
C ASN B 442 6.02 21.49 -0.86
N ASN B 443 5.05 22.27 -0.37
CA ASN B 443 3.72 21.76 0.07
C ASN B 443 2.62 22.55 -0.61
N THR B 444 2.84 22.94 -1.86
CA THR B 444 1.80 23.54 -2.68
C THR B 444 0.68 22.51 -3.09
N GLY B 445 0.94 21.23 -2.88
CA GLY B 445 0.03 20.19 -3.33
C GLY B 445 0.23 19.71 -4.75
N ALA B 446 1.25 20.25 -5.42
CA ALA B 446 1.62 19.76 -6.77
C ALA B 446 3.10 20.05 -7.04
N ASN B 447 3.59 19.47 -8.13
CA ASN B 447 4.94 19.77 -8.60
C ASN B 447 5.19 21.26 -8.74
N SER B 448 6.34 21.70 -8.21
CA SER B 448 6.83 23.06 -8.40
C SER B 448 8.03 23.04 -9.35
N THR B 449 8.08 24.01 -10.27
CA THR B 449 9.19 24.07 -11.22
C THR B 449 9.93 25.38 -11.24
N LEU B 450 11.19 25.28 -11.64
CA LEU B 450 12.09 26.43 -11.81
C LEU B 450 13.06 26.12 -12.93
N ASN B 451 13.51 27.18 -13.60
CA ASN B 451 14.49 27.07 -14.68
C ASN B 451 15.89 27.22 -14.19
N LEU B 452 16.76 26.29 -14.58
CA LEU B 452 18.13 26.26 -14.08
C LEU B 452 19.05 26.86 -15.16
N TYR B 453 19.73 27.92 -14.78
CA TYR B 453 20.68 28.58 -15.65
C TYR B 453 22.11 28.39 -15.11
N VAL B 454 23.01 28.00 -16.02
CA VAL B 454 24.44 27.85 -15.71
C VAL B 454 25.33 28.76 -16.59
N ASP B 455 26.04 29.67 -15.94
CA ASP B 455 26.84 30.70 -16.63
C ASP B 455 26.03 31.51 -17.64
N GLY B 456 24.83 31.94 -17.23
CA GLY B 456 23.94 32.69 -18.08
C GLY B 456 23.21 31.87 -19.14
N ASN B 457 23.41 30.54 -19.21
CA ASN B 457 22.61 29.73 -20.17
C ASN B 457 21.62 28.70 -19.55
N PHE B 458 20.46 28.57 -20.18
CA PHE B 458 19.43 27.63 -19.77
C PHE B 458 19.90 26.19 -19.88
N VAL B 459 19.84 25.47 -18.77
CA VAL B 459 20.29 24.06 -18.73
C VAL B 459 19.12 23.04 -18.65
N GLN B 460 18.17 23.30 -17.77
CA GLN B 460 17.08 22.36 -17.54
C GLN B 460 15.97 23.07 -16.78
N LYS B 461 14.72 22.69 -17.05
CA LYS B 461 13.68 22.94 -16.07
C LYS B 461 13.73 21.83 -15.01
N LEU B 462 13.92 22.20 -13.76
CA LEU B 462 14.01 21.22 -12.67
C LEU B 462 12.68 21.12 -11.90
N TYR B 463 12.36 19.94 -11.38
CA TYR B 463 11.11 19.75 -10.64
C TYR B 463 11.46 19.73 -9.19
N PHE B 464 10.59 20.32 -8.38
CA PHE B 464 10.69 20.23 -6.96
C PHE B 464 9.42 19.50 -6.48
N PHE B 465 9.59 18.29 -5.93
CA PHE B 465 8.43 17.40 -5.80
C PHE B 465 7.58 17.85 -4.66
N ASN B 466 6.28 17.72 -4.79
CA ASN B 466 5.40 18.05 -3.66
C ASN B 466 5.63 17.09 -2.50
N GLN B 467 5.67 17.65 -1.30
CA GLN B 467 5.89 16.90 -0.08
C GLN B 467 4.67 17.11 0.86
N SER B 468 4.55 16.27 1.88
CA SER B 468 3.41 16.25 2.83
C SER B 468 3.28 17.49 3.75
N SER B 469 4.29 18.37 3.76
CA SER B 469 4.36 19.45 4.72
C SER B 469 5.55 20.39 4.44
N TRP B 470 5.38 21.69 4.67
CA TRP B 470 6.51 22.64 4.54
C TRP B 470 7.68 22.31 5.47
N GLY B 471 7.47 21.50 6.51
CA GLY B 471 8.59 21.09 7.37
C GLY B 471 9.44 19.94 6.81
N THR B 472 9.03 19.41 5.67
CA THR B 472 9.63 18.19 5.12
C THR B 472 10.64 18.51 3.97
N TRP B 473 11.89 18.80 4.33
CA TRP B 473 12.93 19.13 3.34
C TRP B 473 13.36 17.95 2.50
N LYS B 474 13.55 18.18 1.21
CA LYS B 474 14.23 17.21 0.36
C LYS B 474 15.41 17.84 -0.39
N HIS B 475 16.29 16.98 -0.87
CA HIS B 475 17.40 17.41 -1.69
C HIS B 475 17.56 16.51 -2.92
N ASP B 476 16.43 16.19 -3.57
CA ASP B 476 16.42 15.38 -4.77
C ASP B 476 16.03 16.14 -6.05
N ALA B 477 16.23 17.43 -6.02
CA ALA B 477 16.12 18.24 -7.20
C ALA B 477 17.59 18.53 -7.63
N TRP B 478 17.99 18.10 -8.82
CA TRP B 478 19.42 18.16 -9.20
C TRP B 478 19.57 18.15 -10.71
N TYR B 479 20.75 18.59 -11.15
CA TYR B 479 21.11 18.43 -12.53
C TYR B 479 22.61 18.37 -12.49
N GLN B 480 23.19 17.52 -13.34
CA GLN B 480 24.63 17.32 -13.42
C GLN B 480 25.16 17.93 -14.68
N VAL B 481 26.18 18.76 -14.57
CA VAL B 481 26.73 19.47 -15.73
C VAL B 481 28.27 19.39 -15.79
N PRO B 482 28.86 19.56 -16.99
CA PRO B 482 30.31 19.70 -17.07
C PRO B 482 30.73 21.15 -16.78
N LEU B 483 31.78 21.29 -15.96
CA LEU B 483 32.34 22.60 -15.66
C LEU B 483 33.88 22.63 -15.77
N THR B 484 34.38 23.80 -16.17
CA THR B 484 35.79 24.08 -16.23
C THR B 484 36.26 24.45 -14.82
N GLN B 485 37.52 24.20 -14.50
CA GLN B 485 38.06 24.71 -13.24
C GLN B 485 37.82 26.22 -13.17
N GLY B 486 37.64 26.72 -11.94
CA GLY B 486 37.41 28.12 -11.72
C GLY B 486 35.96 28.51 -11.44
N ALA B 487 35.71 29.80 -11.64
CA ALA B 487 34.48 30.44 -11.22
C ALA B 487 33.33 30.07 -12.14
N HIS B 488 32.15 29.87 -11.55
CA HIS B 488 30.91 29.82 -12.30
C HIS B 488 29.74 30.41 -11.57
N THR B 489 28.68 30.68 -12.34
CA THR B 489 27.39 31.12 -11.84
C THR B 489 26.28 29.99 -11.93
N VAL B 490 25.64 29.66 -10.82
CA VAL B 490 24.48 28.73 -10.86
C VAL B 490 23.20 29.43 -10.40
N GLU B 491 22.19 29.42 -11.26
CA GLU B 491 21.05 30.27 -11.04
C GLU B 491 19.74 29.52 -11.38
N LEU B 492 18.78 29.61 -10.46
CA LEU B 492 17.39 29.17 -10.68
C LEU B 492 16.56 30.41 -10.86
N ARG B 493 15.72 30.42 -11.89
CA ARG B 493 14.81 31.52 -12.17
C ARG B 493 13.36 31.12 -12.34
N TYR B 494 12.44 31.88 -11.75
CA TYR B 494 11.02 31.65 -11.95
C TYR B 494 10.59 32.47 -13.15
N GLU B 495 10.37 31.79 -14.25
CA GLU B 495 9.97 32.41 -15.50
C GLU B 495 8.59 31.87 -15.87
N SER B 496 8.04 32.37 -16.95
CA SER B 496 6.62 32.19 -17.18
C SER B 496 6.47 30.76 -17.63
N GLY B 497 5.36 30.13 -17.26
CA GLY B 497 5.29 28.68 -17.47
C GLY B 497 6.22 27.85 -16.55
N ASN B 498 6.71 28.44 -15.46
CA ASN B 498 7.08 27.64 -14.32
C ASN B 498 5.82 27.64 -13.50
N VAL B 499 5.76 26.74 -12.51
CA VAL B 499 4.59 26.59 -11.67
C VAL B 499 4.98 26.41 -10.22
N GLY B 500 4.00 26.69 -9.38
CA GLY B 500 4.07 26.40 -7.99
C GLY B 500 5.04 27.32 -7.33
N ALA B 501 5.69 26.78 -6.32
CA ALA B 501 6.53 27.59 -5.54
C ALA B 501 7.35 26.66 -4.72
N VAL B 502 8.43 27.23 -4.17
CA VAL B 502 9.43 26.47 -3.43
C VAL B 502 10.02 27.32 -2.36
N ASN B 503 10.49 26.67 -1.30
CA ASN B 503 11.42 27.26 -0.35
C ASN B 503 12.76 26.66 -0.67
N LEU B 504 13.80 27.50 -0.74
CA LEU B 504 15.13 27.03 -1.15
C LEU B 504 16.14 27.21 -0.05
N ASP B 505 16.79 26.11 0.33
CA ASP B 505 17.63 26.13 1.51
C ASP B 505 19.10 26.36 1.14
N SER B 506 19.51 25.74 0.05
CA SER B 506 20.94 25.60 -0.30
C SER B 506 21.16 24.97 -1.66
N LEU B 507 22.36 25.19 -2.19
CA LEU B 507 22.89 24.45 -3.34
C LEU B 507 24.11 23.69 -2.84
N THR B 508 24.23 22.47 -3.29
CA THR B 508 25.31 21.60 -2.83
C THR B 508 25.86 20.93 -4.07
N LEU B 509 27.18 20.78 -4.11
CA LEU B 509 27.86 20.13 -5.21
C LEU B 509 27.97 18.68 -4.78
N GLY B 510 27.04 17.86 -5.24
CA GLY B 510 26.89 16.55 -4.65
C GLY B 510 28.07 15.71 -5.00
N THR B 511 28.70 15.17 -3.98
CA THR B 511 29.98 14.56 -4.14
C THR B 511 30.02 13.35 -3.24
N PHE B 512 30.34 12.18 -3.80
CA PHE B 512 30.60 11.01 -2.97
C PHE B 512 31.75 11.26 -2.03
N ASP B 513 31.58 10.73 -0.81
CA ASP B 513 32.53 10.92 0.24
C ASP B 513 33.64 9.89 0.14
N GLU B 514 34.84 10.37 -0.14
CA GLU B 514 35.99 9.48 -0.39
C GLU B 514 36.15 8.48 0.74
N HIS B 515 36.08 8.97 1.97
CA HIS B 515 36.49 8.19 3.11
C HIS B 515 35.51 7.04 3.37
N SER B 516 34.22 7.34 3.32
CA SER B 516 33.19 6.31 3.63
C SER B 516 33.19 5.22 2.58
N VAL B 517 33.37 5.67 1.35
CA VAL B 517 33.37 4.81 0.19
C VAL B 517 34.55 3.85 0.25
N ARG B 518 35.70 4.36 0.66
CA ARG B 518 36.90 3.54 0.72
C ARG B 518 36.72 2.48 1.80
N LEU B 519 36.19 2.89 2.95
CA LEU B 519 36.00 1.98 4.08
C LEU B 519 34.91 0.96 3.87
N ALA B 520 33.82 1.39 3.25
CA ALA B 520 32.72 0.46 2.89
C ALA B 520 33.21 -0.58 1.91
N ASP B 521 33.92 -0.13 0.87
CA ASP B 521 34.43 -1.05 -0.15
C ASP B 521 35.45 -2.04 0.44
N ALA B 522 36.35 -1.56 1.29
CA ALA B 522 37.31 -2.45 1.99
C ALA B 522 36.56 -3.45 2.83
N MET B 523 35.50 -3.01 3.48
CA MET B 523 34.76 -3.86 4.40
C MET B 523 34.12 -4.96 3.63
N MET B 524 33.46 -4.58 2.54
CA MET B 524 32.72 -5.57 1.77
C MET B 524 33.67 -6.60 1.22
N SER B 525 34.79 -6.12 0.69
CA SER B 525 35.68 -7.03 -0.03
C SER B 525 36.47 -7.89 0.93
N ALA B 526 36.90 -7.30 2.03
CA ALA B 526 37.61 -8.06 3.04
C ALA B 526 36.70 -9.15 3.59
N SER B 527 35.39 -8.89 3.56
CA SER B 527 34.37 -9.79 4.07
C SER B 527 33.95 -10.84 3.06
N GLY B 528 34.33 -10.65 1.80
CA GLY B 528 34.04 -11.66 0.80
C GLY B 528 33.06 -11.27 -0.30
N ALA B 529 32.86 -9.98 -0.51
CA ALA B 529 31.91 -9.55 -1.51
C ALA B 529 32.46 -8.43 -2.39
N THR B 530 31.79 -8.22 -3.52
CA THR B 530 31.98 -7.00 -4.32
C THR B 530 30.74 -6.09 -4.29
N HIS B 531 30.87 -4.91 -4.92
CA HIS B 531 29.94 -3.80 -4.76
C HIS B 531 29.55 -3.23 -6.15
N ILE B 532 28.28 -3.40 -6.57
CA ILE B 532 27.79 -2.72 -7.79
C ILE B 532 27.68 -1.23 -7.48
N GLU B 533 28.60 -0.43 -8.06
CA GLU B 533 28.66 0.98 -7.72
C GLU B 533 29.12 1.92 -8.82
N LEU B 534 29.55 1.39 -9.95
CA LEU B 534 30.11 2.19 -11.03
C LEU B 534 29.41 1.89 -12.32
N GLY B 535 29.15 2.89 -13.12
CA GLY B 535 28.42 2.66 -14.36
C GLY B 535 28.37 3.82 -15.34
N ASP B 536 27.75 3.58 -16.50
CA ASP B 536 27.67 4.64 -17.54
C ASP B 536 29.04 5.36 -17.69
N ASP B 537 29.07 6.69 -17.86
CA ASP B 537 30.31 7.37 -18.19
C ASP B 537 31.03 7.71 -16.92
N ASN B 538 31.56 6.67 -16.30
CA ASN B 538 32.29 6.85 -15.05
C ASN B 538 31.49 7.46 -13.92
N GLN B 539 30.22 7.06 -13.81
CA GLN B 539 29.33 7.50 -12.75
C GLN B 539 29.44 6.51 -11.61
N MET B 540 29.16 6.99 -10.40
CA MET B 540 28.99 6.16 -9.18
C MET B 540 27.52 6.30 -8.75
N LEU B 541 26.99 5.19 -8.20
CA LEU B 541 25.57 4.95 -8.09
C LEU B 541 25.04 5.56 -6.84
N PRO B 542 24.09 6.50 -6.97
CA PRO B 542 23.69 7.20 -5.73
C PRO B 542 22.33 6.76 -5.12
N HIS B 543 21.55 6.01 -5.90
CA HIS B 543 20.13 5.78 -5.64
C HIS B 543 19.72 4.47 -6.37
N GLU B 544 18.63 3.84 -5.97
CA GLU B 544 18.15 2.61 -6.67
C GLU B 544 17.75 2.84 -8.10
N TYR B 545 17.35 4.07 -8.44
CA TYR B 545 17.04 4.49 -9.81
C TYR B 545 18.38 4.91 -10.43
N TYR B 546 18.97 4.01 -11.23
CA TYR B 546 20.36 4.13 -11.67
C TYR B 546 20.63 5.41 -12.48
N PRO B 547 19.63 5.99 -13.17
CA PRO B 547 20.03 7.20 -13.97
C PRO B 547 20.12 8.45 -13.18
N ASN B 548 19.99 8.34 -11.87
CA ASN B 548 20.13 9.42 -10.92
C ASN B 548 21.60 9.82 -10.86
N ARG B 549 21.90 11.10 -11.05
CA ARG B 549 23.30 11.58 -10.97
C ARG B 549 23.45 12.71 -9.98
N SER B 550 22.79 12.54 -8.84
CA SER B 550 22.77 13.54 -7.79
C SER B 550 24.07 13.53 -6.97
N LYS B 551 24.98 12.62 -7.27
CA LYS B 551 26.34 12.71 -6.70
C LYS B 551 27.36 12.31 -7.76
N THR B 552 28.59 12.76 -7.57
CA THR B 552 29.66 12.61 -8.55
C THR B 552 30.95 12.36 -7.80
N MET B 553 31.81 11.47 -8.31
CA MET B 553 33.17 11.26 -7.71
C MET B 553 34.13 12.35 -8.18
N ARG B 554 34.88 12.96 -7.27
CA ARG B 554 35.98 13.87 -7.66
C ARG B 554 37.23 13.02 -7.88
N SER B 555 38.26 13.61 -8.49
CA SER B 555 39.48 12.88 -8.95
C SER B 555 40.16 12.06 -7.87
N SER B 556 40.13 12.56 -6.66
CA SER B 556 40.82 11.85 -5.59
C SER B 556 40.16 10.50 -5.26
N LEU B 557 38.84 10.37 -5.48
CA LEU B 557 38.12 9.12 -5.20
C LEU B 557 38.23 8.19 -6.38
N LYS B 558 38.08 8.76 -7.58
CA LYS B 558 38.40 8.02 -8.81
C LYS B 558 39.75 7.26 -8.66
N ASN B 559 40.83 7.97 -8.36
CA ASN B 559 42.13 7.31 -8.16
C ASN B 559 42.01 6.19 -7.14
N ALA B 560 41.51 6.51 -5.96
CA ALA B 560 41.30 5.51 -4.91
C ALA B 560 40.53 4.32 -5.39
N MET B 561 39.61 4.56 -6.34
CA MET B 561 38.78 3.48 -6.81
C MET B 561 39.53 2.61 -7.85
N LYS B 562 40.38 3.27 -8.63
CA LYS B 562 41.23 2.55 -9.56
C LYS B 562 42.13 1.58 -8.77
N ASP B 563 42.79 2.12 -7.74
CA ASP B 563 43.60 1.33 -6.81
C ASP B 563 42.78 0.22 -6.14
N HIS B 564 41.60 0.56 -5.64
CA HIS B 564 40.75 -0.43 -4.97
C HIS B 564 40.35 -1.53 -5.94
N TYR B 565 39.99 -1.15 -7.16
CA TYR B 565 39.53 -2.14 -8.13
C TYR B 565 40.72 -2.95 -8.69
N ASN B 566 41.88 -2.30 -8.81
CA ASN B 566 43.16 -3.02 -9.00
C ASN B 566 43.37 -4.10 -7.94
N PHE B 567 43.16 -3.71 -6.71
CA PHE B 567 43.42 -4.57 -5.59
C PHE B 567 42.51 -5.79 -5.45
N ILE B 568 41.22 -5.66 -5.72
CA ILE B 568 40.34 -6.82 -5.54
C ILE B 568 40.31 -7.67 -6.80
N THR B 569 40.91 -7.14 -7.85
CA THR B 569 41.21 -7.97 -9.01
C THR B 569 42.48 -8.82 -8.70
N ALA B 570 43.59 -8.16 -8.37
CA ALA B 570 44.89 -8.87 -8.10
C ALA B 570 44.81 -9.95 -7.00
N TYR B 571 44.00 -9.69 -5.98
CA TYR B 571 44.01 -10.52 -4.78
C TYR B 571 42.75 -11.35 -4.66
N GLU B 572 42.05 -11.49 -5.78
CA GLU B 572 40.75 -12.18 -5.79
C GLU B 572 40.84 -13.60 -5.22
N ASN B 573 41.94 -14.30 -5.47
CA ASN B 573 42.12 -15.65 -4.91
C ASN B 573 42.16 -15.62 -3.40
N LEU B 574 42.63 -14.50 -2.86
CA LEU B 574 42.70 -14.32 -1.42
C LEU B 574 41.39 -13.88 -0.79
N LEU B 575 40.53 -13.24 -1.58
CA LEU B 575 39.31 -12.56 -1.10
C LEU B 575 38.04 -13.34 -1.39
N PHE B 576 37.89 -13.82 -2.62
CA PHE B 576 36.62 -14.41 -3.08
C PHE B 576 36.67 -15.87 -3.47
N ASP B 577 37.83 -16.48 -3.39
CA ASP B 577 37.98 -17.85 -3.86
C ASP B 577 37.16 -18.82 -2.99
N SER B 578 36.57 -19.85 -3.61
CA SER B 578 35.72 -20.82 -2.90
C SER B 578 36.32 -21.42 -1.61
N ASP B 579 37.65 -21.49 -1.50
CA ASP B 579 38.29 -21.96 -0.26
C ASP B 579 38.61 -20.83 0.76
N VAL B 580 38.21 -19.58 0.48
CA VAL B 580 38.30 -18.51 1.49
C VAL B 580 37.13 -18.69 2.41
N VAL B 581 37.42 -18.83 3.70
CA VAL B 581 36.43 -19.17 4.69
C VAL B 581 36.74 -18.37 5.95
N PRO B 582 35.75 -18.21 6.86
CA PRO B 582 36.01 -17.51 8.13
C PRO B 582 37.13 -18.20 8.96
N ASN B 583 37.88 -17.45 9.76
CA ASN B 583 38.85 -18.06 10.68
C ASN B 583 38.54 -17.68 12.12
N ASP B 584 37.35 -18.06 12.60
CA ASP B 584 36.81 -17.53 13.87
C ASP B 584 36.69 -18.58 14.97
N THR B 585 36.80 -19.86 14.60
CA THR B 585 36.81 -20.95 15.59
C THR B 585 38.02 -20.77 16.55
N GLY B 586 37.77 -20.90 17.86
CA GLY B 586 38.79 -20.60 18.87
C GLY B 586 38.97 -19.10 19.08
N SER B 587 40.09 -18.72 19.70
CA SER B 587 40.33 -17.33 20.13
C SER B 587 40.93 -16.43 19.03
N GLN B 588 40.10 -15.55 18.47
CA GLN B 588 40.56 -14.43 17.63
C GLN B 588 41.26 -13.37 18.49
N PHE B 589 42.50 -13.02 18.17
CA PHE B 589 43.19 -11.95 18.92
C PHE B 589 44.33 -11.28 18.18
N VAL B 590 44.18 -9.97 17.98
CA VAL B 590 45.22 -9.11 17.45
C VAL B 590 45.46 -7.97 18.44
N ASN B 591 46.72 -7.71 18.75
CA ASN B 591 47.08 -6.68 19.70
C ASN B 591 47.90 -5.63 19.00
N LEU B 592 47.61 -4.37 19.32
CA LEU B 592 48.22 -3.23 18.67
C LEU B 592 48.64 -2.20 19.70
N THR B 593 49.83 -1.67 19.50
CA THR B 593 50.44 -0.82 20.49
C THR B 593 50.24 0.64 20.11
N GLY B 594 49.77 1.41 21.09
CA GLY B 594 49.46 2.83 20.90
C GLY B 594 48.11 3.04 20.23
N VAL B 595 47.36 1.96 20.03
CA VAL B 595 46.10 2.04 19.30
C VAL B 595 45.10 0.99 19.77
N SER B 596 43.85 1.45 19.90
CA SER B 596 42.76 0.62 20.37
C SER B 596 42.33 -0.31 19.23
N ALA B 597 41.76 -1.47 19.52
CA ALA B 597 41.49 -2.43 18.47
C ALA B 597 40.33 -3.35 18.81
N SER B 598 39.64 -3.83 17.79
CA SER B 598 38.44 -4.61 18.01
C SER B 598 38.25 -5.59 16.86
N GLY B 599 37.61 -6.71 17.17
CA GLY B 599 37.32 -7.77 16.21
C GLY B 599 35.88 -7.82 15.77
N ASP B 600 35.12 -6.74 16.06
CA ASP B 600 33.68 -6.65 15.70
C ASP B 600 33.27 -5.28 15.10
N GLY B 601 34.26 -4.53 14.64
CA GLY B 601 34.01 -3.27 13.93
C GLY B 601 33.45 -2.16 14.77
N SER B 602 33.91 -2.07 16.02
CA SER B 602 33.49 -0.99 16.89
C SER B 602 34.07 0.36 16.44
N ALA B 603 33.33 1.41 16.74
CA ALA B 603 33.73 2.76 16.47
C ALA B 603 35.14 3.02 17.00
N ASN B 604 35.82 3.92 16.33
CA ASN B 604 37.07 4.44 16.86
C ASN B 604 38.12 3.33 17.21
N THR B 605 38.26 2.34 16.33
CA THR B 605 39.24 1.27 16.52
C THR B 605 39.92 0.91 15.22
N VAL B 606 40.83 -0.05 15.29
CA VAL B 606 41.34 -0.72 14.11
C VAL B 606 40.69 -2.10 14.10
N TRP B 607 40.11 -2.47 12.98
CA TRP B 607 39.27 -3.65 12.95
C TRP B 607 39.97 -4.81 12.23
N TYR B 608 40.11 -5.92 12.96
CA TYR B 608 40.63 -7.16 12.37
C TYR B 608 39.55 -8.19 12.09
N ILE B 609 39.65 -8.78 10.90
CA ILE B 609 38.72 -9.79 10.46
C ILE B 609 39.58 -10.97 10.09
N ASN B 610 39.29 -12.13 10.65
CA ASN B 610 40.11 -13.32 10.41
C ASN B 610 39.53 -14.18 9.31
N LYS B 611 40.34 -14.39 8.27
CA LYS B 611 39.99 -15.29 7.18
C LYS B 611 41.18 -16.24 6.89
N ARG B 612 40.91 -17.33 6.18
CA ARG B 612 41.93 -18.32 5.80
C ARG B 612 41.59 -19.16 4.56
N THR B 613 42.64 -19.48 3.79
CA THR B 613 42.56 -20.47 2.71
C THR B 613 43.31 -21.70 3.20
N SER B 614 43.39 -22.75 2.38
CA SER B 614 44.23 -23.90 2.69
C SER B 614 45.64 -23.45 3.09
N ASP B 615 46.23 -22.53 2.34
CA ASP B 615 47.64 -22.22 2.48
C ASP B 615 47.96 -21.02 3.34
N TYR B 616 47.02 -20.07 3.44
CA TYR B 616 47.33 -18.75 4.00
C TYR B 616 46.48 -18.35 5.23
N ASN B 617 47.15 -17.69 6.18
CA ASN B 617 46.51 -17.06 7.31
C ASN B 617 46.37 -15.58 6.98
N ILE B 618 45.13 -15.09 7.00
CA ILE B 618 44.81 -13.73 6.55
C ILE B 618 44.06 -12.96 7.61
N VAL B 619 44.50 -11.72 7.74
CA VAL B 619 43.94 -10.81 8.68
C VAL B 619 43.87 -9.47 8.00
N HIS B 620 42.64 -8.98 7.86
CA HIS B 620 42.43 -7.63 7.34
C HIS B 620 42.37 -6.68 8.51
N LEU B 621 42.98 -5.49 8.34
CA LEU B 621 42.84 -4.43 9.29
C LEU B 621 42.17 -3.25 8.60
N ILE B 622 41.07 -2.81 9.19
CA ILE B 622 40.29 -1.74 8.64
C ILE B 622 40.33 -0.60 9.60
N ASN B 623 40.65 0.59 9.11
CA ASN B 623 40.91 1.69 9.98
C ASN B 623 39.69 2.58 10.31
N LEU B 624 38.91 2.14 11.29
CA LEU B 624 37.78 2.96 11.82
C LEU B 624 38.20 4.00 12.91
N LEU B 625 39.50 4.20 13.09
CA LEU B 625 39.97 5.15 14.09
C LEU B 625 39.52 6.54 13.68
N GLY B 626 38.80 7.20 14.60
CA GLY B 626 38.19 8.50 14.35
C GLY B 626 36.90 8.49 13.55
N ASN B 627 36.23 7.34 13.47
CA ASN B 627 34.91 7.27 12.79
C ASN B 627 33.97 6.25 13.47
N ASP B 628 32.67 6.39 13.18
CA ASP B 628 31.62 5.58 13.80
C ASP B 628 31.56 4.22 13.17
N ASN B 629 30.58 3.41 13.55
CA ASN B 629 30.57 2.02 13.14
C ASN B 629 29.59 1.75 12.01
N GLN B 630 29.02 2.82 11.45
CA GLN B 630 27.98 2.72 10.43
C GLN B 630 28.62 2.78 9.04
N TRP B 631 28.12 1.98 8.09
CA TRP B 631 28.79 1.82 6.76
C TRP B 631 28.43 2.82 5.66
N ARG B 632 27.17 3.23 5.58
CA ARG B 632 26.64 4.04 4.47
C ARG B 632 26.85 5.57 4.52
N ASN B 633 26.88 6.12 5.72
CA ASN B 633 26.97 7.56 5.91
C ASN B 633 28.38 8.15 5.65
N THR B 634 28.44 9.46 5.38
CA THR B 634 29.70 10.15 5.20
C THR B 634 30.63 9.97 6.39
N ALA B 635 31.92 10.20 6.16
CA ALA B 635 32.96 9.91 7.14
C ALA B 635 34.11 10.92 7.06
N SER B 636 35.02 10.83 8.04
CA SER B 636 36.17 11.71 8.16
C SER B 636 37.44 10.95 7.79
N GLN B 637 38.49 11.68 7.43
CA GLN B 637 39.80 11.01 7.19
C GLN B 637 40.12 10.22 8.44
N PRO B 638 40.26 8.88 8.35
CA PRO B 638 40.71 8.16 9.54
C PRO B 638 42.05 8.69 9.98
N SER B 639 42.44 8.39 11.21
CA SER B 639 43.74 8.84 11.71
C SER B 639 44.76 7.87 11.16
N PHE B 640 45.62 8.39 10.29
CA PHE B 640 46.57 7.53 9.60
C PHE B 640 47.67 7.20 10.59
N GLN B 641 48.21 6.00 10.44
CA GLN B 641 49.22 5.46 11.35
C GLN B 641 50.54 5.08 10.62
N THR B 642 51.64 5.09 11.37
CA THR B 642 52.99 4.75 10.89
C THR B 642 53.70 3.83 11.91
N ASN B 643 54.59 2.96 11.45
CA ASN B 643 55.36 2.07 12.35
C ASN B 643 54.49 1.60 13.50
N LEU B 644 53.37 1.01 13.12
CA LEU B 644 52.39 0.51 14.07
C LEU B 644 52.83 -0.86 14.55
N PRO B 645 53.21 -1.01 15.84
CA PRO B 645 53.50 -2.37 16.32
C PRO B 645 52.25 -3.24 16.41
N ALA B 646 52.38 -4.48 15.99
CA ALA B 646 51.26 -5.40 15.96
C ALA B 646 51.70 -6.81 16.32
N LYS B 647 50.76 -7.59 16.83
CA LYS B 647 51.03 -8.88 17.44
C LYS B 647 49.78 -9.75 17.27
N ILE B 648 49.92 -10.85 16.57
CA ILE B 648 48.79 -11.72 16.21
C ILE B 648 48.99 -13.12 16.78
N TYR B 649 47.92 -13.68 17.32
CA TYR B 649 47.94 -14.99 17.96
C TYR B 649 47.34 -16.01 17.01
N ILE B 650 47.63 -17.30 17.23
CA ILE B 650 47.28 -18.36 16.26
C ILE B 650 46.80 -19.69 16.94
N GLY B 651 47.48 -20.83 16.73
CA GLY B 651 47.00 -22.10 17.31
C GLY B 651 48.04 -23.04 17.91
N ALA B 652 47.85 -24.34 17.63
CA ALA B 652 48.80 -25.38 18.01
C ALA B 652 49.47 -25.86 16.73
N ASP B 653 48.79 -26.72 15.95
CA ASP B 653 49.34 -27.16 14.66
C ASP B 653 49.22 -26.04 13.59
N GLU B 654 49.99 -24.97 13.80
CA GLU B 654 50.00 -23.83 12.89
C GLU B 654 51.35 -23.13 12.97
N THR B 655 52.13 -23.16 11.89
CA THR B 655 53.31 -22.31 11.83
C THR B 655 53.36 -21.62 10.51
N ILE B 656 53.84 -20.38 10.55
CA ILE B 656 53.85 -19.52 9.38
C ILE B 656 55.30 -19.18 9.05
N SER B 657 55.66 -19.33 7.78
CA SER B 657 57.03 -19.13 7.29
C SER B 657 57.31 -17.74 6.74
N ASP B 658 56.26 -16.96 6.53
CA ASP B 658 56.33 -15.73 5.74
C ASP B 658 55.15 -14.80 6.07
N VAL B 659 55.42 -13.50 6.15
CA VAL B 659 54.38 -12.49 6.43
C VAL B 659 54.35 -11.37 5.36
N TYR B 660 53.14 -11.16 4.82
CA TYR B 660 52.86 -10.23 3.70
C TYR B 660 51.72 -9.26 4.00
N LEU B 661 51.92 -8.00 3.61
CA LEU B 661 50.90 -7.00 3.72
C LEU B 661 50.75 -6.33 2.36
N ALA B 662 49.54 -6.39 1.80
CA ALA B 662 49.19 -5.67 0.58
C ALA B 662 48.01 -4.74 0.84
N SER B 663 48.08 -3.51 0.33
CA SER B 663 47.02 -2.56 0.56
C SER B 663 46.80 -1.62 -0.62
N PRO B 664 45.54 -1.35 -0.98
CA PRO B 664 45.26 -0.40 -2.05
C PRO B 664 45.78 0.98 -1.78
N ASP B 665 45.99 1.32 -0.50
CA ASP B 665 46.40 2.66 -0.05
C ASP B 665 47.90 2.95 -0.25
N LEU B 666 48.66 1.89 -0.57
CA LEU B 666 50.12 1.88 -0.44
C LEU B 666 50.74 1.30 -1.70
N SER B 667 51.32 2.16 -2.53
CA SER B 667 52.03 1.74 -3.73
C SER B 667 51.15 0.88 -4.70
N GLY B 668 49.89 1.31 -4.90
CA GLY B 668 48.96 0.60 -5.81
C GLY B 668 48.53 -0.76 -5.32
N GLY B 669 48.95 -1.12 -4.12
CA GLY B 669 48.66 -2.47 -3.62
C GLY B 669 49.74 -3.51 -3.83
N GLU B 670 50.96 -3.04 -4.12
CA GLU B 670 52.10 -3.95 -4.34
C GLU B 670 52.32 -4.64 -3.02
N THR B 671 52.34 -5.98 -3.00
CA THR B 671 52.68 -6.69 -1.76
C THR B 671 54.09 -6.29 -1.25
N GLN B 672 54.25 -6.15 0.07
CA GLN B 672 55.59 -6.12 0.66
C GLN B 672 55.68 -7.20 1.74
N GLU B 673 56.82 -7.88 1.79
CA GLU B 673 57.10 -8.89 2.82
C GLU B 673 57.57 -8.16 4.08
N LEU B 674 57.31 -8.76 5.23
CA LEU B 674 57.65 -8.10 6.49
C LEU B 674 58.53 -8.96 7.41
N ALA B 675 59.56 -8.30 7.95
CA ALA B 675 60.41 -8.83 9.02
C ALA B 675 59.53 -9.09 10.22
N PHE B 676 59.63 -10.30 10.76
CA PHE B 676 58.78 -10.71 11.84
C PHE B 676 59.43 -11.66 12.83
N THR B 677 59.26 -11.32 14.11
CA THR B 677 59.54 -12.22 15.24
C THR B 677 58.48 -13.32 15.33
N SER B 678 58.85 -14.44 15.95
CA SER B 678 57.88 -15.41 16.42
C SER B 678 58.17 -15.70 17.88
N GLY B 679 57.17 -16.16 18.62
CA GLY B 679 57.35 -16.41 20.05
C GLY B 679 56.10 -16.87 20.77
N THR B 680 56.19 -16.93 22.10
CA THR B 680 55.10 -17.45 22.95
C THR B 680 54.84 -16.61 24.24
N ASP B 681 53.57 -16.37 24.53
CA ASP B 681 53.16 -15.47 25.60
C ASP B 681 52.03 -16.08 26.44
N ALA B 682 51.76 -15.46 27.60
CA ALA B 682 50.61 -15.79 28.46
C ALA B 682 49.39 -16.21 27.64
N GLY B 683 49.02 -15.35 26.68
CA GLY B 683 47.88 -15.59 25.81
C GLY B 683 48.07 -16.55 24.63
N GLY B 684 49.12 -17.36 24.62
CA GLY B 684 49.32 -18.35 23.57
C GLY B 684 50.38 -18.00 22.53
N LYS B 685 50.32 -18.68 21.38
CA LYS B 685 51.33 -18.57 20.34
C LYS B 685 51.13 -17.30 19.54
N TYR B 686 52.20 -16.54 19.35
CA TYR B 686 52.12 -15.28 18.60
C TYR B 686 53.14 -15.16 17.46
N VAL B 687 52.89 -14.19 16.57
CA VAL B 687 53.97 -13.63 15.72
C VAL B 687 53.96 -12.13 15.91
N SER B 688 55.06 -11.47 15.58
CA SER B 688 55.15 -10.02 15.79
C SER B 688 55.76 -9.25 14.63
N PHE B 689 55.27 -8.04 14.37
CA PHE B 689 55.85 -7.22 13.32
C PHE B 689 55.43 -5.79 13.46
N THR B 690 56.20 -4.89 12.88
CA THR B 690 55.81 -3.50 12.78
C THR B 690 55.01 -3.30 11.47
N VAL B 691 53.87 -2.61 11.54
CA VAL B 691 53.07 -2.37 10.36
C VAL B 691 53.40 -0.97 9.85
N PRO B 692 54.13 -0.87 8.73
CA PRO B 692 54.74 0.42 8.38
C PRO B 692 53.76 1.56 8.07
N GLU B 693 52.59 1.26 7.50
CA GLU B 693 51.50 2.24 7.38
C GLU B 693 50.13 1.57 7.38
N LEU B 694 49.17 2.17 8.09
CA LEU B 694 47.73 1.87 7.92
C LEU B 694 46.95 3.16 7.58
N LYS B 695 46.44 3.25 6.36
CA LYS B 695 45.64 4.40 6.02
C LYS B 695 44.14 4.10 6.15
N TYR B 696 43.63 3.19 5.33
CA TYR B 696 42.22 2.72 5.37
C TYR B 696 42.10 1.22 5.57
N TRP B 697 42.79 0.45 4.74
CA TRP B 697 42.69 -1.00 4.78
C TRP B 697 44.02 -1.59 4.40
N ASN B 698 44.42 -2.60 5.18
CA ASN B 698 45.66 -3.37 5.01
C ASN B 698 45.31 -4.84 5.03
N MET B 699 45.68 -5.58 3.98
CA MET B 699 45.53 -7.03 4.00
C MET B 699 46.88 -7.70 4.25
N ILE B 700 47.00 -8.24 5.46
CA ILE B 700 48.09 -9.11 5.83
C ILE B 700 47.68 -10.52 5.47
N TYR B 701 48.51 -11.18 4.66
CA TYR B 701 48.46 -12.64 4.47
C TYR B 701 49.81 -13.23 4.89
N MET B 702 49.73 -14.41 5.51
CA MET B 702 50.88 -15.08 6.09
C MET B 702 50.93 -16.54 5.64
N LEU B 703 52.02 -16.91 4.99
CA LEU B 703 52.12 -18.24 4.41
C LEU B 703 52.39 -19.26 5.50
N GLU B 704 51.55 -20.31 5.57
CA GLU B 704 51.67 -21.32 6.61
C GLU B 704 52.93 -22.18 6.42
#